data_1YM3
# 
_entry.id   1YM3 
# 
_audit_conform.dict_name       mmcif_pdbx.dic 
_audit_conform.dict_version    5.376 
_audit_conform.dict_location   http://mmcif.pdb.org/dictionaries/ascii/mmcif_pdbx.dic 
# 
loop_
_database_2.database_id 
_database_2.database_code 
_database_2.pdbx_database_accession 
_database_2.pdbx_DOI 
PDB   1YM3         pdb_00001ym3 10.2210/pdb1ym3/pdb 
RCSB  RCSB031674   ?            ?                   
WWPDB D_1000031674 ?            ?                   
# 
_pdbx_database_related.db_name        TargetDB 
_pdbx_database_related.db_id          Rv3588 
_pdbx_database_related.details        . 
_pdbx_database_related.content_type   unspecified 
# 
_pdbx_database_status.status_code                     REL 
_pdbx_database_status.entry_id                        1YM3 
_pdbx_database_status.recvd_initial_deposition_date   2005-01-20 
_pdbx_database_status.deposit_site                    RCSB 
_pdbx_database_status.process_site                    RCSB 
_pdbx_database_status.status_code_sf                  REL 
_pdbx_database_status.status_code_mr                  ? 
_pdbx_database_status.SG_entry                        Y 
_pdbx_database_status.pdb_format_compatible           Y 
_pdbx_database_status.status_code_cs                  ? 
_pdbx_database_status.methods_development_category    ? 
_pdbx_database_status.status_code_nmr_data            ? 
# 
loop_
_audit_author.name 
_audit_author.pdbx_ordinal 
'Covarrubias, A.S.'                       1  
'Larsson, A.M.'                           2  
'Hogbom, M.'                              3  
'Lindberg, J.'                            4  
'Bergfors, T.'                            5  
'Bjorkelid, C.'                           6  
'Mowbray, S.L.'                           7  
'Unge, T.'                                8  
'Jones, T.A.'                             9  
'Structural Proteomics in Europe (SPINE)' 10 
# 
_citation.id                        primary 
_citation.title                     'Structure and function of carbonic anhydrases from Mycobacterium tuberculosis.' 
_citation.journal_abbrev            J.Biol.Chem. 
_citation.journal_volume            280 
_citation.page_first                18782 
_citation.page_last                 18789 
_citation.year                      2005 
_citation.journal_id_ASTM           JBCHA3 
_citation.country                   US 
_citation.journal_id_ISSN           0021-9258 
_citation.journal_id_CSD            0071 
_citation.book_publisher            ? 
_citation.pdbx_database_id_PubMed   15753099 
_citation.pdbx_database_id_DOI      10.1074/jbc.M414348200 
# 
loop_
_citation_author.citation_id 
_citation_author.name 
_citation_author.ordinal 
_citation_author.identifier_ORCID 
primary 'Suarez Covarrubias, A.' 1 ? 
primary 'Larsson, A.M.'          2 ? 
primary 'Hogbom, M.'             3 ? 
primary 'Lindberg, J.'           4 ? 
primary 'Bergfors, T.'           5 ? 
primary 'Bjorkelid, C.'          6 ? 
primary 'Mowbray, S.L.'          7 ? 
primary 'Unge, T.'               8 ? 
primary 'Jones, T.A.'            9 ? 
# 
_cell.entry_id           1YM3 
_cell.length_a           56.377 
_cell.length_b           56.377 
_cell.length_c           104.192 
_cell.angle_alpha        90.00 
_cell.angle_beta         90.00 
_cell.angle_gamma        90.00 
_cell.Z_PDB              8 
_cell.pdbx_unique_axis   ? 
# 
_symmetry.entry_id                         1YM3 
_symmetry.space_group_name_H-M             'P 41 21 2' 
_symmetry.pdbx_full_space_group_name_H-M   ? 
_symmetry.cell_setting                     ? 
_symmetry.Int_Tables_number                92 
_symmetry.space_group_name_Hall            ? 
# 
loop_
_entity.id 
_entity.type 
_entity.src_method 
_entity.pdbx_description 
_entity.formula_weight 
_entity.pdbx_number_of_molecules 
_entity.pdbx_ec 
_entity.pdbx_mutation 
_entity.pdbx_fragment 
_entity.details 
1 polymer     man 'CARBONIC ANHYDRASE (CARBONATE DEHYDRATASE) (CARBONIC DEHYDRATASE)' 22773.734 1   4.2.1.1 ? ? ? 
2 non-polymer syn 'ZINC ION'                                                          65.409    1   ?       ? ? ? 
3 non-polymer syn 'MAGNESIUM ION'                                                     24.305    1   ?       ? ? ? 
4 water       nat water                                                               18.015    130 ?       ? ? ? 
# 
_entity_poly.entity_id                      1 
_entity_poly.type                           'polypeptide(L)' 
_entity_poly.nstd_linkage                   no 
_entity_poly.nstd_monomer                   no 
_entity_poly.pdbx_seq_one_letter_code       
;MAHHHHHHGPNTNPVAAWKALKEGNERFVAGRPQHPSQSVDHRAGLAAGQKPTAVIFGCADSRVAAEIIFDQGLGDMFVV
RTAGHVIDSAVLGSIEYAVTVLNVPLIVVLGHDSCGAVNAALAAINDGTLPGGYVRDVVERVAPSVLLGRRDGLSRVDEF
EQRHVHETVAILMARSSAISERIAGGSLAIVGVTYQLDDGRAVLRDHIGNIGEEV
;
_entity_poly.pdbx_seq_one_letter_code_can   
;MAHHHHHHGPNTNPVAAWKALKEGNERFVAGRPQHPSQSVDHRAGLAAGQKPTAVIFGCADSRVAAEIIFDQGLGDMFVV
RTAGHVIDSAVLGSIEYAVTVLNVPLIVVLGHDSCGAVNAALAAINDGTLPGGYVRDVVERVAPSVLLGRRDGLSRVDEF
EQRHVHETVAILMARSSAISERIAGGSLAIVGVTYQLDDGRAVLRDHIGNIGEEV
;
_entity_poly.pdbx_strand_id                 A 
_entity_poly.pdbx_target_identifier         Rv3588 
# 
loop_
_entity_poly_seq.entity_id 
_entity_poly_seq.num 
_entity_poly_seq.mon_id 
_entity_poly_seq.hetero 
1 1   MET n 
1 2   ALA n 
1 3   HIS n 
1 4   HIS n 
1 5   HIS n 
1 6   HIS n 
1 7   HIS n 
1 8   HIS n 
1 9   GLY n 
1 10  PRO n 
1 11  ASN n 
1 12  THR n 
1 13  ASN n 
1 14  PRO n 
1 15  VAL n 
1 16  ALA n 
1 17  ALA n 
1 18  TRP n 
1 19  LYS n 
1 20  ALA n 
1 21  LEU n 
1 22  LYS n 
1 23  GLU n 
1 24  GLY n 
1 25  ASN n 
1 26  GLU n 
1 27  ARG n 
1 28  PHE n 
1 29  VAL n 
1 30  ALA n 
1 31  GLY n 
1 32  ARG n 
1 33  PRO n 
1 34  GLN n 
1 35  HIS n 
1 36  PRO n 
1 37  SER n 
1 38  GLN n 
1 39  SER n 
1 40  VAL n 
1 41  ASP n 
1 42  HIS n 
1 43  ARG n 
1 44  ALA n 
1 45  GLY n 
1 46  LEU n 
1 47  ALA n 
1 48  ALA n 
1 49  GLY n 
1 50  GLN n 
1 51  LYS n 
1 52  PRO n 
1 53  THR n 
1 54  ALA n 
1 55  VAL n 
1 56  ILE n 
1 57  PHE n 
1 58  GLY n 
1 59  CYS n 
1 60  ALA n 
1 61  ASP n 
1 62  SER n 
1 63  ARG n 
1 64  VAL n 
1 65  ALA n 
1 66  ALA n 
1 67  GLU n 
1 68  ILE n 
1 69  ILE n 
1 70  PHE n 
1 71  ASP n 
1 72  GLN n 
1 73  GLY n 
1 74  LEU n 
1 75  GLY n 
1 76  ASP n 
1 77  MET n 
1 78  PHE n 
1 79  VAL n 
1 80  VAL n 
1 81  ARG n 
1 82  THR n 
1 83  ALA n 
1 84  GLY n 
1 85  HIS n 
1 86  VAL n 
1 87  ILE n 
1 88  ASP n 
1 89  SER n 
1 90  ALA n 
1 91  VAL n 
1 92  LEU n 
1 93  GLY n 
1 94  SER n 
1 95  ILE n 
1 96  GLU n 
1 97  TYR n 
1 98  ALA n 
1 99  VAL n 
1 100 THR n 
1 101 VAL n 
1 102 LEU n 
1 103 ASN n 
1 104 VAL n 
1 105 PRO n 
1 106 LEU n 
1 107 ILE n 
1 108 VAL n 
1 109 VAL n 
1 110 LEU n 
1 111 GLY n 
1 112 HIS n 
1 113 ASP n 
1 114 SER n 
1 115 CYS n 
1 116 GLY n 
1 117 ALA n 
1 118 VAL n 
1 119 ASN n 
1 120 ALA n 
1 121 ALA n 
1 122 LEU n 
1 123 ALA n 
1 124 ALA n 
1 125 ILE n 
1 126 ASN n 
1 127 ASP n 
1 128 GLY n 
1 129 THR n 
1 130 LEU n 
1 131 PRO n 
1 132 GLY n 
1 133 GLY n 
1 134 TYR n 
1 135 VAL n 
1 136 ARG n 
1 137 ASP n 
1 138 VAL n 
1 139 VAL n 
1 140 GLU n 
1 141 ARG n 
1 142 VAL n 
1 143 ALA n 
1 144 PRO n 
1 145 SER n 
1 146 VAL n 
1 147 LEU n 
1 148 LEU n 
1 149 GLY n 
1 150 ARG n 
1 151 ARG n 
1 152 ASP n 
1 153 GLY n 
1 154 LEU n 
1 155 SER n 
1 156 ARG n 
1 157 VAL n 
1 158 ASP n 
1 159 GLU n 
1 160 PHE n 
1 161 GLU n 
1 162 GLN n 
1 163 ARG n 
1 164 HIS n 
1 165 VAL n 
1 166 HIS n 
1 167 GLU n 
1 168 THR n 
1 169 VAL n 
1 170 ALA n 
1 171 ILE n 
1 172 LEU n 
1 173 MET n 
1 174 ALA n 
1 175 ARG n 
1 176 SER n 
1 177 SER n 
1 178 ALA n 
1 179 ILE n 
1 180 SER n 
1 181 GLU n 
1 182 ARG n 
1 183 ILE n 
1 184 ALA n 
1 185 GLY n 
1 186 GLY n 
1 187 SER n 
1 188 LEU n 
1 189 ALA n 
1 190 ILE n 
1 191 VAL n 
1 192 GLY n 
1 193 VAL n 
1 194 THR n 
1 195 TYR n 
1 196 GLN n 
1 197 LEU n 
1 198 ASP n 
1 199 ASP n 
1 200 GLY n 
1 201 ARG n 
1 202 ALA n 
1 203 VAL n 
1 204 LEU n 
1 205 ARG n 
1 206 ASP n 
1 207 HIS n 
1 208 ILE n 
1 209 GLY n 
1 210 ASN n 
1 211 ILE n 
1 212 GLY n 
1 213 GLU n 
1 214 GLU n 
1 215 VAL n 
# 
_entity_src_gen.entity_id                          1 
_entity_src_gen.pdbx_src_id                        1 
_entity_src_gen.pdbx_alt_source_flag               sample 
_entity_src_gen.pdbx_seq_type                      ? 
_entity_src_gen.pdbx_beg_seq_num                   ? 
_entity_src_gen.pdbx_end_seq_num                   ? 
_entity_src_gen.gene_src_common_name               ? 
_entity_src_gen.gene_src_genus                     Mycobacterium 
_entity_src_gen.pdbx_gene_src_gene                 Rv3588c 
_entity_src_gen.gene_src_species                   'Mycobacterium tuberculosis' 
_entity_src_gen.gene_src_strain                    H37Rv 
_entity_src_gen.gene_src_tissue                    ? 
_entity_src_gen.gene_src_tissue_fraction           ? 
_entity_src_gen.gene_src_details                   ? 
_entity_src_gen.pdbx_gene_src_fragment             ? 
_entity_src_gen.pdbx_gene_src_scientific_name      'Mycobacterium tuberculosis' 
_entity_src_gen.pdbx_gene_src_ncbi_taxonomy_id     83332 
_entity_src_gen.pdbx_gene_src_variant              ? 
_entity_src_gen.pdbx_gene_src_cell_line            ? 
_entity_src_gen.pdbx_gene_src_atcc                 ? 
_entity_src_gen.pdbx_gene_src_organ                ? 
_entity_src_gen.pdbx_gene_src_organelle            ? 
_entity_src_gen.pdbx_gene_src_cell                 ? 
_entity_src_gen.pdbx_gene_src_cellular_location    ? 
_entity_src_gen.host_org_common_name               ? 
_entity_src_gen.pdbx_host_org_scientific_name      'Escherichia coli' 
_entity_src_gen.pdbx_host_org_ncbi_taxonomy_id     562 
_entity_src_gen.host_org_genus                     Escherichia 
_entity_src_gen.pdbx_host_org_gene                 ? 
_entity_src_gen.pdbx_host_org_organ                ? 
_entity_src_gen.host_org_species                   ? 
_entity_src_gen.pdbx_host_org_tissue               ? 
_entity_src_gen.pdbx_host_org_tissue_fraction      ? 
_entity_src_gen.pdbx_host_org_strain               BL21-AI 
_entity_src_gen.pdbx_host_org_variant              ? 
_entity_src_gen.pdbx_host_org_cell_line            ? 
_entity_src_gen.pdbx_host_org_atcc                 ? 
_entity_src_gen.pdbx_host_org_culture_collection   ? 
_entity_src_gen.pdbx_host_org_cell                 ? 
_entity_src_gen.pdbx_host_org_organelle            ? 
_entity_src_gen.pdbx_host_org_cellular_location    ? 
_entity_src_gen.pdbx_host_org_vector_type          PLASMID 
_entity_src_gen.pdbx_host_org_vector               ? 
_entity_src_gen.host_org_details                   ? 
_entity_src_gen.expression_system_id               ? 
_entity_src_gen.plasmid_name                       pCRT7 
_entity_src_gen.plasmid_details                    ? 
_entity_src_gen.pdbx_description                   ? 
# 
_struct_ref.id                         1 
_struct_ref.db_name                    UNP 
_struct_ref.db_code                    O53573_MYCTU 
_struct_ref.pdbx_db_accession          O53573 
_struct_ref.entity_id                  1 
_struct_ref.pdbx_seq_one_letter_code   
;PNTNPVAAWKALKEGNERFVAGRPQHPSQSVDHRAGLAAGQKPTAVIFGCADSRVAAEIIFDQGLGDMFVVRTAGHVIDS
AVLGSIEYAVTVLNVPLIVVLGHDSCGAVNAALAAINDGTLPGGYVRDVVERVAPSVLLGRRDGLSRVDEFEQRHVHETV
AILMARSSAISERIAGGSLAIVGVTYQLDDGRAVLRDHIGNIGEEV
;
_struct_ref.pdbx_align_begin           2 
_struct_ref.pdbx_db_isoform            ? 
# 
_struct_ref_seq.align_id                      1 
_struct_ref_seq.ref_id                        1 
_struct_ref_seq.pdbx_PDB_id_code              1YM3 
_struct_ref_seq.pdbx_strand_id                A 
_struct_ref_seq.seq_align_beg                 10 
_struct_ref_seq.pdbx_seq_align_beg_ins_code   ? 
_struct_ref_seq.seq_align_end                 215 
_struct_ref_seq.pdbx_seq_align_end_ins_code   ? 
_struct_ref_seq.pdbx_db_accession             O53573 
_struct_ref_seq.db_align_beg                  2 
_struct_ref_seq.pdbx_db_align_beg_ins_code    ? 
_struct_ref_seq.db_align_end                  207 
_struct_ref_seq.pdbx_db_align_end_ins_code    ? 
_struct_ref_seq.pdbx_auth_seq_align_beg       2 
_struct_ref_seq.pdbx_auth_seq_align_end       207 
# 
loop_
_struct_ref_seq_dif.align_id 
_struct_ref_seq_dif.pdbx_pdb_id_code 
_struct_ref_seq_dif.mon_id 
_struct_ref_seq_dif.pdbx_pdb_strand_id 
_struct_ref_seq_dif.seq_num 
_struct_ref_seq_dif.pdbx_pdb_ins_code 
_struct_ref_seq_dif.pdbx_seq_db_name 
_struct_ref_seq_dif.pdbx_seq_db_accession_code 
_struct_ref_seq_dif.db_mon_id 
_struct_ref_seq_dif.pdbx_seq_db_seq_num 
_struct_ref_seq_dif.details 
_struct_ref_seq_dif.pdbx_auth_seq_num 
_struct_ref_seq_dif.pdbx_ordinal 
1 1YM3 MET A 1 ? UNP O53573 ? ? 'cloning artifact' -7 1 
1 1YM3 ALA A 2 ? UNP O53573 ? ? 'cloning artifact' -6 2 
1 1YM3 HIS A 3 ? UNP O53573 ? ? 'cloning artifact' -5 3 
1 1YM3 HIS A 4 ? UNP O53573 ? ? 'cloning artifact' -4 4 
1 1YM3 HIS A 5 ? UNP O53573 ? ? 'cloning artifact' -3 5 
1 1YM3 HIS A 6 ? UNP O53573 ? ? 'cloning artifact' -2 6 
1 1YM3 HIS A 7 ? UNP O53573 ? ? 'cloning artifact' -1 7 
1 1YM3 HIS A 8 ? UNP O53573 ? ? 'cloning artifact' 0  8 
1 1YM3 GLY A 9 ? UNP O53573 ? ? 'cloning artifact' 1  9 
# 
loop_
_chem_comp.id 
_chem_comp.type 
_chem_comp.mon_nstd_flag 
_chem_comp.name 
_chem_comp.pdbx_synonyms 
_chem_comp.formula 
_chem_comp.formula_weight 
ALA 'L-peptide linking' y ALANINE         ? 'C3 H7 N O2'     89.093  
ARG 'L-peptide linking' y ARGININE        ? 'C6 H15 N4 O2 1' 175.209 
ASN 'L-peptide linking' y ASPARAGINE      ? 'C4 H8 N2 O3'    132.118 
ASP 'L-peptide linking' y 'ASPARTIC ACID' ? 'C4 H7 N O4'     133.103 
CYS 'L-peptide linking' y CYSTEINE        ? 'C3 H7 N O2 S'   121.158 
GLN 'L-peptide linking' y GLUTAMINE       ? 'C5 H10 N2 O3'   146.144 
GLU 'L-peptide linking' y 'GLUTAMIC ACID' ? 'C5 H9 N O4'     147.129 
GLY 'peptide linking'   y GLYCINE         ? 'C2 H5 N O2'     75.067  
HIS 'L-peptide linking' y HISTIDINE       ? 'C6 H10 N3 O2 1' 156.162 
HOH non-polymer         . WATER           ? 'H2 O'           18.015  
ILE 'L-peptide linking' y ISOLEUCINE      ? 'C6 H13 N O2'    131.173 
LEU 'L-peptide linking' y LEUCINE         ? 'C6 H13 N O2'    131.173 
LYS 'L-peptide linking' y LYSINE          ? 'C6 H15 N2 O2 1' 147.195 
MET 'L-peptide linking' y METHIONINE      ? 'C5 H11 N O2 S'  149.211 
MG  non-polymer         . 'MAGNESIUM ION' ? 'Mg 2'           24.305  
PHE 'L-peptide linking' y PHENYLALANINE   ? 'C9 H11 N O2'    165.189 
PRO 'L-peptide linking' y PROLINE         ? 'C5 H9 N O2'     115.130 
SER 'L-peptide linking' y SERINE          ? 'C3 H7 N O3'     105.093 
THR 'L-peptide linking' y THREONINE       ? 'C4 H9 N O3'     119.119 
TRP 'L-peptide linking' y TRYPTOPHAN      ? 'C11 H12 N2 O2'  204.225 
TYR 'L-peptide linking' y TYROSINE        ? 'C9 H11 N O3'    181.189 
VAL 'L-peptide linking' y VALINE          ? 'C5 H11 N O2'    117.146 
ZN  non-polymer         . 'ZINC ION'      ? 'Zn 2'           65.409  
# 
_exptl.entry_id          1YM3 
_exptl.method            'X-RAY DIFFRACTION' 
_exptl.crystals_number   1 
# 
_exptl_crystal.id                    1 
_exptl_crystal.density_meas          ? 
_exptl_crystal.density_Matthews      1.9 
_exptl_crystal.density_percent_sol   34.7 
_exptl_crystal.description           ? 
_exptl_crystal.F_000                 ? 
_exptl_crystal.preparation           ? 
# 
_exptl_crystal_grow.crystal_id      1 
_exptl_crystal_grow.method          'VAPOR DIFFUSION, SITTING DROP' 
_exptl_crystal_grow.temp            293.0 
_exptl_crystal_grow.temp_details    ? 
_exptl_crystal_grow.pH              7.0 
_exptl_crystal_grow.pdbx_details    'MgCl2, PEG 400, HEPES, pH 7.0, VAPOR DIFFUSION, SITTING DROP, temperature 293.0K' 
_exptl_crystal_grow.pdbx_pH_range   . 
# 
_diffrn.id                     1 
_diffrn.ambient_temp           100 
_diffrn.ambient_temp_details   ? 
_diffrn.crystal_id             1 
# 
_diffrn_detector.diffrn_id              1 
_diffrn_detector.detector               'IMAGE PLATE' 
_diffrn_detector.type                   MARRESEARCH 
_diffrn_detector.pdbx_collection_date   2004-05-02 
_diffrn_detector.details                'Vertically focusing cylindrical mirror' 
# 
_diffrn_radiation.diffrn_id                        1 
_diffrn_radiation.wavelength_id                    1 
_diffrn_radiation.pdbx_monochromatic_or_laue_m_l   M 
_diffrn_radiation.monochromator                    
'Single asymmetrically cut Si(111) crystal with horizontal diffraction plane. The crystal is bendable for horizontal focusing.' 
_diffrn_radiation.pdbx_diffrn_protocol             'SINGLE WAVELENGTH' 
_diffrn_radiation.pdbx_scattering_type             x-ray 
# 
_diffrn_radiation_wavelength.id           1 
_diffrn_radiation_wavelength.wavelength   1.085 
_diffrn_radiation_wavelength.wt           1.0 
# 
_diffrn_source.diffrn_id                   1 
_diffrn_source.source                      SYNCHROTRON 
_diffrn_source.type                        'MAX II BEAMLINE I711' 
_diffrn_source.pdbx_synchrotron_site       'MAX II' 
_diffrn_source.pdbx_synchrotron_beamline   I711 
_diffrn_source.pdbx_wavelength             ? 
_diffrn_source.pdbx_wavelength_list        1.085 
# 
_reflns.entry_id                     1YM3 
_reflns.observed_criterion_sigma_F   0 
_reflns.observed_criterion_sigma_I   0 
_reflns.d_resolution_high            1.75 
_reflns.d_resolution_low             26.2 
_reflns.number_all                   13934 
_reflns.number_obs                   13934 
_reflns.percent_possible_obs         83.3 
_reflns.pdbx_Rmerge_I_obs            ? 
_reflns.pdbx_Rsym_value              0.044 
_reflns.pdbx_netI_over_sigmaI        23.35 
_reflns.B_iso_Wilson_estimate        ? 
_reflns.pdbx_redundancy              4.7 
_reflns.R_free_details               ? 
_reflns.limit_h_max                  ? 
_reflns.limit_h_min                  ? 
_reflns.limit_k_max                  ? 
_reflns.limit_k_min                  ? 
_reflns.limit_l_max                  ? 
_reflns.limit_l_min                  ? 
_reflns.observed_criterion_F_max     ? 
_reflns.observed_criterion_F_min     ? 
_reflns.pdbx_chi_squared             ? 
_reflns.pdbx_scaling_rejects         ? 
_reflns.pdbx_ordinal                 1 
_reflns.pdbx_diffrn_id               1 
# 
_reflns_shell.d_res_high             1.75 
_reflns_shell.d_res_low              1.81 
_reflns_shell.percent_possible_all   80.1 
_reflns_shell.Rmerge_I_obs           ? 
_reflns_shell.pdbx_Rsym_value        0.298 
_reflns_shell.meanI_over_sigI_obs    5.0 
_reflns_shell.pdbx_redundancy        4.4 
_reflns_shell.percent_possible_obs   ? 
_reflns_shell.number_unique_all      ? 
_reflns_shell.number_measured_all    ? 
_reflns_shell.number_measured_obs    ? 
_reflns_shell.number_unique_obs      ? 
_reflns_shell.pdbx_chi_squared       ? 
_reflns_shell.pdbx_ordinal           1 
_reflns_shell.pdbx_diffrn_id         1 
# 
_refine.entry_id                                 1YM3 
_refine.ls_number_reflns_obs                     13934 
_refine.ls_number_reflns_all                     13934 
_refine.pdbx_ls_sigma_I                          ? 
_refine.pdbx_ls_sigma_F                          0 
_refine.pdbx_data_cutoff_high_absF               ? 
_refine.pdbx_data_cutoff_low_absF                ? 
_refine.pdbx_data_cutoff_high_rms_absF           ? 
_refine.ls_d_res_low                             26.2 
_refine.ls_d_res_high                            1.75 
_refine.ls_percent_reflns_obs                    82.92 
_refine.ls_R_factor_obs                          0.18134 
_refine.ls_R_factor_all                          0.18134 
_refine.ls_R_factor_R_work                       0.17876 
_refine.ls_R_factor_R_free                       0.22946 
_refine.ls_R_factor_R_free_error                 ? 
_refine.ls_R_factor_R_free_error_details         ? 
_refine.ls_percent_reflns_R_free                 5.0 
_refine.ls_number_reflns_R_free                  734 
_refine.ls_number_parameters                     ? 
_refine.ls_number_restraints                     ? 
_refine.occupancy_min                            ? 
_refine.occupancy_max                            ? 
_refine.correlation_coeff_Fo_to_Fc               0.963 
_refine.correlation_coeff_Fo_to_Fc_free          0.943 
_refine.B_iso_mean                               23.207 
_refine.aniso_B[1][1]                            0.36 
_refine.aniso_B[2][2]                            0.36 
_refine.aniso_B[3][3]                            -0.71 
_refine.aniso_B[1][2]                            0.00 
_refine.aniso_B[1][3]                            0.00 
_refine.aniso_B[2][3]                            0.00 
_refine.solvent_model_details                    'BABINET MODEL WITH MASK' 
_refine.solvent_model_param_ksol                 ? 
_refine.solvent_model_param_bsol                 ? 
_refine.pdbx_solvent_vdw_probe_radii             1.40 
_refine.pdbx_solvent_ion_probe_radii             0.80 
_refine.pdbx_solvent_shrinkage_radii             0.80 
_refine.pdbx_ls_cross_valid_method               THROUGHOUT 
_refine.details                                  'HYDROGENS HAVE BEEN ADDED IN THE RIDING POSITIONS' 
_refine.pdbx_starting_model                      'PDB entry 1I6O and 1DDZ' 
_refine.pdbx_method_to_determine_struct          'MOLECULAR REPLACEMENT' 
_refine.pdbx_isotropic_thermal_model             ? 
_refine.pdbx_stereochemistry_target_values       'MAXIMUM LIKELIHOOD' 
_refine.pdbx_stereochem_target_val_spec_case     ? 
_refine.pdbx_R_Free_selection_details            RANDOM 
_refine.pdbx_overall_ESU_R                       0.154 
_refine.pdbx_overall_ESU_R_Free                  0.146 
_refine.overall_SU_ML                            0.085 
_refine.overall_SU_B                             2.595 
_refine.ls_redundancy_reflns_obs                 ? 
_refine.B_iso_min                                ? 
_refine.B_iso_max                                ? 
_refine.overall_SU_R_Cruickshank_DPI             ? 
_refine.overall_SU_R_free                        ? 
_refine.ls_wR_factor_R_free                      ? 
_refine.ls_wR_factor_R_work                      ? 
_refine.overall_FOM_free_R_set                   ? 
_refine.overall_FOM_work_R_set                   ? 
_refine.pdbx_refine_id                           'X-RAY DIFFRACTION' 
_refine.pdbx_TLS_residual_ADP_flag               'LIKELY RESIDUAL' 
_refine.pdbx_diffrn_id                           1 
_refine.pdbx_overall_phase_error                 ? 
_refine.pdbx_overall_SU_R_free_Cruickshank_DPI   ? 
_refine.pdbx_overall_SU_R_Blow_DPI               ? 
_refine.pdbx_overall_SU_R_free_Blow_DPI          ? 
# 
_refine_hist.pdbx_refine_id                   'X-RAY DIFFRACTION' 
_refine_hist.cycle_id                         LAST 
_refine_hist.pdbx_number_atoms_protein        1435 
_refine_hist.pdbx_number_atoms_nucleic_acid   0 
_refine_hist.pdbx_number_atoms_ligand         2 
_refine_hist.number_atoms_solvent             130 
_refine_hist.number_atoms_total               1567 
_refine_hist.d_res_high                       1.75 
_refine_hist.d_res_low                        26.2 
# 
loop_
_refine_ls_restr.type 
_refine_ls_restr.dev_ideal 
_refine_ls_restr.dev_ideal_target 
_refine_ls_restr.weight 
_refine_ls_restr.number 
_refine_ls_restr.pdbx_refine_id 
_refine_ls_restr.pdbx_restraint_function 
r_bond_refined_d             0.016 0.021 ? 1468 'X-RAY DIFFRACTION' ? 
r_bond_other_d               0.002 0.020 ? 1385 'X-RAY DIFFRACTION' ? 
r_angle_refined_deg          1.484 1.946 ? 1994 'X-RAY DIFFRACTION' ? 
r_angle_other_deg            0.874 3.000 ? 3186 'X-RAY DIFFRACTION' ? 
r_dihedral_angle_1_deg       5.556 5.000 ? 193  'X-RAY DIFFRACTION' ? 
r_dihedral_angle_2_deg       ?     ?     ? ?    'X-RAY DIFFRACTION' ? 
r_dihedral_angle_3_deg       ?     ?     ? ?    'X-RAY DIFFRACTION' ? 
r_dihedral_angle_4_deg       ?     ?     ? ?    'X-RAY DIFFRACTION' ? 
r_chiral_restr               0.090 0.200 ? 234  'X-RAY DIFFRACTION' ? 
r_gen_planes_refined         0.008 0.020 ? 1678 'X-RAY DIFFRACTION' ? 
r_gen_planes_other           0.009 0.020 ? 300  'X-RAY DIFFRACTION' ? 
r_nbd_refined                0.208 0.200 ? 288  'X-RAY DIFFRACTION' ? 
r_nbd_other                  0.229 0.200 ? 1551 'X-RAY DIFFRACTION' ? 
r_nbtor_refined              ?     ?     ? ?    'X-RAY DIFFRACTION' ? 
r_nbtor_other                0.080 0.200 ? 828  'X-RAY DIFFRACTION' ? 
r_xyhbond_nbd_refined        0.184 0.200 ? 69   'X-RAY DIFFRACTION' ? 
r_xyhbond_nbd_other          ?     ?     ? ?    'X-RAY DIFFRACTION' ? 
r_metal_ion_refined          0.007 0.200 ? 1    'X-RAY DIFFRACTION' ? 
r_metal_ion_other            ?     ?     ? ?    'X-RAY DIFFRACTION' ? 
r_symmetry_vdw_refined       0.619 0.200 ? 20   'X-RAY DIFFRACTION' ? 
r_symmetry_vdw_other         0.322 0.200 ? 66   'X-RAY DIFFRACTION' ? 
r_symmetry_hbond_refined     0.176 0.200 ? 18   'X-RAY DIFFRACTION' ? 
r_symmetry_hbond_other       ?     ?     ? ?    'X-RAY DIFFRACTION' ? 
r_symmetry_metal_ion_refined ?     ?     ? ?    'X-RAY DIFFRACTION' ? 
r_symmetry_metal_ion_other   ?     ?     ? ?    'X-RAY DIFFRACTION' ? 
r_mcbond_it                  0.980 1.500 ? 956  'X-RAY DIFFRACTION' ? 
r_mcbond_other               ?     ?     ? ?    'X-RAY DIFFRACTION' ? 
r_mcangle_it                 1.753 2.000 ? 1532 'X-RAY DIFFRACTION' ? 
r_scbond_it                  2.682 3.000 ? 512  'X-RAY DIFFRACTION' ? 
r_scangle_it                 4.272 4.500 ? 462  'X-RAY DIFFRACTION' ? 
r_rigid_bond_restr           ?     ?     ? ?    'X-RAY DIFFRACTION' ? 
r_sphericity_free            ?     ?     ? ?    'X-RAY DIFFRACTION' ? 
r_sphericity_bonded          ?     ?     ? ?    'X-RAY DIFFRACTION' ? 
# 
_refine_ls_shell.pdbx_total_number_of_bins_used   20 
_refine_ls_shell.d_res_high                       1.748 
_refine_ls_shell.d_res_low                        1.794 
_refine_ls_shell.number_reflns_R_work             956 
_refine_ls_shell.R_factor_R_work                  0.186 
_refine_ls_shell.percent_reflns_obs               ? 
_refine_ls_shell.R_factor_R_free                  0.238 
_refine_ls_shell.R_factor_R_free_error            ? 
_refine_ls_shell.percent_reflns_R_free            ? 
_refine_ls_shell.number_reflns_R_free             59 
_refine_ls_shell.number_reflns_obs                ? 
_refine_ls_shell.redundancy_reflns_obs            ? 
_refine_ls_shell.number_reflns_all                ? 
_refine_ls_shell.pdbx_refine_id                   'X-RAY DIFFRACTION' 
_refine_ls_shell.R_factor_all                     ? 
# 
_struct.entry_id                  1YM3 
_struct.title                     'Crystal Structure of carbonic anhydrase RV3588c from Mycobacterium tuberculosis' 
_struct.pdbx_model_details        ? 
_struct.pdbx_CASP_flag            ? 
_struct.pdbx_model_type_details   ? 
# 
_struct_keywords.entry_id        1YM3 
_struct_keywords.pdbx_keywords   LYASE 
_struct_keywords.text            'Zn protein, Structural Proteomics in Europe, SPINE, Structural Genomics, LYASE' 
# 
loop_
_struct_asym.id 
_struct_asym.pdbx_blank_PDB_chainid_flag 
_struct_asym.pdbx_modified 
_struct_asym.entity_id 
_struct_asym.details 
A N N 1 ? 
B N N 2 ? 
C N N 3 ? 
D N N 4 ? 
# 
_struct_biol.id                    1 
_struct_biol.details               
;The second part of the biological assembly is generated 
by the two fold axis: -Y, -X, 1/2-Z
;
_struct_biol.pdbx_parent_biol_id   ? 
# 
loop_
_struct_conf.conf_type_id 
_struct_conf.id 
_struct_conf.pdbx_PDB_helix_id 
_struct_conf.beg_label_comp_id 
_struct_conf.beg_label_asym_id 
_struct_conf.beg_label_seq_id 
_struct_conf.pdbx_beg_PDB_ins_code 
_struct_conf.end_label_comp_id 
_struct_conf.end_label_asym_id 
_struct_conf.end_label_seq_id 
_struct_conf.pdbx_end_PDB_ins_code 
_struct_conf.beg_auth_comp_id 
_struct_conf.beg_auth_asym_id 
_struct_conf.beg_auth_seq_id 
_struct_conf.end_auth_comp_id 
_struct_conf.end_auth_asym_id 
_struct_conf.end_auth_seq_id 
_struct_conf.pdbx_PDB_helix_class 
_struct_conf.details 
_struct_conf.pdbx_PDB_helix_length 
HELX_P HELX_P1 1 ASN A 13  ? GLY A 31  ? ASN A 5   GLY A 23  1 ? 19 
HELX_P HELX_P2 2 HIS A 35  ? SER A 39  ? HIS A 27  SER A 31  5 ? 5  
HELX_P HELX_P3 3 ALA A 65  ? PHE A 70  ? ALA A 57  PHE A 62  1 ? 6  
HELX_P HELX_P4 4 ALA A 83  ? VAL A 86  ? ALA A 75  VAL A 78  5 ? 4  
HELX_P HELX_P5 5 ASP A 88  ? VAL A 101 ? ASP A 80  VAL A 93  1 ? 14 
HELX_P HELX_P6 6 CYS A 115 ? GLY A 128 ? CYS A 107 GLY A 120 1 ? 14 
HELX_P HELX_P7 7 TYR A 134 ? ASP A 152 ? TYR A 126 ASP A 144 1 ? 19 
HELX_P HELX_P8 8 ARG A 156 ? SER A 176 ? ARG A 148 SER A 168 1 ? 21 
HELX_P HELX_P9 9 SER A 176 ? GLY A 185 ? SER A 168 GLY A 177 1 ? 10 
# 
_struct_conf_type.id          HELX_P 
_struct_conf_type.criteria    ? 
_struct_conf_type.reference   ? 
# 
loop_
_struct_conn.id 
_struct_conn.conn_type_id 
_struct_conn.pdbx_leaving_atom_flag 
_struct_conn.pdbx_PDB_id 
_struct_conn.ptnr1_label_asym_id 
_struct_conn.ptnr1_label_comp_id 
_struct_conn.ptnr1_label_seq_id 
_struct_conn.ptnr1_label_atom_id 
_struct_conn.pdbx_ptnr1_label_alt_id 
_struct_conn.pdbx_ptnr1_PDB_ins_code 
_struct_conn.pdbx_ptnr1_standard_comp_id 
_struct_conn.ptnr1_symmetry 
_struct_conn.ptnr2_label_asym_id 
_struct_conn.ptnr2_label_comp_id 
_struct_conn.ptnr2_label_seq_id 
_struct_conn.ptnr2_label_atom_id 
_struct_conn.pdbx_ptnr2_label_alt_id 
_struct_conn.pdbx_ptnr2_PDB_ins_code 
_struct_conn.ptnr1_auth_asym_id 
_struct_conn.ptnr1_auth_comp_id 
_struct_conn.ptnr1_auth_seq_id 
_struct_conn.ptnr2_auth_asym_id 
_struct_conn.ptnr2_auth_comp_id 
_struct_conn.ptnr2_auth_seq_id 
_struct_conn.ptnr2_symmetry 
_struct_conn.pdbx_ptnr3_label_atom_id 
_struct_conn.pdbx_ptnr3_label_seq_id 
_struct_conn.pdbx_ptnr3_label_comp_id 
_struct_conn.pdbx_ptnr3_label_asym_id 
_struct_conn.pdbx_ptnr3_label_alt_id 
_struct_conn.pdbx_ptnr3_PDB_ins_code 
_struct_conn.details 
_struct_conn.pdbx_dist_value 
_struct_conn.pdbx_value_order 
_struct_conn.pdbx_role 
metalc1  metalc ? ? A CYS 59  SG  ? ? ? 1_555 B ZN  . ZN ? ? A CYS 51  A ZN  301 1_555 ? ? ? ? ? ? ? 2.370 ? ? 
metalc2  metalc ? ? A ASP 61  OD1 ? ? ? 1_555 B ZN  . ZN ? ? A ASP 53  A ZN  301 1_555 ? ? ? ? ? ? ? 2.098 ? ? 
metalc3  metalc ? ? A HIS 112 NE2 ? ? ? 1_555 B ZN  . ZN ? ? A HIS 104 A ZN  301 1_555 ? ? ? ? ? ? ? 2.052 ? ? 
metalc4  metalc ? ? A CYS 115 SG  ? ? ? 1_555 B ZN  . ZN ? ? A CYS 107 A ZN  301 1_555 ? ? ? ? ? ? ? 2.300 ? ? 
metalc5  metalc ? ? A HIS 207 O   ? ? ? 1_555 C MG  . MG ? ? A HIS 199 A MG  302 1_555 ? ? ? ? ? ? ? 2.035 ? ? 
metalc6  metalc ? ? A HIS 207 ND1 ? ? ? 1_555 C MG  . MG ? ? A HIS 199 A MG  302 1_555 ? ? ? ? ? ? ? 2.265 ? ? 
metalc7  metalc ? ? C MG  .   MG  ? ? ? 1_555 D HOH . O  ? ? A MG  302 A HOH 303 1_555 ? ? ? ? ? ? ? 2.073 ? ? 
metalc8  metalc ? ? C MG  .   MG  ? ? ? 1_555 D HOH . O  ? ? A MG  302 A HOH 305 1_555 ? ? ? ? ? ? ? 2.053 ? ? 
metalc9  metalc ? ? C MG  .   MG  ? ? ? 1_555 D HOH . O  ? ? A MG  302 A HOH 307 1_555 ? ? ? ? ? ? ? 2.080 ? ? 
metalc10 metalc ? ? C MG  .   MG  ? ? ? 1_555 D HOH . O  ? ? A MG  302 A HOH 315 1_555 ? ? ? ? ? ? ? 2.129 ? ? 
# 
_struct_conn_type.id          metalc 
_struct_conn_type.criteria    ? 
_struct_conn_type.reference   ? 
# 
_struct_sheet.id               A 
_struct_sheet.type             ? 
_struct_sheet.number_strands   5 
_struct_sheet.details          ? 
# 
loop_
_struct_sheet_order.sheet_id 
_struct_sheet_order.range_id_1 
_struct_sheet_order.range_id_2 
_struct_sheet_order.offset 
_struct_sheet_order.sense 
A 1 2 ? parallel      
A 2 3 ? parallel      
A 3 4 ? parallel      
A 4 5 ? anti-parallel 
# 
loop_
_struct_sheet_range.sheet_id 
_struct_sheet_range.id 
_struct_sheet_range.beg_label_comp_id 
_struct_sheet_range.beg_label_asym_id 
_struct_sheet_range.beg_label_seq_id 
_struct_sheet_range.pdbx_beg_PDB_ins_code 
_struct_sheet_range.end_label_comp_id 
_struct_sheet_range.end_label_asym_id 
_struct_sheet_range.end_label_seq_id 
_struct_sheet_range.pdbx_end_PDB_ins_code 
_struct_sheet_range.beg_auth_comp_id 
_struct_sheet_range.beg_auth_asym_id 
_struct_sheet_range.beg_auth_seq_id 
_struct_sheet_range.end_auth_comp_id 
_struct_sheet_range.end_auth_asym_id 
_struct_sheet_range.end_auth_seq_id 
A 1 MET A 77  ? THR A 82  ? MET A 69  THR A 74  
A 2 ALA A 54  ? CYS A 59  ? ALA A 46  CYS A 51  
A 3 LEU A 106 ? HIS A 112 ? LEU A 98  HIS A 104 
A 4 ALA A 189 ? TYR A 195 ? ALA A 181 TYR A 187 
A 5 VAL A 203 ? ILE A 208 ? VAL A 195 ILE A 200 
# 
loop_
_pdbx_struct_sheet_hbond.sheet_id 
_pdbx_struct_sheet_hbond.range_id_1 
_pdbx_struct_sheet_hbond.range_id_2 
_pdbx_struct_sheet_hbond.range_1_label_atom_id 
_pdbx_struct_sheet_hbond.range_1_label_comp_id 
_pdbx_struct_sheet_hbond.range_1_label_asym_id 
_pdbx_struct_sheet_hbond.range_1_label_seq_id 
_pdbx_struct_sheet_hbond.range_1_PDB_ins_code 
_pdbx_struct_sheet_hbond.range_1_auth_atom_id 
_pdbx_struct_sheet_hbond.range_1_auth_comp_id 
_pdbx_struct_sheet_hbond.range_1_auth_asym_id 
_pdbx_struct_sheet_hbond.range_1_auth_seq_id 
_pdbx_struct_sheet_hbond.range_2_label_atom_id 
_pdbx_struct_sheet_hbond.range_2_label_comp_id 
_pdbx_struct_sheet_hbond.range_2_label_asym_id 
_pdbx_struct_sheet_hbond.range_2_label_seq_id 
_pdbx_struct_sheet_hbond.range_2_PDB_ins_code 
_pdbx_struct_sheet_hbond.range_2_auth_atom_id 
_pdbx_struct_sheet_hbond.range_2_auth_comp_id 
_pdbx_struct_sheet_hbond.range_2_auth_asym_id 
_pdbx_struct_sheet_hbond.range_2_auth_seq_id 
A 1 2 O VAL A 80  ? O VAL A 72  N ILE A 56  ? N ILE A 48  
A 2 3 N PHE A 57  ? N PHE A 49  O VAL A 108 ? O VAL A 100 
A 3 4 N GLY A 111 ? N GLY A 103 O VAL A 193 ? O VAL A 185 
A 4 5 N THR A 194 ? N THR A 186 O VAL A 203 ? O VAL A 195 
# 
loop_
_struct_site.id 
_struct_site.pdbx_evidence_code 
_struct_site.pdbx_auth_asym_id 
_struct_site.pdbx_auth_comp_id 
_struct_site.pdbx_auth_seq_id 
_struct_site.pdbx_auth_ins_code 
_struct_site.pdbx_num_residues 
_struct_site.details 
AC1 Software A ZN 301 ? 4 'BINDING SITE FOR RESIDUE ZN A 301' 
AC2 Software A MG 302 ? 5 'BINDING SITE FOR RESIDUE MG A 302' 
# 
loop_
_struct_site_gen.id 
_struct_site_gen.site_id 
_struct_site_gen.pdbx_num_res 
_struct_site_gen.label_comp_id 
_struct_site_gen.label_asym_id 
_struct_site_gen.label_seq_id 
_struct_site_gen.pdbx_auth_ins_code 
_struct_site_gen.auth_comp_id 
_struct_site_gen.auth_asym_id 
_struct_site_gen.auth_seq_id 
_struct_site_gen.label_atom_id 
_struct_site_gen.label_alt_id 
_struct_site_gen.symmetry 
_struct_site_gen.details 
1 AC1 4 CYS A 59  ? CYS A 51  . ? 1_555 ? 
2 AC1 4 ASP A 61  ? ASP A 53  . ? 1_555 ? 
3 AC1 4 HIS A 112 ? HIS A 104 . ? 1_555 ? 
4 AC1 4 CYS A 115 ? CYS A 107 . ? 1_555 ? 
5 AC2 5 HIS A 207 ? HIS A 199 . ? 1_555 ? 
6 AC2 5 HOH D .   ? HOH A 303 . ? 1_555 ? 
7 AC2 5 HOH D .   ? HOH A 305 . ? 1_555 ? 
8 AC2 5 HOH D .   ? HOH A 307 . ? 1_555 ? 
9 AC2 5 HOH D .   ? HOH A 315 . ? 1_555 ? 
# 
_atom_sites.entry_id                    1YM3 
_atom_sites.fract_transf_matrix[1][1]   0.00923737 
_atom_sites.fract_transf_matrix[1][2]   0.01111460 
_atom_sites.fract_transf_matrix[1][3]   -0.01028462 
_atom_sites.fract_transf_matrix[2][1]   0.00528477 
_atom_sites.fract_transf_matrix[2][2]   -0.01365586 
_atom_sites.fract_transf_matrix[2][3]   -0.01001126 
_atom_sites.fract_transf_matrix[3][1]   -0.00767862 
_atom_sites.fract_transf_matrix[3][2]   0.00116303 
_atom_sites.fract_transf_matrix[3][3]   -0.00563984 
_atom_sites.fract_transf_vector[1]      0.359353 
_atom_sites.fract_transf_vector[2]      0.403888 
_atom_sites.fract_transf_vector[3]      0.201527 
# 
loop_
_atom_type.symbol 
C  
MG 
N  
O  
S  
ZN 
# 
loop_
_atom_site.group_PDB 
_atom_site.id 
_atom_site.type_symbol 
_atom_site.label_atom_id 
_atom_site.label_alt_id 
_atom_site.label_comp_id 
_atom_site.label_asym_id 
_atom_site.label_entity_id 
_atom_site.label_seq_id 
_atom_site.pdbx_PDB_ins_code 
_atom_site.Cartn_x 
_atom_site.Cartn_y 
_atom_site.Cartn_z 
_atom_site.occupancy 
_atom_site.B_iso_or_equiv 
_atom_site.pdbx_formal_charge 
_atom_site.auth_seq_id 
_atom_site.auth_comp_id 
_atom_site.auth_asym_id 
_atom_site.auth_atom_id 
_atom_site.pdbx_PDB_model_num 
ATOM   1    N  N   . THR A 1 12  ? 18.700  3.710   3.085   1.00 33.00 ? 4   THR A N   1 
ATOM   2    C  CA  . THR A 1 12  ? 19.633  2.636   3.475   1.00 32.61 ? 4   THR A CA  1 
ATOM   3    C  C   . THR A 1 12  ? 19.145  1.839   4.711   1.00 30.36 ? 4   THR A C   1 
ATOM   4    O  O   . THR A 1 12  ? 19.756  0.835   5.084   1.00 31.43 ? 4   THR A O   1 
ATOM   5    C  CB  . THR A 1 12  ? 21.052  3.239   3.703   1.00 33.90 ? 4   THR A CB  1 
ATOM   6    O  OG1 . THR A 1 12  ? 22.027  2.193   3.794   1.00 37.00 ? 4   THR A OG1 1 
ATOM   7    C  CG2 . THR A 1 12  ? 21.129  3.994   5.037   1.00 34.80 ? 4   THR A CG2 1 
ATOM   8    N  N   . ASN A 1 13  ? 18.074  2.286   5.363   1.00 27.09 ? 5   ASN A N   1 
ATOM   9    C  CA  . ASN A 1 13  ? 17.447  1.512   6.438   1.00 24.54 ? 5   ASN A CA  1 
ATOM   10   C  C   . ASN A 1 13  ? 16.005  1.971   6.615   1.00 22.47 ? 5   ASN A C   1 
ATOM   11   O  O   . ASN A 1 13  ? 15.691  3.035   6.141   1.00 21.77 ? 5   ASN A O   1 
ATOM   12   C  CB  . ASN A 1 13  ? 18.222  1.659   7.770   1.00 24.85 ? 5   ASN A CB  1 
ATOM   13   C  CG  . ASN A 1 13  ? 18.231  3.084   8.321   1.00 27.61 ? 5   ASN A CG  1 
ATOM   14   O  OD1 . ASN A 1 13  ? 17.218  3.582   8.801   1.00 31.33 ? 5   ASN A OD1 1 
ATOM   15   N  ND2 . ASN A 1 13  ? 19.392  3.729   8.287   1.00 27.31 ? 5   ASN A ND2 1 
ATOM   16   N  N   . PRO A 1 14  ? 15.145  1.209   7.284   1.00 20.41 ? 6   PRO A N   1 
ATOM   17   C  CA  . PRO A 1 14  ? 13.719  1.594   7.353   1.00 20.62 ? 6   PRO A CA  1 
ATOM   18   C  C   . PRO A 1 14  ? 13.433  2.939   8.046   1.00 20.84 ? 6   PRO A C   1 
ATOM   19   O  O   . PRO A 1 14  ? 12.469  3.650   7.673   1.00 20.95 ? 6   PRO A O   1 
ATOM   20   C  CB  . PRO A 1 14  ? 13.054  0.415   8.064   1.00 21.04 ? 6   PRO A CB  1 
ATOM   21   C  CG  . PRO A 1 14  ? 14.049  -0.699  8.040   1.00 20.69 ? 6   PRO A CG  1 
ATOM   22   C  CD  . PRO A 1 14  ? 15.385  -0.074  7.947   1.00 20.87 ? 6   PRO A CD  1 
ATOM   23   N  N   . VAL A 1 15  ? 14.272  3.330   9.001   1.00 20.03 ? 7   VAL A N   1 
ATOM   24   C  CA  . VAL A 1 15  ? 14.105  4.612   9.693   1.00 21.10 ? 7   VAL A CA  1 
ATOM   25   C  C   . VAL A 1 15  ? 14.302  5.793   8.761   1.00 20.64 ? 7   VAL A C   1 
ATOM   26   O  O   . VAL A 1 15  ? 13.478  6.721   8.733   1.00 21.28 ? 7   VAL A O   1 
ATOM   27   C  CB  . VAL A 1 15  ? 15.078  4.704   10.906  1.00 19.89 ? 7   VAL A CB  1 
ATOM   28   C  CG1 . VAL A 1 15  ? 15.043  6.072   11.517  1.00 23.49 ? 7   VAL A CG1 1 
ATOM   29   C  CG2 . VAL A 1 15  ? 14.736  3.631   11.916  1.00 20.48 ? 7   VAL A CG2 1 
ATOM   30   N  N   . ALA A 1 16  ? 15.391  5.759   7.995   1.00 20.81 ? 8   ALA A N   1 
ATOM   31   C  CA  . ALA A 1 16  ? 15.723  6.857   7.098   1.00 21.56 ? 8   ALA A CA  1 
ATOM   32   C  C   . ALA A 1 16  ? 14.704  6.902   5.950   1.00 21.22 ? 8   ALA A C   1 
ATOM   33   O  O   . ALA A 1 16  ? 14.281  7.978   5.516   1.00 21.90 ? 8   ALA A O   1 
ATOM   34   C  CB  . ALA A 1 16  ? 17.164  6.679   6.584   1.00 23.08 ? 8   ALA A CB  1 
ATOM   35   N  N   . ALA A 1 17  ? 14.265  5.731   5.490   1.00 20.21 ? 9   ALA A N   1 
ATOM   36   C  CA  . ALA A 1 17  ? 13.290  5.636   4.399   1.00 21.22 ? 9   ALA A CA  1 
ATOM   37   C  C   . ALA A 1 17  ? 11.932  6.240   4.803   1.00 20.57 ? 9   ALA A C   1 
ATOM   38   O  O   . ALA A 1 17  ? 11.297  6.981   4.021   1.00 22.18 ? 9   ALA A O   1 
ATOM   39   C  CB  . ALA A 1 17  ? 13.092  4.189   3.998   1.00 20.64 ? 9   ALA A CB  1 
ATOM   40   N  N   . TRP A 1 18  ? 11.442  5.858   5.976   1.00 20.34 ? 10  TRP A N   1 
ATOM   41   C  CA  . TRP A 1 18  ? 10.150  6.358   6.443   1.00 19.93 ? 10  TRP A CA  1 
ATOM   42   C  C   . TRP A 1 18  ? 10.233  7.872   6.772   1.00 20.73 ? 10  TRP A C   1 
ATOM   43   O  O   . TRP A 1 18  ? 9.317   8.641   6.457   1.00 20.76 ? 10  TRP A O   1 
ATOM   44   C  CB  . TRP A 1 18  ? 9.619   5.564   7.650   1.00 19.46 ? 10  TRP A CB  1 
ATOM   45   C  CG  . TRP A 1 18  ? 8.342   6.159   8.245   1.00 19.49 ? 10  TRP A CG  1 
ATOM   46   C  CD1 . TRP A 1 18  ? 8.195   6.656   9.509   1.00 20.15 ? 10  TRP A CD1 1 
ATOM   47   C  CD2 . TRP A 1 18  ? 7.073   6.370   7.598   1.00 18.63 ? 10  TRP A CD2 1 
ATOM   48   N  NE1 . TRP A 1 18  ? 6.923   7.138   9.696   1.00 20.82 ? 10  TRP A NE1 1 
ATOM   49   C  CE2 . TRP A 1 18  ? 6.202   6.952   8.551   1.00 20.52 ? 10  TRP A CE2 1 
ATOM   50   C  CE3 . TRP A 1 18  ? 6.565   6.090   6.323   1.00 20.73 ? 10  TRP A CE3 1 
ATOM   51   C  CZ2 . TRP A 1 18  ? 4.876   7.299   8.256   1.00 22.75 ? 10  TRP A CZ2 1 
ATOM   52   C  CZ3 . TRP A 1 18  ? 5.240   6.407   6.044   1.00 20.69 ? 10  TRP A CZ3 1 
ATOM   53   C  CH2 . TRP A 1 18  ? 4.419   7.042   7.005   1.00 23.32 ? 10  TRP A CH2 1 
ATOM   54   N  N   . LYS A 1 19  ? 11.339  8.310   7.361   1.00 21.32 ? 11  LYS A N   1 
ATOM   55   C  CA  . LYS A 1 19  ? 11.541  9.736   7.599   1.00 23.03 ? 11  LYS A CA  1 
ATOM   56   C  C   . LYS A 1 19  ? 11.416  10.535  6.294   1.00 22.27 ? 11  LYS A C   1 
ATOM   57   O  O   . LYS A 1 19  ? 10.764  11.591  6.266   1.00 23.27 ? 11  LYS A O   1 
ATOM   58   C  CB  . LYS A 1 19  ? 12.890  9.975   8.282   1.00 22.82 ? 11  LYS A CB  1 
ATOM   59   C  CG  . LYS A 1 19  ? 13.337  11.448  8.333   1.00 25.77 ? 11  LYS A CG  1 
ATOM   60   C  CD  . LYS A 1 19  ? 14.730  11.531  8.934   1.00 28.53 ? 11  LYS A CD  1 
ATOM   61   C  CE  . LYS A 1 19  ? 15.333  12.922  8.803   1.00 31.89 ? 11  LYS A CE  1 
ATOM   62   N  NZ  . LYS A 1 19  ? 14.610  13.822  9.733   1.00 33.88 ? 11  LYS A NZ  1 
ATOM   63   N  N   . ALA A 1 20  ? 12.023  10.054  5.213   1.00 22.10 ? 12  ALA A N   1 
ATOM   64   C  CA  . ALA A 1 20  ? 11.950  10.750  3.923   1.00 22.88 ? 12  ALA A CA  1 
ATOM   65   C  C   . ALA A 1 20  ? 10.503  10.905  3.404   1.00 22.54 ? 12  ALA A C   1 
ATOM   66   O  O   . ALA A 1 20  ? 10.121  11.963  2.851   1.00 21.80 ? 12  ALA A O   1 
ATOM   67   C  CB  . ALA A 1 20  ? 12.853  10.051  2.850   1.00 23.70 ? 12  ALA A CB  1 
ATOM   68   N  N   . LEU A 1 21  ? 9.699   9.848   3.571   1.00 21.51 ? 13  LEU A N   1 
ATOM   69   C  CA  . LEU A 1 21  ? 8.344   9.851   3.033   1.00 21.30 ? 13  LEU A CA  1 
ATOM   70   C  C   . LEU A 1 21  ? 7.440   10.737  3.870   1.00 20.93 ? 13  LEU A C   1 
ATOM   71   O  O   . LEU A 1 21  ? 6.606   11.466  3.341   1.00 20.07 ? 13  LEU A O   1 
ATOM   72   C  CB  . LEU A 1 21  ? 7.751   8.443   2.966   1.00 20.55 ? 13  LEU A CB  1 
ATOM   73   C  CG  . LEU A 1 21  ? 8.397   7.445   1.988   1.00 22.16 ? 13  LEU A CG  1 
ATOM   74   C  CD1 . LEU A 1 21  ? 7.468   6.291   1.713   1.00 22.85 ? 13  LEU A CD1 1 
ATOM   75   C  CD2 . LEU A 1 21  ? 8.832   8.165   0.721   1.00 24.69 ? 13  LEU A CD2 1 
ATOM   76   N  N   . LYS A 1 22  ? 7.577   10.624  5.179   1.00 22.32 ? 14  LYS A N   1 
ATOM   77   C  CA  . LYS A 1 22  ? 6.786   11.408  6.109   1.00 22.58 ? 14  LYS A CA  1 
ATOM   78   C  C   . LYS A 1 22  ? 7.048   12.911  5.893   1.00 22.17 ? 14  LYS A C   1 
ATOM   79   O  O   . LYS A 1 22  ? 6.098   13.717  5.813   1.00 22.80 ? 14  LYS A O   1 
ATOM   80   C  CB  . LYS A 1 22  ? 7.084   10.967  7.551   1.00 22.95 ? 14  LYS A CB  1 
ATOM   81   C  CG  . LYS A 1 22  ? 6.229   11.664  8.599   1.00 27.05 ? 14  LYS A CG  1 
ATOM   82   C  CD  . LYS A 1 22  ? 6.384   11.013  9.980   1.00 31.28 ? 14  LYS A CD  1 
ATOM   83   C  CE  . LYS A 1 22  ? 5.583   11.800  10.997  1.00 33.27 ? 14  LYS A CE  1 
ATOM   84   N  NZ  . LYS A 1 22  ? 6.009   11.515  12.396  1.00 35.89 ? 14  LYS A NZ  1 
ATOM   85   N  N   . GLU A 1 23  ? 8.311   13.303  5.771   1.00 22.31 ? 15  GLU A N   1 
ATOM   86   C  CA  . GLU A 1 23  ? 8.635   14.728  5.517   1.00 21.97 ? 15  GLU A CA  1 
ATOM   87   C  C   . GLU A 1 23  ? 8.132   15.194  4.162   1.00 21.51 ? 15  GLU A C   1 
ATOM   88   O  O   . GLU A 1 23  ? 7.681   16.339  4.023   1.00 20.27 ? 15  GLU A O   1 
ATOM   89   C  CB  . GLU A 1 23  ? 10.140  14.982  5.590   1.00 22.17 ? 15  GLU A CB  1 
ATOM   90   C  CG  . GLU A 1 23  ? 10.651  14.814  7.001   1.00 25.42 ? 15  GLU A CG  1 
ATOM   91   C  CD  . GLU A 1 23  ? 12.148  14.992  7.191   1.00 31.36 ? 15  GLU A CD  1 
ATOM   92   O  OE1 . GLU A 1 23  ? 12.551  15.004  8.376   1.00 32.48 ? 15  GLU A OE1 1 
ATOM   93   O  OE2 . GLU A 1 23  ? 12.920  15.111  6.203   1.00 35.92 ? 15  GLU A OE2 1 
ATOM   94   N  N   . GLY A 1 24  ? 8.234   14.319  3.159   1.00 20.83 ? 16  GLY A N   1 
ATOM   95   C  CA  . GLY A 1 24  ? 7.760   14.633  1.822   1.00 20.17 ? 16  GLY A CA  1 
ATOM   96   C  C   . GLY A 1 24  ? 6.260   14.861  1.801   1.00 20.30 ? 16  GLY A C   1 
ATOM   97   O  O   . GLY A 1 24  ? 5.783   15.785  1.153   1.00 19.64 ? 16  GLY A O   1 
ATOM   98   N  N   . ASN A 1 25  ? 5.492   14.027  2.508   1.00 20.11 ? 17  ASN A N   1 
ATOM   99   C  CA  . ASN A 1 25  ? 4.062   14.268  2.568   1.00 20.50 ? 17  ASN A CA  1 
ATOM   100  C  C   . ASN A 1 25  ? 3.678   15.569  3.346   1.00 21.36 ? 17  ASN A C   1 
ATOM   101  O  O   . ASN A 1 25  ? 2.684   16.249  3.001   1.00 20.93 ? 17  ASN A O   1 
ATOM   102  C  CB  . ASN A 1 25  ? 3.343   13.073  3.161   1.00 20.35 ? 17  ASN A CB  1 
ATOM   103  C  CG  . ASN A 1 25  ? 1.852   13.297  3.251   1.00 21.89 ? 17  ASN A CG  1 
ATOM   104  O  OD1 . ASN A 1 25  ? 1.313   13.453  4.347   1.00 23.58 ? 17  ASN A OD1 1 
ATOM   105  N  ND2 . ASN A 1 25  ? 1.187   13.381  2.099   1.00 23.02 ? 17  ASN A ND2 1 
ATOM   106  N  N   . GLU A 1 26  ? 4.455   15.906  4.384   1.00 21.47 ? 18  GLU A N   1 
ATOM   107  C  CA  . GLU A 1 26  ? 4.308   17.220  5.063   1.00 22.52 ? 18  GLU A CA  1 
ATOM   108  C  C   . GLU A 1 26  ? 4.487   18.405  4.108   1.00 22.83 ? 18  GLU A C   1 
ATOM   109  O  O   . GLU A 1 26  ? 3.735   19.377  4.188   1.00 21.72 ? 18  GLU A O   1 
ATOM   110  C  CB  . GLU A 1 26  ? 5.255   17.323  6.274   1.00 22.98 ? 18  GLU A CB  1 
ATOM   111  C  CG  . GLU A 1 26  ? 4.859   16.368  7.390   1.00 24.38 ? 18  GLU A CG  1 
ATOM   112  C  CD  . GLU A 1 26  ? 5.916   16.173  8.487   1.00 30.40 ? 18  GLU A CD  1 
ATOM   113  O  OE1 . GLU A 1 26  ? 7.018   16.765  8.435   1.00 31.27 ? 18  GLU A OE1 1 
ATOM   114  O  OE2 . GLU A 1 26  ? 5.638   15.388  9.422   1.00 32.03 ? 18  GLU A OE2 1 
ATOM   115  N  N   . ARG A 1 27  ? 5.431   18.303  3.175   1.00 22.40 ? 19  ARG A N   1 
ATOM   116  C  CA  . ARG A 1 27  ? 5.664   19.360  2.187   1.00 22.94 ? 19  ARG A CA  1 
ATOM   117  C  C   . ARG A 1 27  ? 4.531   19.431  1.170   1.00 24.01 ? 19  ARG A C   1 
ATOM   118  O  O   . ARG A 1 27  ? 4.086   20.537  0.797   1.00 23.87 ? 19  ARG A O   1 
ATOM   119  C  CB  . ARG A 1 27  ? 7.007   19.165  1.444   1.00 23.00 ? 19  ARG A CB  1 
ATOM   120  C  CG  . ARG A 1 27  ? 8.248   19.244  2.306   1.00 22.69 ? 19  ARG A CG  1 
ATOM   121  C  CD  . ARG A 1 27  ? 9.542   19.150  1.500   1.00 24.46 ? 19  ARG A CD  1 
ATOM   122  N  NE  . ARG A 1 27  ? 9.670   17.888  0.777   1.00 22.42 ? 19  ARG A NE  1 
ATOM   123  C  CZ  . ARG A 1 27  ? 10.448  16.874  1.135   1.00 26.03 ? 19  ARG A CZ  1 
ATOM   124  N  NH1 . ARG A 1 27  ? 11.182  16.940  2.231   1.00 26.45 ? 19  ARG A NH1 1 
ATOM   125  N  NH2 . ARG A 1 27  ? 10.497  15.779  0.376   1.00 27.34 ? 19  ARG A NH2 1 
ATOM   126  N  N   . PHE A 1 28  ? 4.051   18.273  0.714   1.00 22.89 ? 20  PHE A N   1 
ATOM   127  C  CA  . PHE A 1 28  ? 2.887   18.224  -0.185  1.00 24.09 ? 20  PHE A CA  1 
ATOM   128  C  C   . PHE A 1 28  ? 1.665   18.888  0.449   1.00 24.54 ? 20  PHE A C   1 
ATOM   129  O  O   . PHE A 1 28  ? 1.029   19.767  -0.177  1.00 24.12 ? 20  PHE A O   1 
ATOM   130  C  CB  . PHE A 1 28  ? 2.585   16.756  -0.603  1.00 24.36 ? 20  PHE A CB  1 
ATOM   131  C  CG  . PHE A 1 28  ? 1.277   16.549  -1.338  1.00 24.92 ? 20  PHE A CG  1 
ATOM   132  C  CD1 . PHE A 1 28  ? 1.093   17.042  -2.616  1.00 26.72 ? 20  PHE A CD1 1 
ATOM   133  C  CD2 . PHE A 1 28  ? 0.240   15.826  -0.742  1.00 25.16 ? 20  PHE A CD2 1 
ATOM   134  C  CE1 . PHE A 1 28  ? -0.118  16.833  -3.294  1.00 27.44 ? 20  PHE A CE1 1 
ATOM   135  C  CE2 . PHE A 1 28  ? -0.945  15.609  -1.396  1.00 26.10 ? 20  PHE A CE2 1 
ATOM   136  C  CZ  . PHE A 1 28  ? -1.133  16.111  -2.680  1.00 25.59 ? 20  PHE A CZ  1 
ATOM   137  N  N   . VAL A 1 29  ? 1.342   18.481  1.679   1.00 23.99 ? 21  VAL A N   1 
ATOM   138  C  CA  . VAL A 1 29  ? 0.174   18.994  2.392   1.00 25.04 ? 21  VAL A CA  1 
ATOM   139  C  C   . VAL A 1 29  ? 0.292   20.511  2.618   1.00 26.77 ? 21  VAL A C   1 
ATOM   140  O  O   . VAL A 1 29  ? -0.705  21.244  2.539   1.00 27.19 ? 21  VAL A O   1 
ATOM   141  C  CB  . VAL A 1 29  ? -0.004  18.249  3.762   1.00 25.15 ? 21  VAL A CB  1 
ATOM   142  C  CG1 . VAL A 1 29  ? -0.931  19.003  4.700   1.00 24.67 ? 21  VAL A CG1 1 
ATOM   143  C  CG2 . VAL A 1 29  ? -0.495  16.793  3.536   1.00 24.75 ? 21  VAL A CG2 1 
ATOM   144  N  N   . ALA A 1 30  ? 1.510   20.968  2.886   1.00 27.71 ? 22  ALA A N   1 
ATOM   145  C  CA  . ALA A 1 30  ? 1.775   22.390  3.141   1.00 29.74 ? 22  ALA A CA  1 
ATOM   146  C  C   . ALA A 1 30  ? 1.680   23.234  1.854   1.00 31.52 ? 22  ALA A C   1 
ATOM   147  O  O   . ALA A 1 30  ? 1.527   24.450  1.919   1.00 31.69 ? 22  ALA A O   1 
ATOM   148  C  CB  . ALA A 1 30  ? 3.143   22.559  3.783   1.00 29.38 ? 22  ALA A CB  1 
ATOM   149  N  N   . GLY A 1 31  ? 1.739   22.584  0.695   1.00 33.27 ? 23  GLY A N   1 
ATOM   150  C  CA  . GLY A 1 31  ? 1.683   23.269  -0.584  1.00 34.67 ? 23  GLY A CA  1 
ATOM   151  C  C   . GLY A 1 31  ? 3.032   23.878  -0.928  1.00 36.47 ? 23  GLY A C   1 
ATOM   152  O  O   . GLY A 1 31  ? 3.100   24.929  -1.556  1.00 36.73 ? 23  GLY A O   1 
ATOM   153  N  N   . ARG A 1 32  ? 4.110   23.216  -0.510  1.00 37.43 ? 24  ARG A N   1 
ATOM   154  C  CA  . ARG A 1 32  ? 5.469   23.700  -0.737  1.00 38.41 ? 24  ARG A CA  1 
ATOM   155  C  C   . ARG A 1 32  ? 6.387   22.531  -1.097  1.00 38.15 ? 24  ARG A C   1 
ATOM   156  O  O   . ARG A 1 32  ? 7.257   22.136  -0.321  1.00 37.89 ? 24  ARG A O   1 
ATOM   157  C  CB  . ARG A 1 32  ? 5.985   24.469  0.493   1.00 38.92 ? 24  ARG A CB  1 
ATOM   158  C  CG  . ARG A 1 32  ? 5.584   23.862  1.846   1.00 42.07 ? 24  ARG A CG  1 
ATOM   159  C  CD  . ARG A 1 32  ? 6.738   23.640  2.821   1.00 45.15 ? 24  ARG A CD  1 
ATOM   160  N  NE  . ARG A 1 32  ? 6.374   22.747  3.931   1.00 46.80 ? 24  ARG A NE  1 
ATOM   161  C  CZ  . ARG A 1 32  ? 7.253   22.157  4.750   1.00 48.51 ? 24  ARG A CZ  1 
ATOM   162  N  NH1 . ARG A 1 32  ? 8.561   22.380  4.619   1.00 49.63 ? 24  ARG A NH1 1 
ATOM   163  N  NH2 . ARG A 1 32  ? 6.818   21.351  5.722   1.00 48.09 ? 24  ARG A NH2 1 
ATOM   164  N  N   . PRO A 1 33  ? 6.189   21.961  -2.279  1.00 38.53 ? 25  PRO A N   1 
ATOM   165  C  CA  . PRO A 1 33  ? 6.966   20.789  -2.694  1.00 38.87 ? 25  PRO A CA  1 
ATOM   166  C  C   . PRO A 1 33  ? 8.396   21.090  -3.151  1.00 39.07 ? 25  PRO A C   1 
ATOM   167  O  O   . PRO A 1 33  ? 8.603   22.079  -3.838  1.00 38.74 ? 25  PRO A O   1 
ATOM   168  C  CB  . PRO A 1 33  ? 6.136   20.233  -3.854  1.00 38.58 ? 25  PRO A CB  1 
ATOM   169  C  CG  . PRO A 1 33  ? 5.479   21.432  -4.447  1.00 38.79 ? 25  PRO A CG  1 
ATOM   170  C  CD  . PRO A 1 33  ? 5.186   22.335  -3.291  1.00 38.74 ? 25  PRO A CD  1 
ATOM   171  N  N   . GLN A 1 34  ? 9.352   20.238  -2.768  1.00 40.04 ? 26  GLN A N   1 
ATOM   172  C  CA  . GLN A 1 34  ? 10.753  20.312  -3.235  1.00 40.90 ? 26  GLN A CA  1 
ATOM   173  C  C   . GLN A 1 34  ? 10.932  19.713  -4.640  1.00 41.53 ? 26  GLN A C   1 
ATOM   174  O  O   . GLN A 1 34  ? 11.824  20.119  -5.376  1.00 42.16 ? 26  GLN A O   1 
ATOM   175  C  CB  . GLN A 1 34  ? 11.720  19.593  -2.257  1.00 41.06 ? 26  GLN A CB  1 
ATOM   176  C  CG  . GLN A 1 34  ? 12.134  20.407  -1.002  1.00 41.96 ? 26  GLN A CG  1 
ATOM   177  C  CD  . GLN A 1 34  ? 12.960  19.600  0.037   1.00 42.76 ? 26  GLN A CD  1 
ATOM   178  O  OE1 . GLN A 1 34  ? 13.251  18.419  -0.164  1.00 43.98 ? 26  GLN A OE1 1 
ATOM   179  N  NE2 . GLN A 1 34  ? 13.323  20.251  1.140   1.00 44.16 ? 26  GLN A NE2 1 
ATOM   180  N  N   . HIS A 1 35  ? 10.093  18.748  -5.012  1.00 42.52 ? 27  HIS A N   1 
ATOM   181  C  CA  . HIS A 1 35  ? 10.285  17.989  -6.258  1.00 42.96 ? 27  HIS A CA  1 
ATOM   182  C  C   . HIS A 1 35  ? 9.070   18.087  -7.186  1.00 43.80 ? 27  HIS A C   1 
ATOM   183  O  O   . HIS A 1 35  ? 8.416   17.060  -7.468  1.00 43.94 ? 27  HIS A O   1 
ATOM   184  C  CB  . HIS A 1 35  ? 10.595  16.500  -5.965  1.00 43.01 ? 27  HIS A CB  1 
ATOM   185  C  CG  . HIS A 1 35  ? 11.842  16.265  -5.156  1.00 42.51 ? 27  HIS A CG  1 
ATOM   186  N  ND1 . HIS A 1 35  ? 13.097  16.612  -5.605  1.00 42.23 ? 27  HIS A ND1 1 
ATOM   187  C  CD2 . HIS A 1 35  ? 12.027  15.672  -3.952  1.00 42.11 ? 27  HIS A CD2 1 
ATOM   188  C  CE1 . HIS A 1 35  ? 13.997  16.271  -4.700  1.00 42.79 ? 27  HIS A CE1 1 
ATOM   189  N  NE2 . HIS A 1 35  ? 13.376  15.688  -3.692  1.00 42.95 ? 27  HIS A NE2 1 
ATOM   190  N  N   . PRO A 1 36  ? 8.773   19.295  -7.689  1.00 44.62 ? 28  PRO A N   1 
ATOM   191  C  CA  . PRO A 1 36  ? 7.686   19.481  -8.666  1.00 44.92 ? 28  PRO A CA  1 
ATOM   192  C  C   . PRO A 1 36  ? 7.931   18.683  -9.945  1.00 45.14 ? 28  PRO A C   1 
ATOM   193  O  O   . PRO A 1 36  ? 9.014   18.788  -10.533 1.00 45.72 ? 28  PRO A O   1 
ATOM   194  C  CB  . PRO A 1 36  ? 7.702   20.993  -8.956  1.00 44.96 ? 28  PRO A CB  1 
ATOM   195  C  CG  . PRO A 1 36  ? 9.050   21.453  -8.541  1.00 44.94 ? 28  PRO A CG  1 
ATOM   196  C  CD  . PRO A 1 36  ? 9.452   20.567  -7.384  1.00 44.81 ? 28  PRO A CD  1 
ATOM   197  N  N   . SER A 1 37  ? 6.924   17.906  -10.356 1.00 44.99 ? 29  SER A N   1 
ATOM   198  C  CA  . SER A 1 37  ? 7.059   16.888  -11.414 1.00 44.62 ? 29  SER A CA  1 
ATOM   199  C  C   . SER A 1 37  ? 8.284   15.975  -11.206 1.00 44.11 ? 29  SER A C   1 
ATOM   200  O  O   . SER A 1 37  ? 9.028   15.659  -12.159 1.00 43.91 ? 29  SER A O   1 
ATOM   201  C  CB  . SER A 1 37  ? 7.091   17.537  -12.798 1.00 44.71 ? 29  SER A CB  1 
ATOM   202  O  OG  . SER A 1 37  ? 6.054   18.497  -12.929 1.00 45.57 ? 29  SER A OG  1 
ATOM   203  N  N   . GLN A 1 38  ? 8.461   15.545  -9.954  1.00 43.23 ? 30  GLN A N   1 
ATOM   204  C  CA  . GLN A 1 38  ? 9.598   14.715  -9.528  1.00 42.71 ? 30  GLN A CA  1 
ATOM   205  C  C   . GLN A 1 38  ? 10.971  15.329  -9.848  1.00 43.12 ? 30  GLN A C   1 
ATOM   206  O  O   . GLN A 1 38  ? 11.973  14.604  -9.924  1.00 42.90 ? 30  GLN A O   1 
ATOM   207  C  CB  . GLN A 1 38  ? 9.469   13.283  -10.103 1.00 42.54 ? 30  GLN A CB  1 
ATOM   208  C  CG  . GLN A 1 38  ? 8.459   12.439  -9.329  1.00 39.75 ? 30  GLN A CG  1 
ATOM   209  C  CD  . GLN A 1 38  ? 8.199   11.100  -9.969  1.00 38.25 ? 30  GLN A CD  1 
ATOM   210  O  OE1 . GLN A 1 38  ? 7.157   10.890  -10.597 1.00 31.87 ? 30  GLN A OE1 1 
ATOM   211  N  NE2 . GLN A 1 38  ? 9.141   10.178  -9.801  1.00 33.66 ? 30  GLN A NE2 1 
ATOM   212  N  N   . SER A 1 39  ? 11.004  16.669  -9.935  1.00 43.46 ? 31  SER A N   1 
ATOM   213  C  CA  . SER A 1 39  ? 12.143  17.443  -10.460 1.00 43.79 ? 31  SER A CA  1 
ATOM   214  C  C   . SER A 1 39  ? 12.538  16.959  -11.861 1.00 44.02 ? 31  SER A C   1 
ATOM   215  O  O   . SER A 1 39  ? 13.714  17.000  -12.240 1.00 43.94 ? 31  SER A O   1 
ATOM   216  C  CB  . SER A 1 39  ? 13.358  17.389  -9.513  1.00 43.84 ? 31  SER A CB  1 
ATOM   217  O  OG  . SER A 1 39  ? 13.005  17.700  -8.175  1.00 43.29 ? 31  SER A OG  1 
ATOM   218  N  N   . GLN A 1 50  ? 18.707  7.296   -7.975  1.00 43.56 ? 42  GLN A N   1 
ATOM   219  C  CA  . GLN A 1 50  ? 19.538  6.207   -7.457  1.00 43.73 ? 42  GLN A CA  1 
ATOM   220  C  C   . GLN A 1 50  ? 18.617  5.064   -6.969  1.00 41.93 ? 42  GLN A C   1 
ATOM   221  O  O   . GLN A 1 50  ? 17.398  5.155   -7.160  1.00 43.52 ? 42  GLN A O   1 
ATOM   222  C  CB  . GLN A 1 50  ? 20.445  6.734   -6.332  1.00 44.35 ? 42  GLN A CB  1 
ATOM   223  C  CG  . GLN A 1 50  ? 21.836  7.233   -6.792  1.00 46.62 ? 42  GLN A CG  1 
ATOM   224  C  CD  . GLN A 1 50  ? 21.775  8.254   -7.939  1.00 49.41 ? 42  GLN A CD  1 
ATOM   225  O  OE1 . GLN A 1 50  ? 20.725  8.853   -8.201  1.00 52.58 ? 42  GLN A OE1 1 
ATOM   226  N  NE2 . GLN A 1 50  ? 22.903  8.450   -8.618  1.00 50.84 ? 42  GLN A NE2 1 
ATOM   227  N  N   . LYS A 1 51  ? 19.175  4.010   -6.350  1.00 39.30 ? 43  LYS A N   1 
ATOM   228  C  CA  . LYS A 1 51  ? 18.361  2.882   -5.840  1.00 36.71 ? 43  LYS A CA  1 
ATOM   229  C  C   . LYS A 1 51  ? 17.187  3.385   -4.990  1.00 32.69 ? 43  LYS A C   1 
ATOM   230  O  O   . LYS A 1 51  ? 17.315  4.389   -4.284  1.00 31.65 ? 43  LYS A O   1 
ATOM   231  C  CB  . LYS A 1 51  ? 19.197  1.903   -5.020  1.00 37.92 ? 43  LYS A CB  1 
ATOM   232  C  CG  . LYS A 1 51  ? 19.350  0.485   -5.648  1.00 39.54 ? 43  LYS A CG  1 
ATOM   233  C  CD  . LYS A 1 51  ? 20.008  0.510   -7.021  1.00 42.57 ? 43  LYS A CD  1 
ATOM   234  C  CE  . LYS A 1 51  ? 20.508  -0.873  -7.421  1.00 43.66 ? 43  LYS A CE  1 
ATOM   235  N  NZ  . LYS A 1 51  ? 21.628  -1.347  -6.529  1.00 46.06 ? 43  LYS A NZ  1 
ATOM   236  N  N   . PRO A 1 52  ? 16.043  2.703   -5.067  1.00 29.11 ? 44  PRO A N   1 
ATOM   237  C  CA  . PRO A 1 52  ? 14.825  3.238   -4.486  1.00 26.74 ? 44  PRO A CA  1 
ATOM   238  C  C   . PRO A 1 52  ? 14.845  3.177   -2.980  1.00 25.60 ? 44  PRO A C   1 
ATOM   239  O  O   . PRO A 1 52  ? 15.380  2.224   -2.415  1.00 25.22 ? 44  PRO A O   1 
ATOM   240  C  CB  . PRO A 1 52  ? 13.698  2.303   -5.047  1.00 26.26 ? 44  PRO A CB  1 
ATOM   241  C  CG  . PRO A 1 52  ? 14.367  1.415   -6.021  1.00 26.83 ? 44  PRO A CG  1 
ATOM   242  C  CD  . PRO A 1 52  ? 15.807  1.383   -5.671  1.00 28.80 ? 44  PRO A CD  1 
ATOM   243  N  N   . THR A 1 53  ? 14.231  4.180   -2.361  1.00 23.54 ? 45  THR A N   1 
ATOM   244  C  CA  . THR A 1 53  ? 14.046  4.310   -0.935  1.00 25.13 ? 45  THR A CA  1 
ATOM   245  C  C   . THR A 1 53  ? 12.920  3.423   -0.402  1.00 22.74 ? 45  THR A C   1 
ATOM   246  O  O   . THR A 1 53  ? 12.980  2.930   0.727   1.00 23.69 ? 45  THR A O   1 
ATOM   247  C  CB  . THR A 1 53  ? 13.629  5.781   -0.659  1.00 25.11 ? 45  THR A CB  1 
ATOM   248  O  OG1 . THR A 1 53  ? 14.675  6.685   -0.990  1.00 31.24 ? 45  THR A OG1 1 
ATOM   249  C  CG2 . THR A 1 53  ? 13.351  6.049   0.785   1.00 28.77 ? 45  THR A CG2 1 
ATOM   250  N  N   . ALA A 1 54  ? 11.868  3.250   -1.201  1.00 20.61 ? 46  ALA A N   1 
ATOM   251  C  CA  . ALA A 1 54  ? 10.708  2.491   -0.766  1.00 18.49 ? 46  ALA A CA  1 
ATOM   252  C  C   . ALA A 1 54  ? 10.015  1.802   -1.922  1.00 17.63 ? 46  ALA A C   1 
ATOM   253  O  O   . ALA A 1 54  ? 10.059  2.270   -3.064  1.00 17.23 ? 46  ALA A O   1 
ATOM   254  C  CB  . ALA A 1 54  ? 9.738   3.363   -0.070  1.00 19.64 ? 46  ALA A CB  1 
ATOM   255  N  N   . VAL A 1 55  ? 9.377   0.696   -1.594  1.00 17.55 ? 47  VAL A N   1 
ATOM   256  C  CA  . VAL A 1 55  ? 8.339   0.096   -2.422  1.00 18.17 ? 47  VAL A CA  1 
ATOM   257  C  C   . VAL A 1 55  ? 6.993   0.680   -2.042  1.00 18.35 ? 47  VAL A C   1 
ATOM   258  O  O   . VAL A 1 55  ? 6.628   0.694   -0.865  1.00 18.89 ? 47  VAL A O   1 
ATOM   259  C  CB  . VAL A 1 55  ? 8.213   -1.445  -2.183  1.00 19.63 ? 47  VAL A CB  1 
ATOM   260  C  CG1 . VAL A 1 55  ? 6.977   -2.003  -2.954  1.00 19.16 ? 47  VAL A CG1 1 
ATOM   261  C  CG2 . VAL A 1 55  ? 9.444   -2.182  -2.578  1.00 19.71 ? 47  VAL A CG2 1 
ATOM   262  N  N   . ILE A 1 56  ? 6.216   1.145   -3.017  1.00 18.10 ? 48  ILE A N   1 
ATOM   263  C  CA  . ILE A 1 56  ? 4.821   1.540   -2.783  1.00 19.55 ? 48  ILE A CA  1 
ATOM   264  C  C   . ILE A 1 56  ? 3.928   0.521   -3.466  1.00 18.37 ? 48  ILE A C   1 
ATOM   265  O  O   . ILE A 1 56  ? 4.103   0.280   -4.650  1.00 19.18 ? 48  ILE A O   1 
ATOM   266  C  CB  . ILE A 1 56  ? 4.523   2.909   -3.396  1.00 20.60 ? 48  ILE A CB  1 
ATOM   267  C  CG1 . ILE A 1 56  ? 5.452   4.014   -2.869  1.00 24.63 ? 48  ILE A CG1 1 
ATOM   268  C  CG2 . ILE A 1 56  ? 3.049   3.232   -3.271  1.00 23.28 ? 48  ILE A CG2 1 
ATOM   269  C  CD1 . ILE A 1 56  ? 5.645   4.053   -1.392  1.00 25.68 ? 48  ILE A CD1 1 
ATOM   270  N  N   . PHE A 1 57  ? 3.039   -0.139  -2.727  1.00 16.43 ? 49  PHE A N   1 
ATOM   271  C  CA  . PHE A 1 57  ? 2.026   -1.024  -3.298  1.00 15.89 ? 49  PHE A CA  1 
ATOM   272  C  C   . PHE A 1 57  ? 0.711   -0.267  -3.236  1.00 15.81 ? 49  PHE A C   1 
ATOM   273  O  O   . PHE A 1 57  ? 0.111   -0.119  -2.183  1.00 17.37 ? 49  PHE A O   1 
ATOM   274  C  CB  . PHE A 1 57  ? 1.974   -2.332  -2.558  1.00 15.71 ? 49  PHE A CB  1 
ATOM   275  C  CG  . PHE A 1 57  ? 0.975   -3.354  -3.121  1.00 14.21 ? 49  PHE A CG  1 
ATOM   276  C  CD1 . PHE A 1 57  ? 0.609   -3.375  -4.497  1.00 15.93 ? 49  PHE A CD1 1 
ATOM   277  C  CD2 . PHE A 1 57  ? 0.442   -4.327  -2.295  1.00 15.67 ? 49  PHE A CD2 1 
ATOM   278  C  CE1 . PHE A 1 57  ? -0.262  -4.340  -5.003  1.00 19.90 ? 49  PHE A CE1 1 
ATOM   279  C  CE2 . PHE A 1 57  ? -0.457  -5.316  -2.794  1.00 15.60 ? 49  PHE A CE2 1 
ATOM   280  C  CZ  . PHE A 1 57  ? -0.801  -5.317  -4.154  1.00 17.10 ? 49  PHE A CZ  1 
ATOM   281  N  N   . GLY A 1 58  ? 0.298   0.255   -4.376  1.00 16.63 ? 50  GLY A N   1 
ATOM   282  C  CA  . GLY A 1 58  ? -0.932  1.004   -4.502  1.00 16.87 ? 50  GLY A CA  1 
ATOM   283  C  C   . GLY A 1 58  ? -2.033  0.424   -5.361  1.00 17.20 ? 50  GLY A C   1 
ATOM   284  O  O   . GLY A 1 58  ? -1.914  -0.650  -5.917  1.00 17.54 ? 50  GLY A O   1 
ATOM   285  N  N   . CYS A 1 59  ? -3.139  1.161   -5.412  1.00 17.22 ? 51  CYS A N   1 
ATOM   286  C  CA  . CYS A 1 59  ? -4.325  0.734   -6.165  1.00 17.08 ? 51  CYS A CA  1 
ATOM   287  C  C   . CYS A 1 59  ? -4.328  1.355   -7.566  1.00 16.55 ? 51  CYS A C   1 
ATOM   288  O  O   . CYS A 1 59  ? -4.065  2.568   -7.737  1.00 19.48 ? 51  CYS A O   1 
ATOM   289  C  CB  . CYS A 1 59  ? -5.645  1.071   -5.422  1.00 17.80 ? 51  CYS A CB  1 
ATOM   290  S  SG  . CYS A 1 59  ? -7.099  0.458   -6.325  1.00 19.89 ? 51  CYS A SG  1 
ATOM   291  N  N   . ALA A 1 60  ? -4.726  0.561   -8.557  1.00 17.33 ? 52  ALA A N   1 
ATOM   292  C  CA  . ALA A 1 60  ? -4.723  1.002   -9.943  1.00 17.00 ? 52  ALA A CA  1 
ATOM   293  C  C   . ALA A 1 60  ? -5.714  2.107   -10.190 1.00 18.76 ? 52  ALA A C   1 
ATOM   294  O  O   . ALA A 1 60  ? -5.522  2.911   -11.135 1.00 19.09 ? 52  ALA A O   1 
ATOM   295  C  CB  . ALA A 1 60  ? -4.975  -0.172  -10.909 1.00 17.22 ? 52  ALA A CB  1 
ATOM   296  N  N   . ASP A 1 61  ? -6.778  2.185   -9.365  1.00 18.45 ? 53  ASP A N   1 
ATOM   297  C  CA  . ASP A 1 61  ? -7.770  3.284   -9.537  1.00 19.68 ? 53  ASP A CA  1 
ATOM   298  C  C   . ASP A 1 61  ? -7.555  4.520   -8.693  1.00 20.71 ? 53  ASP A C   1 
ATOM   299  O  O   . ASP A 1 61  ? -8.408  5.427   -8.670  1.00 21.39 ? 53  ASP A O   1 
ATOM   300  C  CB  . ASP A 1 61  ? -9.228  2.751   -9.533  1.00 19.98 ? 53  ASP A CB  1 
ATOM   301  C  CG  . ASP A 1 61  ? -9.683  2.260   -8.214  1.00 19.27 ? 53  ASP A CG  1 
ATOM   302  O  OD1 . ASP A 1 61  ? -9.321  2.874   -7.194  1.00 20.79 ? 53  ASP A OD1 1 
ATOM   303  O  OD2 . ASP A 1 61  ? -10.432 1.258   -8.121  1.00 22.98 ? 53  ASP A OD2 1 
ATOM   304  N  N   . SER A 1 62  ? -6.404  4.609   -8.033  1.00 21.42 ? 54  SER A N   1 
ATOM   305  C  CA  . SER A 1 62  ? -5.963  5.830   -7.382  1.00 23.11 ? 54  SER A CA  1 
ATOM   306  C  C   . SER A 1 62  ? -5.938  6.942   -8.425  1.00 24.63 ? 54  SER A C   1 
ATOM   307  O  O   . SER A 1 62  ? -5.717  6.688   -9.618  1.00 25.45 ? 54  SER A O   1 
ATOM   308  C  CB  . SER A 1 62  ? -4.588  5.608   -6.708  1.00 23.47 ? 54  SER A CB  1 
ATOM   309  O  OG  . SER A 1 62  ? -3.907  6.836   -6.534  1.00 30.16 ? 54  SER A OG  1 
ATOM   310  N  N   . ARG A 1 63  ? -6.215  8.156   -7.982  1.00 24.45 ? 55  ARG A N   1 
ATOM   311  C  CA  . ARG A 1 63  ? -6.345  9.300   -8.870  1.00 25.62 ? 55  ARG A CA  1 
ATOM   312  C  C   . ARG A 1 63  ? -5.084  10.148  -8.959  1.00 24.42 ? 55  ARG A C   1 
ATOM   313  O  O   . ARG A 1 63  ? -5.022  11.048  -9.796  1.00 24.84 ? 55  ARG A O   1 
ATOM   314  C  CB  . ARG A 1 63  ? -7.536  10.153  -8.416  1.00 25.56 ? 55  ARG A CB  1 
ATOM   315  C  CG  . ARG A 1 63  ? -8.833  9.448   -8.670  1.00 28.82 ? 55  ARG A CG  1 
ATOM   316  C  CD  . ARG A 1 63  ? -10.074 10.081  -8.076  1.00 34.98 ? 55  ARG A CD  1 
ATOM   317  N  NE  . ARG A 1 63  ? -10.416 9.452   -6.813  1.00 40.15 ? 55  ARG A NE  1 
ATOM   318  C  CZ  . ARG A 1 63  ? -10.772 8.156   -6.632  1.00 42.78 ? 55  ARG A CZ  1 
ATOM   319  N  NH1 . ARG A 1 63  ? -10.900 7.280   -7.657  1.00 44.18 ? 55  ARG A NH1 1 
ATOM   320  N  NH2 . ARG A 1 63  ? -11.014 7.739   -5.399  1.00 36.84 ? 55  ARG A NH2 1 
ATOM   321  N  N   . VAL A 1 64  ? -4.098  9.874   -8.098  1.00 23.76 ? 56  VAL A N   1 
ATOM   322  C  CA  . VAL A 1 64  ? -2.869  10.666  -7.974  1.00 24.89 ? 56  VAL A CA  1 
ATOM   323  C  C   . VAL A 1 64  ? -1.626  9.783   -7.716  1.00 24.57 ? 56  VAL A C   1 
ATOM   324  O  O   . VAL A 1 64  ? -1.703  8.822   -6.938  1.00 24.53 ? 56  VAL A O   1 
ATOM   325  C  CB  . VAL A 1 64  ? -3.029  11.714  -6.860  1.00 25.89 ? 56  VAL A CB  1 
ATOM   326  C  CG1 . VAL A 1 64  ? -3.116  11.066  -5.530  1.00 25.84 ? 56  VAL A CG1 1 
ATOM   327  C  CG2 . VAL A 1 64  ? -1.884  12.768  -6.887  1.00 26.96 ? 56  VAL A CG2 1 
ATOM   328  N  N   . ALA A 1 65  ? -0.503  10.109  -8.370  1.00 23.41 ? 57  ALA A N   1 
ATOM   329  C  CA  . ALA A 1 65  ? 0.730   9.365   -8.221  1.00 23.29 ? 57  ALA A CA  1 
ATOM   330  C  C   . ALA A 1 65  ? 1.280   9.479   -6.801  1.00 22.54 ? 57  ALA A C   1 
ATOM   331  O  O   . ALA A 1 65  ? 1.261   10.565  -6.186  1.00 23.68 ? 57  ALA A O   1 
ATOM   332  C  CB  . ALA A 1 65  ? 1.737   9.827   -9.189  1.00 22.84 ? 57  ALA A CB  1 
ATOM   333  N  N   . ALA A 1 66  ? 1.731   8.355   -6.254  1.00 22.88 ? 58  ALA A N   1 
ATOM   334  C  CA  . ALA A 1 66  ? 2.384   8.352   -4.935  1.00 23.05 ? 58  ALA A CA  1 
ATOM   335  C  C   . ALA A 1 66  ? 3.598   9.291   -4.857  1.00 22.88 ? 58  ALA A C   1 
ATOM   336  O  O   . ALA A 1 66  ? 3.856   9.802   -3.809  1.00 22.66 ? 58  ALA A O   1 
ATOM   337  C  CB  . ALA A 1 66  ? 2.796   6.962   -4.523  1.00 24.08 ? 58  ALA A CB  1 
ATOM   338  N  N   . GLU A 1 67  ? 4.310   9.496   -5.965  1.00 22.83 ? 59  GLU A N   1 
ATOM   339  C  CA  . GLU A 1 67  ? 5.477   10.393  -6.046  1.00 23.70 ? 59  GLU A CA  1 
ATOM   340  C  C   . GLU A 1 67  ? 5.094   11.845  -5.722  1.00 23.08 ? 59  GLU A C   1 
ATOM   341  O  O   . GLU A 1 67  ? 5.926   12.611  -5.185  1.00 22.35 ? 59  GLU A O   1 
ATOM   342  C  CB  . GLU A 1 67  ? 6.136   10.324  -7.432  1.00 25.24 ? 59  GLU A CB  1 
ATOM   343  C  CG  . GLU A 1 67  ? 6.652   8.930   -7.836  1.00 25.21 ? 59  GLU A CG  1 
ATOM   344  C  CD  . GLU A 1 67  ? 5.638   7.963   -8.519  1.00 25.69 ? 59  GLU A CD  1 
ATOM   345  O  OE1 . GLU A 1 67  ? 4.381   8.045   -8.338  1.00 25.67 ? 59  GLU A OE1 1 
ATOM   346  O  OE2 . GLU A 1 67  ? 6.122   7.047   -9.234  1.00 25.87 ? 59  GLU A OE2 1 
ATOM   347  N  N   . ILE A 1 68  ? 3.867   12.237  -6.060  1.00 23.83 ? 60  ILE A N   1 
ATOM   348  C  CA  . ILE A 1 68  ? 3.314   13.528  -5.677  1.00 23.55 ? 60  ILE A CA  1 
ATOM   349  C  C   . ILE A 1 68  ? 2.914   13.568  -4.186  1.00 24.06 ? 60  ILE A C   1 
ATOM   350  O  O   . ILE A 1 68  ? 3.240   14.526  -3.477  1.00 23.57 ? 60  ILE A O   1 
ATOM   351  C  CB  . ILE A 1 68  ? 2.078   13.890  -6.585  1.00 24.75 ? 60  ILE A CB  1 
ATOM   352  C  CG1 . ILE A 1 68  ? 2.532   14.069  -8.035  1.00 26.97 ? 60  ILE A CG1 1 
ATOM   353  C  CG2 . ILE A 1 68  ? 1.305   15.117  -6.034  1.00 24.57 ? 60  ILE A CG2 1 
ATOM   354  C  CD1 . ILE A 1 68  ? 1.399   13.981  -9.084  1.00 29.87 ? 60  ILE A CD1 1 
ATOM   355  N  N   . ILE A 1 69  ? 2.173   12.563  -3.724  1.00 22.56 ? 61  ILE A N   1 
ATOM   356  C  CA  . ILE A 1 69  ? 1.664   12.501  -2.353  1.00 23.24 ? 61  ILE A CA  1 
ATOM   357  C  C   . ILE A 1 69  ? 2.818   12.624  -1.336  1.00 22.05 ? 61  ILE A C   1 
ATOM   358  O  O   . ILE A 1 69  ? 2.697   13.284  -0.291  1.00 22.76 ? 61  ILE A O   1 
ATOM   359  C  CB  . ILE A 1 69  ? 0.942   11.087  -2.124  1.00 24.53 ? 61  ILE A CB  1 
ATOM   360  C  CG1 . ILE A 1 69  ? -0.344  10.938  -2.953  1.00 26.69 ? 61  ILE A CG1 1 
ATOM   361  C  CG2 . ILE A 1 69  ? 0.650   10.830  -0.636  1.00 24.44 ? 61  ILE A CG2 1 
ATOM   362  C  CD1 . ILE A 1 69  ? -1.253  12.098  -2.903  1.00 30.51 ? 61  ILE A CD1 1 
ATOM   363  N  N   . PHE A 1 70  ? 3.936   11.980  -1.655  1.00 21.27 ? 62  PHE A N   1 
ATOM   364  C  CA  . PHE A 1 70  ? 5.115   11.924  -0.792  1.00 20.53 ? 62  PHE A CA  1 
ATOM   365  C  C   . PHE A 1 70  ? 6.268   12.826  -1.301  1.00 21.14 ? 62  PHE A C   1 
ATOM   366  O  O   . PHE A 1 70  ? 7.367   12.762  -0.766  1.00 21.75 ? 62  PHE A O   1 
ATOM   367  C  CB  . PHE A 1 70  ? 5.611   10.467  -0.667  1.00 21.00 ? 62  PHE A CB  1 
ATOM   368  C  CG  . PHE A 1 70  ? 4.673   9.556   0.082   1.00 19.12 ? 62  PHE A CG  1 
ATOM   369  C  CD1 . PHE A 1 70  ? 4.548   9.681   1.463   1.00 20.10 ? 62  PHE A CD1 1 
ATOM   370  C  CD2 . PHE A 1 70  ? 3.927   8.593   -0.591  1.00 22.98 ? 62  PHE A CD2 1 
ATOM   371  C  CE1 . PHE A 1 70  ? 3.712   8.875   2.170   1.00 19.16 ? 62  PHE A CE1 1 
ATOM   372  C  CE2 . PHE A 1 70  ? 3.037   7.774   0.107   1.00 24.04 ? 62  PHE A CE2 1 
ATOM   373  C  CZ  . PHE A 1 70  ? 2.920   7.907   1.502   1.00 23.01 ? 62  PHE A CZ  1 
ATOM   374  N  N   . ASP A 1 71  ? 6.021   13.654  -2.318  1.00 21.30 ? 63  ASP A N   1 
ATOM   375  C  CA  . ASP A 1 71  ? 7.004   14.635  -2.812  1.00 22.44 ? 63  ASP A CA  1 
ATOM   376  C  C   . ASP A 1 71  ? 8.423   14.096  -2.963  1.00 22.93 ? 63  ASP A C   1 
ATOM   377  O  O   . ASP A 1 71  ? 9.358   14.575  -2.301  1.00 21.97 ? 63  ASP A O   1 
ATOM   378  C  CB  . ASP A 1 71  ? 7.030   15.861  -1.898  1.00 22.24 ? 63  ASP A CB  1 
ATOM   379  C  CG  . ASP A 1 71  ? 7.829   16.982  -2.471  1.00 23.69 ? 63  ASP A CG  1 
ATOM   380  O  OD1 . ASP A 1 71  ? 7.742   17.195  -3.694  1.00 26.87 ? 63  ASP A OD1 1 
ATOM   381  O  OD2 . ASP A 1 71  ? 8.600   17.668  -1.798  1.00 25.82 ? 63  ASP A OD2 1 
ATOM   382  N  N   . GLN A 1 72  ? 8.560   13.085  -3.828  1.00 23.70 ? 64  GLN A N   1 
ATOM   383  C  CA  . GLN A 1 72  ? 9.813   12.372  -4.066  1.00 24.14 ? 64  GLN A CA  1 
ATOM   384  C  C   . GLN A 1 72  ? 10.286  12.713  -5.464  1.00 25.34 ? 64  GLN A C   1 
ATOM   385  O  O   . GLN A 1 72  ? 9.471   13.138  -6.284  1.00 25.81 ? 64  GLN A O   1 
ATOM   386  C  CB  . GLN A 1 72  ? 9.572   10.861  -3.942  1.00 25.09 ? 64  GLN A CB  1 
ATOM   387  C  CG  . GLN A 1 72  ? 9.110   10.461  -2.570  1.00 24.07 ? 64  GLN A CG  1 
ATOM   388  C  CD  . GLN A 1 72  ? 10.183  10.628  -1.571  1.00 27.37 ? 64  GLN A CD  1 
ATOM   389  O  OE1 . GLN A 1 72  ? 11.172  9.904   -1.625  1.00 31.72 ? 64  GLN A OE1 1 
ATOM   390  N  NE2 . GLN A 1 72  ? 10.028  11.582  -0.647  1.00 24.21 ? 64  GLN A NE2 1 
ATOM   391  N  N   . GLY A 1 73  ? 11.596  12.569  -5.703  1.00 26.36 ? 65  GLY A N   1 
ATOM   392  C  CA  . GLY A 1 73  ? 12.215  12.785  -7.016  1.00 26.65 ? 65  GLY A CA  1 
ATOM   393  C  C   . GLY A 1 73  ? 12.312  11.527  -7.884  1.00 27.38 ? 65  GLY A C   1 
ATOM   394  O  O   . GLY A 1 73  ? 11.588  10.579  -7.657  1.00 29.49 ? 65  GLY A O   1 
ATOM   395  N  N   . LEU A 1 74  ? 13.205  11.528  -8.865  1.00 26.48 ? 66  LEU A N   1 
ATOM   396  C  CA  . LEU A 1 74  ? 13.296  10.437  -9.835  1.00 27.17 ? 66  LEU A CA  1 
ATOM   397  C  C   . LEU A 1 74  ? 13.991  9.216   -9.288  1.00 26.59 ? 66  LEU A C   1 
ATOM   398  O  O   . LEU A 1 74  ? 15.119  9.303   -8.786  1.00 26.31 ? 66  LEU A O   1 
ATOM   399  C  CB  . LEU A 1 74  ? 14.069  10.891  -11.069 1.00 27.77 ? 66  LEU A CB  1 
ATOM   400  C  CG  . LEU A 1 74  ? 13.419  11.960  -11.940 1.00 28.57 ? 66  LEU A CG  1 
ATOM   401  C  CD1 . LEU A 1 74  ? 14.364  12.295  -13.036 1.00 30.00 ? 66  LEU A CD1 1 
ATOM   402  C  CD2 . LEU A 1 74  ? 12.068  11.478  -12.515 1.00 27.84 ? 66  LEU A CD2 1 
ATOM   403  N  N   . GLY A 1 75  ? 13.323  8.071   -9.370  1.00 25.25 ? 67  GLY A N   1 
ATOM   404  C  CA  . GLY A 1 75  ? 13.926  6.802   -9.047  1.00 25.38 ? 67  GLY A CA  1 
ATOM   405  C  C   . GLY A 1 75  ? 13.841  6.472   -7.575  1.00 26.45 ? 67  GLY A C   1 
ATOM   406  O  O   . GLY A 1 75  ? 14.224  5.361   -7.162  1.00 27.26 ? 67  GLY A O   1 
ATOM   407  N  N   . ASP A 1 76  ? 13.243  7.379   -6.802  1.00 25.70 ? 68  ASP A N   1 
ATOM   408  C  CA  . ASP A 1 76  ? 13.136  7.233   -5.353  1.00 26.29 ? 68  ASP A CA  1 
ATOM   409  C  C   . ASP A 1 76  ? 12.160  6.139   -4.925  1.00 24.22 ? 68  ASP A C   1 
ATOM   410  O  O   . ASP A 1 76  ? 12.288  5.631   -3.807  1.00 24.15 ? 68  ASP A O   1 
ATOM   411  C  CB  . ASP A 1 76  ? 12.715  8.567   -4.689  1.00 26.26 ? 68  ASP A CB  1 
ATOM   412  C  CG  . ASP A 1 76  ? 13.816  9.562   -4.625  1.00 29.85 ? 68  ASP A CG  1 
ATOM   413  O  OD1 . ASP A 1 76  ? 14.958  9.148   -4.383  1.00 32.19 ? 68  ASP A OD1 1 
ATOM   414  O  OD2 . ASP A 1 76  ? 13.636  10.799  -4.761  1.00 35.99 ? 68  ASP A OD2 1 
ATOM   415  N  N   . MET A 1 77  ? 11.170  5.840   -5.782  1.00 24.35 ? 69  MET A N   1 
ATOM   416  C  CA  . MET A 1 77  ? 10.092  4.911   -5.463  1.00 23.34 ? 69  MET A CA  1 
ATOM   417  C  C   . MET A 1 77  ? 10.027  3.766   -6.501  1.00 21.34 ? 69  MET A C   1 
ATOM   418  O  O   . MET A 1 77  ? 10.155  4.019   -7.703  1.00 21.50 ? 69  MET A O   1 
ATOM   419  C  CB  . MET A 1 77  ? 8.755   5.674   -5.411  1.00 23.85 ? 69  MET A CB  1 
ATOM   420  C  CG  . MET A 1 77  ? 8.689   6.762   -4.292  1.00 30.37 ? 69  MET A CG  1 
ATOM   421  S  SD  . MET A 1 77  ? 7.019   7.444   -3.987  1.00 41.62 ? 69  MET A SD  1 
ATOM   422  C  CE  . MET A 1 77  ? 6.149   6.452   -5.013  1.00 36.67 ? 69  MET A CE  1 
ATOM   423  N  N   . PHE A 1 78  ? 9.861   2.529   -6.011  1.00 18.13 ? 70  PHE A N   1 
ATOM   424  C  CA  . PHE A 1 78  ? 9.586   1.343   -6.813  1.00 17.13 ? 70  PHE A CA  1 
ATOM   425  C  C   . PHE A 1 78  ? 8.123   1.094   -6.574  1.00 16.78 ? 70  PHE A C   1 
ATOM   426  O  O   . PHE A 1 78  ? 7.697   0.867   -5.448  1.00 17.09 ? 70  PHE A O   1 
ATOM   427  C  CB  . PHE A 1 78  ? 10.501  0.198   -6.333  1.00 15.96 ? 70  PHE A CB  1 
ATOM   428  C  CG  . PHE A 1 78  ? 10.332  -1.134  -7.035  1.00 16.71 ? 70  PHE A CG  1 
ATOM   429  C  CD1 . PHE A 1 78  ? 11.239  -1.537  -8.033  1.00 18.58 ? 70  PHE A CD1 1 
ATOM   430  C  CD2 . PHE A 1 78  ? 9.305   -2.029  -6.657  1.00 15.48 ? 70  PHE A CD2 1 
ATOM   431  C  CE1 . PHE A 1 78  ? 11.142  -2.754  -8.631  1.00 18.14 ? 70  PHE A CE1 1 
ATOM   432  C  CE2 . PHE A 1 78  ? 9.197   -3.299  -7.261  1.00 16.66 ? 70  PHE A CE2 1 
ATOM   433  C  CZ  . PHE A 1 78  ? 10.129  -3.661  -8.268  1.00 18.44 ? 70  PHE A CZ  1 
ATOM   434  N  N   . VAL A 1 79  ? 7.313   1.194   -7.631  1.00 17.19 ? 71  VAL A N   1 
ATOM   435  C  CA  . VAL A 1 79  ? 5.873   1.240   -7.513  1.00 17.26 ? 71  VAL A CA  1 
ATOM   436  C  C   . VAL A 1 79  ? 5.204   0.062   -8.189  1.00 17.49 ? 71  VAL A C   1 
ATOM   437  O  O   . VAL A 1 79  ? 5.344   -0.160  -9.404  1.00 17.64 ? 71  VAL A O   1 
ATOM   438  C  CB  . VAL A 1 79  ? 5.277   2.528   -8.120  1.00 17.28 ? 71  VAL A CB  1 
ATOM   439  C  CG1 . VAL A 1 79  ? 3.742   2.552   -7.865  1.00 17.38 ? 71  VAL A CG1 1 
ATOM   440  C  CG2 . VAL A 1 79  ? 5.958   3.782   -7.531  1.00 19.32 ? 71  VAL A CG2 1 
ATOM   441  N  N   . VAL A 1 80  ? 4.521   -0.726  -7.370  1.00 16.99 ? 72  VAL A N   1 
ATOM   442  C  CA  . VAL A 1 80  ? 3.661   -1.828  -7.823  1.00 16.43 ? 72  VAL A CA  1 
ATOM   443  C  C   . VAL A 1 80  ? 2.169   -1.410  -7.652  1.00 16.46 ? 72  VAL A C   1 
ATOM   444  O  O   . VAL A 1 80  ? 1.802   -0.839  -6.637  1.00 17.21 ? 72  VAL A O   1 
ATOM   445  C  CB  . VAL A 1 80  ? 3.995   -3.075  -6.970  1.00 17.05 ? 72  VAL A CB  1 
ATOM   446  C  CG1 . VAL A 1 80  ? 3.105   -4.270  -7.361  1.00 17.95 ? 72  VAL A CG1 1 
ATOM   447  C  CG2 . VAL A 1 80  ? 5.456   -3.392  -7.116  1.00 16.51 ? 72  VAL A CG2 1 
ATOM   448  N  N   . ARG A 1 81  ? 1.317   -1.640  -8.631  1.00 16.40 ? 73  ARG A N   1 
ATOM   449  C  CA  . ARG A 1 81  ? -0.084  -1.217  -8.580  1.00 16.39 ? 73  ARG A CA  1 
ATOM   450  C  C   . ARG A 1 81  ? -0.983  -2.270  -9.215  1.00 15.91 ? 73  ARG A C   1 
ATOM   451  O  O   . ARG A 1 81  ? -0.745  -2.679  -10.358 1.00 16.33 ? 73  ARG A O   1 
ATOM   452  C  CB  . ARG A 1 81  ? -0.285  0.088   -9.334  1.00 17.65 ? 73  ARG A CB  1 
ATOM   453  C  CG  . ARG A 1 81  ? -0.091  1.308   -8.525  1.00 19.45 ? 73  ARG A CG  1 
ATOM   454  C  CD  . ARG A 1 81  ? -0.470  2.595   -9.217  1.00 20.77 ? 73  ARG A CD  1 
ATOM   455  N  NE  . ARG A 1 81  ? 0.142   3.631   -8.430  1.00 21.59 ? 73  ARG A NE  1 
ATOM   456  C  CZ  . ARG A 1 81  ? -0.347  4.128   -7.317  1.00 26.05 ? 73  ARG A CZ  1 
ATOM   457  N  NH1 . ARG A 1 81  ? -1.536  3.738   -6.847  1.00 27.46 ? 73  ARG A NH1 1 
ATOM   458  N  NH2 . ARG A 1 81  ? 0.377   5.007   -6.622  1.00 28.02 ? 73  ARG A NH2 1 
ATOM   459  N  N   . THR A 1 82  ? -2.046  -2.661  -8.503  1.00 15.43 ? 74  THR A N   1 
ATOM   460  C  CA  . THR A 1 82  ? -3.103  -3.526  -9.074  1.00 16.18 ? 74  THR A CA  1 
ATOM   461  C  C   . THR A 1 82  ? -4.457  -3.026  -8.598  1.00 15.96 ? 74  THR A C   1 
ATOM   462  O  O   . THR A 1 82  ? -4.539  -2.272  -7.621  1.00 16.71 ? 74  THR A O   1 
ATOM   463  C  CB  . THR A 1 82  ? -2.936  -5.037  -8.656  1.00 16.34 ? 74  THR A CB  1 
ATOM   464  O  OG1 . THR A 1 82  ? -3.029  -5.159  -7.213  1.00 17.46 ? 74  THR A OG1 1 
ATOM   465  C  CG2 . THR A 1 82  ? -1.667  -5.640  -9.116  1.00 17.45 ? 74  THR A CG2 1 
ATOM   466  N  N   . ALA A 1 83  ? -5.530  -3.472  -9.259  1.00 16.93 ? 75  ALA A N   1 
ATOM   467  C  CA  . ALA A 1 83  ? -6.881  -3.087  -8.849  1.00 17.13 ? 75  ALA A CA  1 
ATOM   468  C  C   . ALA A 1 83  ? -7.202  -3.653  -7.472  1.00 17.78 ? 75  ALA A C   1 
ATOM   469  O  O   . ALA A 1 83  ? -7.105  -4.847  -7.251  1.00 18.64 ? 75  ALA A O   1 
ATOM   470  C  CB  . ALA A 1 83  ? -7.927  -3.541  -9.872  1.00 17.55 ? 75  ALA A CB  1 
ATOM   471  N  N   . GLY A 1 84  ? -7.516  -2.788  -6.516  1.00 17.51 ? 76  GLY A N   1 
ATOM   472  C  CA  . GLY A 1 84  ? -7.825  -3.251  -5.168  1.00 18.98 ? 76  GLY A CA  1 
ATOM   473  C  C   . GLY A 1 84  ? -6.682  -3.881  -4.389  1.00 19.32 ? 76  GLY A C   1 
ATOM   474  O  O   . GLY A 1 84  ? -6.940  -4.697  -3.498  1.00 20.34 ? 76  GLY A O   1 
ATOM   475  N  N   . HIS A 1 85  ? -5.438  -3.566  -4.729  1.00 19.12 ? 77  HIS A N   1 
ATOM   476  C  CA  . HIS A 1 85  ? -4.289  -4.197  -4.070  1.00 18.93 ? 77  HIS A CA  1 
ATOM   477  C  C   . HIS A 1 85  ? -4.294  -5.713  -4.145  1.00 20.38 ? 77  HIS A C   1 
ATOM   478  O  O   . HIS A 1 85  ? -3.718  -6.355  -3.268  1.00 21.29 ? 77  HIS A O   1 
ATOM   479  C  CB  . HIS A 1 85  ? -4.209  -3.825  -2.569  1.00 20.84 ? 77  HIS A CB  1 
ATOM   480  C  CG  . HIS A 1 85  ? -4.004  -2.368  -2.347  1.00 17.66 ? 77  HIS A CG  1 
ATOM   481  N  ND1 . HIS A 1 85  ? -5.029  -1.465  -2.291  1.00 20.40 ? 77  HIS A ND1 1 
ATOM   482  C  CD2 . HIS A 1 85  ? -2.866  -1.668  -2.145  1.00 21.64 ? 77  HIS A CD2 1 
ATOM   483  C  CE1 . HIS A 1 85  ? -4.537  -0.258  -2.079  1.00 18.38 ? 77  HIS A CE1 1 
ATOM   484  N  NE2 . HIS A 1 85  ? -3.217  -0.351  -2.029  1.00 21.77 ? 77  HIS A NE2 1 
ATOM   485  N  N   . VAL A 1 86  ? -4.887  -6.304  -5.167  1.00 19.62 ? 78  VAL A N   1 
ATOM   486  C  CA  . VAL A 1 86  ? -4.886  -7.764  -5.247  1.00 20.15 ? 78  VAL A CA  1 
ATOM   487  C  C   . VAL A 1 86  ? -3.490  -8.320  -5.543  1.00 20.15 ? 78  VAL A C   1 
ATOM   488  O  O   . VAL A 1 86  ? -2.718  -7.742  -6.305  1.00 17.73 ? 78  VAL A O   1 
ATOM   489  C  CB  . VAL A 1 86  ? -5.900  -8.294  -6.281  1.00 20.23 ? 78  VAL A CB  1 
ATOM   490  C  CG1 . VAL A 1 86  ? -7.293  -7.950  -5.740  1.00 21.02 ? 78  VAL A CG1 1 
ATOM   491  C  CG2 . VAL A 1 86  ? -5.650  -7.742  -7.727  1.00 21.53 ? 78  VAL A CG2 1 
ATOM   492  N  N   . ILE A 1 87  ? -3.205  -9.462  -4.917  1.00 20.06 ? 79  ILE A N   1 
ATOM   493  C  CA  . ILE A 1 87  ? -1.888  -10.064 -4.940  1.00 21.68 ? 79  ILE A CA  1 
ATOM   494  C  C   . ILE A 1 87  ? -2.007  -11.389 -5.668  1.00 22.67 ? 79  ILE A C   1 
ATOM   495  O  O   . ILE A 1 87  ? -2.845  -12.212 -5.299  1.00 23.18 ? 79  ILE A O   1 
ATOM   496  C  CB  . ILE A 1 87  ? -1.388  -10.275 -3.515  1.00 21.27 ? 79  ILE A CB  1 
ATOM   497  C  CG1 . ILE A 1 87  ? -1.155  -8.928  -2.814  1.00 23.26 ? 79  ILE A CG1 1 
ATOM   498  C  CG2 . ILE A 1 87  ? -0.083  -11.154 -3.455  1.00 21.92 ? 79  ILE A CG2 1 
ATOM   499  C  CD1 . ILE A 1 87  ? -1.010  -9.016  -1.286  1.00 25.80 ? 79  ILE A CD1 1 
ATOM   500  N  N   . ASP A 1 88  ? -1.147  -11.606 -6.655  1.00 22.02 ? 80  ASP A N   1 
ATOM   501  C  CA  . ASP A 1 88  ? -0.860  -12.945 -7.213  1.00 20.93 ? 80  ASP A CA  1 
ATOM   502  C  C   . ASP A 1 88  ? 0.674   -13.106 -7.294  1.00 20.46 ? 80  ASP A C   1 
ATOM   503  O  O   . ASP A 1 88  ? 1.410   -12.266 -6.757  1.00 19.36 ? 80  ASP A O   1 
ATOM   504  C  CB  . ASP A 1 88  ? -1.452  -13.087 -8.588  1.00 21.58 ? 80  ASP A CB  1 
ATOM   505  C  CG  . ASP A 1 88  ? -0.955  -12.010 -9.494  1.00 26.21 ? 80  ASP A CG  1 
ATOM   506  O  OD1 . ASP A 1 88  ? -1.640  -11.708 -10.489 1.00 28.58 ? 80  ASP A OD1 1 
ATOM   507  O  OD2 . ASP A 1 88  ? 0.152   -11.411 -9.317  1.00 27.52 ? 80  ASP A OD2 1 
ATOM   508  N  N   . SER A 1 89  ? 1.149   -14.198 -7.920  1.00 20.76 ? 81  SER A N   1 
ATOM   509  C  CA  . SER A 1 89  ? 2.603   -14.502 -7.909  1.00 22.66 ? 81  SER A CA  1 
ATOM   510  C  C   . SER A 1 89  ? 3.508   -13.413 -8.477  1.00 21.90 ? 81  SER A C   1 
ATOM   511  O  O   . SER A 1 89  ? 4.625   -13.169 -7.996  1.00 21.42 ? 81  SER A O   1 
ATOM   512  C  CB  . SER A 1 89  ? 2.826   -15.793 -8.689  1.00 23.73 ? 81  SER A CB  1 
ATOM   513  O  OG  . SER A 1 89  ? 2.338   -16.859 -7.896  1.00 29.78 ? 81  SER A OG  1 
ATOM   514  N  N   . ALA A 1 90  ? 3.047   -12.755 -9.535  1.00 21.89 ? 82  ALA A N   1 
ATOM   515  C  CA  . ALA A 1 90  ? 3.841   -11.701 -10.170 1.00 22.70 ? 82  ALA A CA  1 
ATOM   516  C  C   . ALA A 1 90  ? 3.895   -10.449 -9.341  1.00 22.07 ? 82  ALA A C   1 
ATOM   517  O  O   . ALA A 1 90  ? 4.900   -9.799  -9.290  1.00 21.52 ? 82  ALA A O   1 
ATOM   518  C  CB  . ALA A 1 90  ? 3.258   -11.372 -11.547 1.00 24.45 ? 82  ALA A CB  1 
ATOM   519  N  N   . VAL A 1 91  ? 2.793   -10.102 -8.693  1.00 22.50 ? 83  VAL A N   1 
ATOM   520  C  CA  . VAL A 1 91  ? 2.773   -8.992  -7.759  1.00 23.93 ? 83  VAL A CA  1 
ATOM   521  C  C   . VAL A 1 91  ? 3.744   -9.266  -6.595  1.00 21.51 ? 83  VAL A C   1 
ATOM   522  O  O   . VAL A 1 91  ? 4.584   -8.439  -6.249  1.00 20.88 ? 83  VAL A O   1 
ATOM   523  C  CB  . VAL A 1 91  ? 1.318   -8.746  -7.277  1.00 25.08 ? 83  VAL A CB  1 
ATOM   524  C  CG1 . VAL A 1 91  ? 1.245   -7.615  -6.295  1.00 30.00 ? 83  VAL A CG1 1 
ATOM   525  C  CG2 . VAL A 1 91  ? 0.427   -8.488  -8.484  1.00 28.89 ? 83  VAL A CG2 1 
ATOM   526  N  N   . LEU A 1 92  ? 3.634   -10.437 -5.993  1.00 20.22 ? 84  LEU A N   1 
ATOM   527  C  CA  . LEU A 1 92  ? 4.487   -10.803 -4.889  1.00 19.66 ? 84  LEU A CA  1 
ATOM   528  C  C   . LEU A 1 92  ? 5.944   -10.817 -5.273  1.00 18.43 ? 84  LEU A C   1 
ATOM   529  O  O   . LEU A 1 92  ? 6.802   -10.280 -4.542  1.00 18.98 ? 84  LEU A O   1 
ATOM   530  C  CB  . LEU A 1 92  ? 3.992   -12.118 -4.219  1.00 19.48 ? 84  LEU A CB  1 
ATOM   531  C  CG  . LEU A 1 92  ? 4.510   -12.442 -2.854  1.00 23.03 ? 84  LEU A CG  1 
ATOM   532  C  CD1 . LEU A 1 92  ? 4.426   -11.339 -1.845  1.00 24.28 ? 84  LEU A CD1 1 
ATOM   533  C  CD2 . LEU A 1 92  ? 3.782   -13.725 -2.376  1.00 28.50 ? 84  LEU A CD2 1 
ATOM   534  N  N   . GLY A 1 93  ? 6.268   -11.439 -6.404  1.00 17.67 ? 85  GLY A N   1 
ATOM   535  C  CA  . GLY A 1 93  ? 7.619   -11.459 -6.908  1.00 17.20 ? 85  GLY A CA  1 
ATOM   536  C  C   . GLY A 1 93  ? 8.170   -10.095 -7.192  1.00 17.30 ? 85  GLY A C   1 
ATOM   537  O  O   . GLY A 1 93  ? 9.337   -9.874  -6.999  1.00 17.27 ? 85  GLY A O   1 
ATOM   538  N  N   . SER A 1 94  ? 7.313   -9.159  -7.657  1.00 16.06 ? 86  SER A N   1 
ATOM   539  C  CA  . SER A 1 94  ? 7.753   -7.800  -7.861  1.00 17.02 ? 86  SER A CA  1 
ATOM   540  C  C   . SER A 1 94  ? 8.247   -7.142  -6.564  1.00 17.29 ? 86  SER A C   1 
ATOM   541  O  O   . SER A 1 94  ? 9.318   -6.527  -6.541  1.00 18.32 ? 86  SER A O   1 
ATOM   542  C  CB  . SER A 1 94  ? 6.640   -6.944  -8.483  1.00 17.44 ? 86  SER A CB  1 
ATOM   543  O  OG  . SER A 1 94  ? 6.358   -7.362  -9.812  1.00 16.99 ? 86  SER A OG  1 
ATOM   544  N  N   . ILE A 1 95  ? 7.455   -7.287  -5.502  1.00 17.54 ? 87  ILE A N   1 
ATOM   545  C  CA  . ILE A 1 95  ? 7.804   -6.711  -4.219  1.00 17.51 ? 87  ILE A CA  1 
ATOM   546  C  C   . ILE A 1 95  ? 9.058   -7.410  -3.616  1.00 17.66 ? 87  ILE A C   1 
ATOM   547  O  O   . ILE A 1 95  ? 10.014  -6.751  -3.174  1.00 18.15 ? 87  ILE A O   1 
ATOM   548  C  CB  . ILE A 1 95  ? 6.573   -6.702  -3.269  1.00 16.57 ? 87  ILE A CB  1 
ATOM   549  C  CG1 . ILE A 1 95  ? 5.398   -5.898  -3.870  1.00 18.09 ? 87  ILE A CG1 1 
ATOM   550  C  CG2 . ILE A 1 95  ? 6.979   -6.250  -1.864  1.00 17.86 ? 87  ILE A CG2 1 
ATOM   551  C  CD1 . ILE A 1 95  ? 4.090   -6.054  -3.121  1.00 21.15 ? 87  ILE A CD1 1 
ATOM   552  N  N   . GLU A 1 96  ? 9.112   -8.750  -3.742  1.00 17.78 ? 88  GLU A N   1 
ATOM   553  C  CA  . GLU A 1 96  ? 10.236  -9.532  -3.268  1.00 18.13 ? 88  GLU A CA  1 
ATOM   554  C  C   . GLU A 1 96  ? 11.519  -9.181  -4.003  1.00 18.16 ? 88  GLU A C   1 
ATOM   555  O  O   . GLU A 1 96  ? 12.568  -9.057  -3.394  1.00 18.95 ? 88  GLU A O   1 
ATOM   556  C  CB  . GLU A 1 96  ? 9.934   -11.038 -3.398  1.00 18.18 ? 88  GLU A CB  1 
ATOM   557  C  CG  . GLU A 1 96  ? 10.651  -11.910 -2.426  1.00 21.98 ? 88  GLU A CG  1 
ATOM   558  C  CD  . GLU A 1 96  ? 10.132  -13.331 -2.494  1.00 22.08 ? 88  GLU A CD  1 
ATOM   559  O  OE1 . GLU A 1 96  ? 9.192   -13.737 -1.768  1.00 20.22 ? 88  GLU A OE1 1 
ATOM   560  O  OE2 . GLU A 1 96  ? 10.708  -14.008 -3.304  1.00 24.58 ? 88  GLU A OE2 1 
ATOM   561  N  N   . TYR A 1 97  ? 11.409  -8.918  -5.301  1.00 17.96 ? 89  TYR A N   1 
ATOM   562  C  CA  . TYR A 1 97  ? 12.541  -8.445  -6.088  1.00 17.98 ? 89  TYR A CA  1 
ATOM   563  C  C   . TYR A 1 97  ? 13.122  -7.129  -5.566  1.00 16.80 ? 89  TYR A C   1 
ATOM   564  O  O   . TYR A 1 97  ? 14.351  -6.996  -5.428  1.00 17.29 ? 89  TYR A O   1 
ATOM   565  C  CB  . TYR A 1 97  ? 12.129  -8.361  -7.561  1.00 18.80 ? 89  TYR A CB  1 
ATOM   566  C  CG  . TYR A 1 97  ? 13.110  -7.632  -8.466  1.00 19.90 ? 89  TYR A CG  1 
ATOM   567  C  CD1 . TYR A 1 97  ? 14.152  -8.297  -9.085  1.00 25.07 ? 89  TYR A CD1 1 
ATOM   568  C  CD2 . TYR A 1 97  ? 12.992  -6.261  -8.675  1.00 21.04 ? 89  TYR A CD2 1 
ATOM   569  C  CE1 . TYR A 1 97  ? 15.040  -7.616  -9.885  1.00 25.49 ? 89  TYR A CE1 1 
ATOM   570  C  CE2 . TYR A 1 97  ? 13.857  -5.581  -9.456  1.00 22.96 ? 89  TYR A CE2 1 
ATOM   571  C  CZ  . TYR A 1 97  ? 14.868  -6.268  -10.096 1.00 25.16 ? 89  TYR A CZ  1 
ATOM   572  O  OH  . TYR A 1 97  ? 15.756  -5.611  -10.884 1.00 27.75 ? 89  TYR A OH  1 
ATOM   573  N  N   . ALA A 1 98  ? 12.267  -6.159  -5.235  1.00 17.48 ? 90  ALA A N   1 
ATOM   574  C  CA  . ALA A 1 98  ? 12.763  -4.882  -4.730  1.00 17.44 ? 90  ALA A CA  1 
ATOM   575  C  C   . ALA A 1 98  ? 13.492  -5.082  -3.398  1.00 18.83 ? 90  ALA A C   1 
ATOM   576  O  O   . ALA A 1 98  ? 14.506  -4.467  -3.130  1.00 17.58 ? 90  ALA A O   1 
ATOM   577  C  CB  . ALA A 1 98  ? 11.595  -3.909  -4.549  1.00 17.43 ? 90  ALA A CB  1 
ATOM   578  N  N   . VAL A 1 99  ? 12.971  -5.969  -2.565  1.00 18.81 ? 91  VAL A N   1 
ATOM   579  C  CA  . VAL A 1 99  ? 13.544  -6.197  -1.244  1.00 21.22 ? 91  VAL A CA  1 
ATOM   580  C  C   . VAL A 1 99  ? 14.858  -7.002  -1.292  1.00 21.02 ? 91  VAL A C   1 
ATOM   581  O  O   . VAL A 1 99  ? 15.816  -6.668  -0.600  1.00 21.40 ? 91  VAL A O   1 
ATOM   582  C  CB  . VAL A 1 99  ? 12.471  -6.919  -0.364  1.00 19.80 ? 91  VAL A CB  1 
ATOM   583  C  CG1 . VAL A 1 99  ? 13.119  -7.651  0.819   1.00 22.86 ? 91  VAL A CG1 1 
ATOM   584  C  CG2 . VAL A 1 99  ? 11.432  -5.908  0.056   1.00 22.28 ? 91  VAL A CG2 1 
ATOM   585  N  N   . THR A 1 100 ? 14.892  -8.072  -2.081  1.00 21.49 ? 92  THR A N   1 
ATOM   586  C  CA  . THR A 1 100 ? 16.029  -8.992  -2.092  1.00 22.38 ? 92  THR A CA  1 
ATOM   587  C  C   . THR A 1 100 ? 17.127  -8.596  -3.077  1.00 22.51 ? 92  THR A C   1 
ATOM   588  O  O   . THR A 1 100 ? 18.303  -8.844  -2.818  1.00 24.78 ? 92  THR A O   1 
ATOM   589  C  CB  . THR A 1 100 ? 15.590  -10.445 -2.389  1.00 21.83 ? 92  THR A CB  1 
ATOM   590  O  OG1 . THR A 1 100 ? 15.052  -10.541 -3.717  1.00 23.50 ? 92  THR A OG1 1 
ATOM   591  C  CG2 . THR A 1 100 ? 14.493  -10.920 -1.433  1.00 24.53 ? 92  THR A CG2 1 
ATOM   592  N  N   . VAL A 1 101 ? 16.753  -8.091  -4.238  1.00 22.37 ? 93  VAL A N   1 
ATOM   593  C  CA  . VAL A 1 101 ? 17.710  -7.676  -5.259  1.00 23.47 ? 93  VAL A CA  1 
ATOM   594  C  C   . VAL A 1 101 ? 18.116  -6.234  -5.092  1.00 23.32 ? 93  VAL A C   1 
ATOM   595  O  O   . VAL A 1 101 ? 19.308  -5.907  -5.130  1.00 22.14 ? 93  VAL A O   1 
ATOM   596  C  CB  . VAL A 1 101 ? 17.169  -7.982  -6.681  1.00 23.93 ? 93  VAL A CB  1 
ATOM   597  C  CG1 . VAL A 1 101 ? 18.138  -7.530  -7.772  1.00 26.81 ? 93  VAL A CG1 1 
ATOM   598  C  CG2 . VAL A 1 101 ? 16.903  -9.474  -6.790  1.00 26.22 ? 93  VAL A CG2 1 
ATOM   599  N  N   . LEU A 1 102 ? 17.142  -5.350  -4.883  1.00 22.34 ? 94  LEU A N   1 
ATOM   600  C  CA  . LEU A 1 102 ? 17.458  -3.928  -4.826  1.00 22.26 ? 94  LEU A CA  1 
ATOM   601  C  C   . LEU A 1 102 ? 17.710  -3.464  -3.369  1.00 21.30 ? 94  LEU A C   1 
ATOM   602  O  O   . LEU A 1 102 ? 18.046  -2.324  -3.148  1.00 22.53 ? 94  LEU A O   1 
ATOM   603  C  CB  . LEU A 1 102 ? 16.368  -3.090  -5.485  1.00 22.61 ? 94  LEU A CB  1 
ATOM   604  C  CG  . LEU A 1 102 ? 16.130  -3.406  -6.966  1.00 24.48 ? 94  LEU A CG  1 
ATOM   605  C  CD1 . LEU A 1 102 ? 15.000  -2.536  -7.467  1.00 25.64 ? 94  LEU A CD1 1 
ATOM   606  C  CD2 . LEU A 1 102 ? 17.388  -3.227  -7.842  1.00 24.56 ? 94  LEU A CD2 1 
ATOM   607  N  N   . ASN A 1 103 ? 17.531  -4.360  -2.402  1.00 20.79 ? 95  ASN A N   1 
ATOM   608  C  CA  . ASN A 1 103 ? 17.739  -4.073  -0.980  1.00 20.56 ? 95  ASN A CA  1 
ATOM   609  C  C   . ASN A 1 103 ? 16.913  -2.914  -0.447  1.00 19.79 ? 95  ASN A C   1 
ATOM   610  O  O   . ASN A 1 103 ? 17.332  -2.218  0.463   1.00 17.89 ? 95  ASN A O   1 
ATOM   611  C  CB  . ASN A 1 103 ? 19.222  -3.864  -0.688  1.00 22.39 ? 95  ASN A CB  1 
ATOM   612  C  CG  . ASN A 1 103 ? 20.013  -5.123  -0.854  1.00 27.70 ? 95  ASN A CG  1 
ATOM   613  O  OD1 . ASN A 1 103 ? 19.615  -6.195  -0.328  1.00 33.52 ? 95  ASN A OD1 1 
ATOM   614  N  ND2 . ASN A 1 103 ? 21.143  -5.034  -1.573  1.00 32.87 ? 95  ASN A ND2 1 
ATOM   615  N  N   . VAL A 1 104 ? 15.713  -2.718  -0.995  1.00 17.78 ? 96  VAL A N   1 
ATOM   616  C  CA  . VAL A 1 104 ? 14.851  -1.650  -0.504  1.00 18.45 ? 96  VAL A CA  1 
ATOM   617  C  C   . VAL A 1 104 ? 14.381  -1.920  0.938   1.00 18.61 ? 96  VAL A C   1 
ATOM   618  O  O   . VAL A 1 104 ? 13.938  -3.023  1.245   1.00 20.98 ? 96  VAL A O   1 
ATOM   619  C  CB  . VAL A 1 104 ? 13.646  -1.457  -1.427  1.00 16.78 ? 96  VAL A CB  1 
ATOM   620  C  CG1 . VAL A 1 104 ? 12.700  -0.387  -0.897  1.00 20.28 ? 96  VAL A CG1 1 
ATOM   621  C  CG2 . VAL A 1 104 ? 14.088  -1.073  -2.842  1.00 20.28 ? 96  VAL A CG2 1 
ATOM   622  N  N   . PRO A 1 105 ? 14.486  -0.948  1.822   1.00 18.91 ? 97  PRO A N   1 
ATOM   623  C  CA  . PRO A 1 105 ? 14.234  -1.173  3.250   1.00 18.34 ? 97  PRO A CA  1 
ATOM   624  C  C   . PRO A 1 105 ? 12.806  -0.957  3.756   1.00 18.37 ? 97  PRO A C   1 
ATOM   625  O  O   . PRO A 1 105 ? 12.585  -1.194  4.944   1.00 17.71 ? 97  PRO A O   1 
ATOM   626  C  CB  . PRO A 1 105 ? 15.175  -0.183  3.903   1.00 19.09 ? 97  PRO A CB  1 
ATOM   627  C  CG  . PRO A 1 105 ? 15.198  0.990   2.935   1.00 19.69 ? 97  PRO A CG  1 
ATOM   628  C  CD  . PRO A 1 105 ? 15.049  0.402   1.581   1.00 19.08 ? 97  PRO A CD  1 
ATOM   629  N  N   . LEU A 1 106 ? 11.850  -0.577  2.889   1.00 17.33 ? 98  LEU A N   1 
ATOM   630  C  CA  . LEU A 1 106 ? 10.529  -0.204  3.366   1.00 17.00 ? 98  LEU A CA  1 
ATOM   631  C  C   . LEU A 1 106 ? 9.501   -0.534  2.297   1.00 16.61 ? 98  LEU A C   1 
ATOM   632  O  O   . LEU A 1 106 ? 9.697   -0.201  1.145   1.00 17.43 ? 98  LEU A O   1 
ATOM   633  C  CB  . LEU A 1 106 ? 10.449  1.292   3.670   1.00 17.09 ? 98  LEU A CB  1 
ATOM   634  C  CG  . LEU A 1 106 ? 9.106   1.837   4.178   1.00 17.79 ? 98  LEU A CG  1 
ATOM   635  C  CD1 . LEU A 1 106 ? 8.812   1.282   5.567   1.00 18.77 ? 98  LEU A CD1 1 
ATOM   636  C  CD2 . LEU A 1 106 ? 9.124   3.362   4.191   1.00 20.05 ? 98  LEU A CD2 1 
ATOM   637  N  N   . ILE A 1 107 ? 8.435   -1.219  2.699   1.00 17.05 ? 99  ILE A N   1 
ATOM   638  C  CA  . ILE A 1 107 ? 7.268   -1.434  1.861   1.00 16.42 ? 99  ILE A CA  1 
ATOM   639  C  C   . ILE A 1 107 ? 6.111   -0.595  2.453   1.00 16.48 ? 99  ILE A C   1 
ATOM   640  O  O   . ILE A 1 107 ? 5.844   -0.660  3.657   1.00 17.78 ? 99  ILE A O   1 
ATOM   641  C  CB  . ILE A 1 107 ? 6.829   -2.921  1.791   1.00 17.23 ? 99  ILE A CB  1 
ATOM   642  C  CG1 . ILE A 1 107 ? 7.944   -3.797  1.195   1.00 15.80 ? 99  ILE A CG1 1 
ATOM   643  C  CG2 . ILE A 1 107 ? 5.521   -3.012  1.053   1.00 16.81 ? 99  ILE A CG2 1 
ATOM   644  C  CD1 . ILE A 1 107 ? 7.808   -5.301  1.510   1.00 18.85 ? 99  ILE A CD1 1 
ATOM   645  N  N   . VAL A 1 108 ? 5.429   0.145   1.604   1.00 15.96 ? 100 VAL A N   1 
ATOM   646  C  CA  . VAL A 1 108 ? 4.255   0.925   2.007   1.00 16.54 ? 100 VAL A CA  1 
ATOM   647  C  C   . VAL A 1 108 ? 3.058   0.371   1.255   1.00 16.76 ? 100 VAL A C   1 
ATOM   648  O  O   . VAL A 1 108 ? 2.998   0.478   0.044   1.00 17.85 ? 100 VAL A O   1 
ATOM   649  C  CB  . VAL A 1 108 ? 4.389   2.402   1.613   1.00 17.16 ? 100 VAL A CB  1 
ATOM   650  C  CG1 . VAL A 1 108 ? 3.104   3.192   1.974   1.00 18.62 ? 100 VAL A CG1 1 
ATOM   651  C  CG2 . VAL A 1 108 ? 5.574   2.984   2.238   1.00 17.74 ? 100 VAL A CG2 1 
ATOM   652  N  N   . VAL A 1 109 ? 2.090   -0.209  1.953   1.00 15.96 ? 101 VAL A N   1 
ATOM   653  C  CA  . VAL A 1 109 ? 0.822   -0.528  1.336   1.00 17.10 ? 101 VAL A CA  1 
ATOM   654  C  C   . VAL A 1 109 ? -0.063  0.734   1.411   1.00 17.96 ? 101 VAL A C   1 
ATOM   655  O  O   . VAL A 1 109 ? -0.445  1.130   2.504   1.00 17.35 ? 101 VAL A O   1 
ATOM   656  C  CB  . VAL A 1 109 ? 0.170   -1.731  2.014   1.00 16.82 ? 101 VAL A CB  1 
ATOM   657  C  CG1 . VAL A 1 109 ? -1.183  -2.085  1.358   1.00 17.61 ? 101 VAL A CG1 1 
ATOM   658  C  CG2 . VAL A 1 109 ? 1.122   -2.957  1.962   1.00 17.67 ? 101 VAL A CG2 1 
ATOM   659  N  N   . LEU A 1 110 ? -0.405  1.344   0.252   1.00 17.35 ? 102 LEU A N   1 
ATOM   660  C  CA  . LEU A 1 110 ? -0.992  2.667   0.248   1.00 17.86 ? 102 LEU A CA  1 
ATOM   661  C  C   . LEU A 1 110 ? -2.438  2.596   -0.200  1.00 17.85 ? 102 LEU A C   1 
ATOM   662  O  O   . LEU A 1 110 ? -2.708  2.328   -1.391  1.00 18.50 ? 102 LEU A O   1 
ATOM   663  C  CB  . LEU A 1 110 ? -0.201  3.580   -0.677  1.00 18.79 ? 102 LEU A CB  1 
ATOM   664  C  CG  . LEU A 1 110 ? -0.608  5.025   -0.815  1.00 18.89 ? 102 LEU A CG  1 
ATOM   665  C  CD1 . LEU A 1 110 ? -0.536  5.788   0.530   1.00 20.74 ? 102 LEU A CD1 1 
ATOM   666  C  CD2 . LEU A 1 110 ? 0.255   5.639   -1.877  1.00 18.70 ? 102 LEU A CD2 1 
ATOM   667  N  N   . GLY A 1 111 ? -3.360  2.876   0.713   1.00 18.43 ? 103 GLY A N   1 
ATOM   668  C  CA  . GLY A 1 111 ? -4.787  2.930   0.385   1.00 19.21 ? 103 GLY A CA  1 
ATOM   669  C  C   . GLY A 1 111 ? -5.290  4.356   0.187   1.00 19.70 ? 103 GLY A C   1 
ATOM   670  O  O   . GLY A 1 111 ? -4.589  5.344   0.454   1.00 21.13 ? 103 GLY A O   1 
ATOM   671  N  N   . HIS A 1 112 ? -6.532  4.463   -0.272  1.00 20.30 ? 104 HIS A N   1 
ATOM   672  C  CA  . HIS A 1 112 ? -7.106  5.735   -0.717  1.00 19.43 ? 104 HIS A CA  1 
ATOM   673  C  C   . HIS A 1 112 ? -8.614  5.746   -0.551  1.00 20.90 ? 104 HIS A C   1 
ATOM   674  O  O   . HIS A 1 112 ? -9.256  4.687   -0.472  1.00 18.91 ? 104 HIS A O   1 
ATOM   675  C  CB  . HIS A 1 112 ? -6.710  6.073   -2.179  1.00 19.84 ? 104 HIS A CB  1 
ATOM   676  C  CG  . HIS A 1 112 ? -7.384  5.228   -3.239  1.00 18.47 ? 104 HIS A CG  1 
ATOM   677  N  ND1 . HIS A 1 112 ? -8.081  5.791   -4.287  1.00 18.77 ? 104 HIS A ND1 1 
ATOM   678  C  CD2 . HIS A 1 112 ? -7.430  3.874   -3.449  1.00 17.01 ? 104 HIS A CD2 1 
ATOM   679  C  CE1 . HIS A 1 112 ? -8.563  4.831   -5.065  1.00 20.08 ? 104 HIS A CE1 1 
ATOM   680  N  NE2 . HIS A 1 112 ? -8.213  3.657   -4.569  1.00 17.06 ? 104 HIS A NE2 1 
ATOM   681  N  N   . ASP A 1 113 ? -9.166  6.971   -0.524  1.00 22.05 ? 105 ASP A N   1 
ATOM   682  C  CA  . ASP A 1 113 ? -10.598 7.179   -0.479  1.00 23.12 ? 105 ASP A CA  1 
ATOM   683  C  C   . ASP A 1 113 ? -11.364 6.829   -1.778  1.00 22.80 ? 105 ASP A C   1 
ATOM   684  O  O   . ASP A 1 113 ? -10.823 6.889   -2.898  1.00 22.06 ? 105 ASP A O   1 
ATOM   685  C  CB  . ASP A 1 113 ? -10.927 8.610   -0.011  1.00 23.55 ? 105 ASP A CB  1 
ATOM   686  C  CG  . ASP A 1 113 ? -10.568 9.659   -1.035  1.00 27.81 ? 105 ASP A CG  1 
ATOM   687  O  OD1 . ASP A 1 113 ? -9.395  9.691   -1.499  1.00 29.13 ? 105 ASP A OD1 1 
ATOM   688  O  OD2 . ASP A 1 113 ? -11.406 10.516  -1.455  1.00 30.09 ? 105 ASP A OD2 1 
ATOM   689  N  N   . SER A 1 114 ? -12.630 6.474   -1.599  1.00 23.02 ? 106 SER A N   1 
ATOM   690  C  CA  . SER A 1 114 ? -13.545 6.189   -2.692  1.00 23.55 ? 106 SER A CA  1 
ATOM   691  C  C   . SER A 1 114 ? -12.956 5.187   -3.688  1.00 22.62 ? 106 SER A C   1 
ATOM   692  O  O   . SER A 1 114 ? -12.949 5.404   -4.906  1.00 22.63 ? 106 SER A O   1 
ATOM   693  C  CB  . SER A 1 114 ? -13.942 7.488   -3.379  1.00 24.91 ? 106 SER A CB  1 
ATOM   694  O  OG  . SER A 1 114 ? -14.805 8.192   -2.511  1.00 27.36 ? 106 SER A OG  1 
ATOM   695  N  N   . CYS A 1 115 ? -12.429 4.096   -3.151  1.00 21.38 ? 107 CYS A N   1 
ATOM   696  C  CA  . CYS A 1 115 ? -11.841 3.059   -3.976  1.00 21.62 ? 107 CYS A CA  1 
ATOM   697  C  C   . CYS A 1 115 ? -12.930 2.309   -4.743  1.00 20.79 ? 107 CYS A C   1 
ATOM   698  O  O   . CYS A 1 115 ? -13.797 1.657   -4.139  1.00 21.79 ? 107 CYS A O   1 
ATOM   699  C  CB  . CYS A 1 115 ? -11.055 2.060   -3.118  1.00 22.10 ? 107 CYS A CB  1 
ATOM   700  S  SG  . CYS A 1 115 ? -10.266 0.736   -4.110  1.00 21.07 ? 107 CYS A SG  1 
ATOM   701  N  N   . GLY A 1 116 ? -12.894 2.390   -6.076  1.00 21.50 ? 108 GLY A N   1 
ATOM   702  C  CA  . GLY A 1 116 ? -13.874 1.692   -6.876  1.00 22.29 ? 108 GLY A CA  1 
ATOM   703  C  C   . GLY A 1 116 ? -13.774 0.185   -6.835  1.00 22.58 ? 108 GLY A C   1 
ATOM   704  O  O   . GLY A 1 116 ? -14.798 -0.477  -6.886  1.00 23.14 ? 108 GLY A O   1 
ATOM   705  N  N   . ALA A 1 117 ? -12.560 -0.383  -6.743  1.00 21.49 ? 109 ALA A N   1 
ATOM   706  C  CA  . ALA A 1 117 ? -12.429 -1.821  -6.664  1.00 21.99 ? 109 ALA A CA  1 
ATOM   707  C  C   . ALA A 1 117 ? -13.104 -2.376  -5.409  1.00 23.27 ? 109 ALA A C   1 
ATOM   708  O  O   . ALA A 1 117 ? -13.754 -3.413  -5.434  1.00 23.12 ? 109 ALA A O   1 
ATOM   709  C  CB  . ALA A 1 117 ? -10.954 -2.224  -6.680  1.00 23.24 ? 109 ALA A CB  1 
ATOM   710  N  N   . VAL A 1 118 ? -12.934 -1.684  -4.293  1.00 22.91 ? 110 VAL A N   1 
ATOM   711  C  CA  . VAL A 1 118 ? -13.593 -2.122  -3.067  1.00 23.87 ? 110 VAL A CA  1 
ATOM   712  C  C   . VAL A 1 118 ? -15.128 -2.030  -3.238  1.00 24.51 ? 110 VAL A C   1 
ATOM   713  O  O   . VAL A 1 118 ? -15.868 -2.946  -2.847  1.00 25.37 ? 110 VAL A O   1 
ATOM   714  C  CB  . VAL A 1 118 ? -13.039 -1.348  -1.841  1.00 23.14 ? 110 VAL A CB  1 
ATOM   715  C  CG1 . VAL A 1 118 ? -13.887 -1.585  -0.630  1.00 23.63 ? 110 VAL A CG1 1 
ATOM   716  C  CG2 . VAL A 1 118 ? -11.594 -1.768  -1.593  1.00 23.11 ? 110 VAL A CG2 1 
ATOM   717  N  N   . ASN A 1 119 ? -15.609 -0.968  -3.877  1.00 25.58 ? 111 ASN A N   1 
ATOM   718  C  CA  . ASN A 1 119 ? -17.044 -0.822  -4.129  1.00 26.65 ? 111 ASN A CA  1 
ATOM   719  C  C   . ASN A 1 119 ? -17.587 -1.938  -5.046  1.00 26.84 ? 111 ASN A C   1 
ATOM   720  O  O   . ASN A 1 119 ? -18.703 -2.411  -4.851  1.00 26.09 ? 111 ASN A O   1 
ATOM   721  C  CB  . ASN A 1 119 ? -17.364 0.582   -4.692  1.00 27.65 ? 111 ASN A CB  1 
ATOM   722  C  CG  . ASN A 1 119 ? -18.810 0.960   -4.521  1.00 30.54 ? 111 ASN A CG  1 
ATOM   723  O  OD1 . ASN A 1 119 ? -19.498 1.231   -5.496  1.00 37.33 ? 111 ASN A OD1 1 
ATOM   724  N  ND2 . ASN A 1 119 ? -19.297 0.935   -3.294  1.00 34.97 ? 111 ASN A ND2 1 
ATOM   725  N  N   . ALA A 1 120 ? -16.778 -2.371  -6.016  1.00 27.13 ? 112 ALA A N   1 
ATOM   726  C  CA  . ALA A 1 120 ? -17.131 -3.471  -6.905  1.00 27.79 ? 112 ALA A CA  1 
ATOM   727  C  C   . ALA A 1 120 ? -17.238 -4.821  -6.158  1.00 28.11 ? 112 ALA A C   1 
ATOM   728  O  O   . ALA A 1 120 ? -18.154 -5.626  -6.423  1.00 29.33 ? 112 ALA A O   1 
ATOM   729  C  CB  . ALA A 1 120 ? -16.119 -3.558  -8.084  1.00 28.42 ? 112 ALA A CB  1 
ATOM   730  N  N   . ALA A 1 121 ? -16.335 -5.049  -5.207  1.00 27.93 ? 113 ALA A N   1 
ATOM   731  C  CA  . ALA A 1 121 ? -16.364 -6.218  -4.347  1.00 28.27 ? 113 ALA A CA  1 
ATOM   732  C  C   . ALA A 1 121 ? -17.607 -6.220  -3.453  1.00 29.54 ? 113 ALA A C   1 
ATOM   733  O  O   . ALA A 1 121 ? -18.228 -7.261  -3.248  1.00 30.24 ? 113 ALA A O   1 
ATOM   734  C  CB  . ALA A 1 121 ? -15.113 -6.275  -3.480  1.00 28.07 ? 113 ALA A CB  1 
ATOM   735  N  N   . LEU A 1 122 ? -17.967 -5.044  -2.952  1.00 29.89 ? 114 LEU A N   1 
ATOM   736  C  CA  . LEU A 1 122 ? -19.122 -4.905  -2.072  1.00 30.98 ? 114 LEU A CA  1 
ATOM   737  C  C   . LEU A 1 122 ? -20.369 -5.262  -2.887  1.00 31.15 ? 114 LEU A C   1 
ATOM   738  O  O   . LEU A 1 122 ? -21.234 -6.009  -2.414  1.00 30.68 ? 114 LEU A O   1 
ATOM   739  C  CB  . LEU A 1 122 ? -19.151 -3.487  -1.504  1.00 30.93 ? 114 LEU A CB  1 
ATOM   740  C  CG  . LEU A 1 122 ? -20.129 -3.089  -0.415  1.00 34.13 ? 114 LEU A CG  1 
ATOM   741  C  CD1 . LEU A 1 122 ? -20.035 -4.029  0.776   1.00 34.91 ? 114 LEU A CD1 1 
ATOM   742  C  CD2 . LEU A 1 122 ? -19.864 -1.628  -0.027  1.00 35.03 ? 114 LEU A CD2 1 
ATOM   743  N  N   . ALA A 1 123 ? -20.425 -4.795  -4.137  1.00 32.12 ? 115 ALA A N   1 
ATOM   744  C  CA  . ALA A 1 123 ? -21.528 -5.123  -5.053  1.00 33.22 ? 115 ALA A CA  1 
ATOM   745  C  C   . ALA A 1 123 ? -21.679 -6.620  -5.329  1.00 34.31 ? 115 ALA A C   1 
ATOM   746  O  O   . ALA A 1 123 ? -22.795 -7.137  -5.338  1.00 34.75 ? 115 ALA A O   1 
ATOM   747  C  CB  . ALA A 1 123 ? -21.390 -4.366  -6.376  1.00 32.92 ? 115 ALA A CB  1 
ATOM   748  N  N   . ALA A 1 124 ? -20.567 -7.312  -5.550  1.00 34.93 ? 116 ALA A N   1 
ATOM   749  C  CA  . ALA A 1 124 ? -20.580 -8.733  -5.863  1.00 35.54 ? 116 ALA A CA  1 
ATOM   750  C  C   . ALA A 1 124 ? -21.070 -9.584  -4.673  1.00 36.52 ? 116 ALA A C   1 
ATOM   751  O  O   . ALA A 1 124 ? -21.773 -10.598 -4.863  1.00 36.67 ? 116 ALA A O   1 
ATOM   752  C  CB  . ALA A 1 124 ? -19.192 -9.180  -6.308  1.00 35.76 ? 116 ALA A CB  1 
ATOM   753  N  N   . ILE A 1 125 ? -20.737 -9.142  -3.461  1.00 36.69 ? 117 ILE A N   1 
ATOM   754  C  CA  . ILE A 1 125 ? -21.151 -9.820  -2.221  1.00 37.70 ? 117 ILE A CA  1 
ATOM   755  C  C   . ILE A 1 125 ? -22.661 -9.751  -2.000  1.00 38.97 ? 117 ILE A C   1 
ATOM   756  O  O   . ILE A 1 125 ? -23.294 -10.747 -1.626  1.00 39.11 ? 117 ILE A O   1 
ATOM   757  C  CB  . ILE A 1 125 ? -20.383 -9.218  -1.015  1.00 37.24 ? 117 ILE A CB  1 
ATOM   758  C  CG1 . ILE A 1 125 ? -18.938 -9.738  -1.032  1.00 37.05 ? 117 ILE A CG1 1 
ATOM   759  C  CG2 . ILE A 1 125 ? -21.086 -9.533  0.329   1.00 37.69 ? 117 ILE A CG2 1 
ATOM   760  C  CD1 . ILE A 1 125 ? -17.982 -8.932  -0.195  1.00 37.17 ? 117 ILE A CD1 1 
ATOM   761  N  N   . ASN A 1 126 ? -23.219 -8.566  -2.196  1.00 40.66 ? 118 ASN A N   1 
ATOM   762  C  CA  . ASN A 1 126 ? -24.673 -8.378  -2.274  1.00 42.03 ? 118 ASN A CA  1 
ATOM   763  C  C   . ASN A 1 126 ? -25.411 -9.362  -3.222  1.00 42.54 ? 118 ASN A C   1 
ATOM   764  O  O   . ASN A 1 126 ? -26.442 -9.950  -2.866  1.00 42.92 ? 118 ASN A O   1 
ATOM   765  C  CB  . ASN A 1 126 ? -24.936 -6.931  -2.699  1.00 42.58 ? 118 ASN A CB  1 
ATOM   766  C  CG  . ASN A 1 126 ? -26.384 -6.659  -2.974  1.00 43.78 ? 118 ASN A CG  1 
ATOM   767  O  OD1 . ASN A 1 126 ? -27.093 -6.147  -2.117  1.00 48.25 ? 118 ASN A OD1 1 
ATOM   768  N  ND2 . ASN A 1 126 ? -26.831 -6.971  -4.181  1.00 45.94 ? 118 ASN A ND2 1 
ATOM   769  N  N   . ASP A 1 127 ? -24.872 -9.546  -4.416  1.00 43.13 ? 119 ASP A N   1 
ATOM   770  C  CA  . ASP A 1 127 ? -25.514 -10.314 -5.477  1.00 43.33 ? 119 ASP A CA  1 
ATOM   771  C  C   . ASP A 1 127 ? -25.204 -11.802 -5.365  1.00 42.86 ? 119 ASP A C   1 
ATOM   772  O  O   . ASP A 1 127 ? -25.769 -12.621 -6.100  1.00 42.79 ? 119 ASP A O   1 
ATOM   773  C  CB  . ASP A 1 127 ? -25.035 -9.810  -6.848  1.00 44.23 ? 119 ASP A CB  1 
ATOM   774  C  CG  . ASP A 1 127 ? -25.188 -8.294  -7.014  1.00 45.36 ? 119 ASP A CG  1 
ATOM   775  O  OD1 . ASP A 1 127 ? -26.153 -7.724  -6.474  1.00 47.52 ? 119 ASP A OD1 1 
ATOM   776  O  OD2 . ASP A 1 127 ? -24.399 -7.590  -7.677  1.00 49.07 ? 119 ASP A OD2 1 
ATOM   777  N  N   . GLY A 1 128 ? -24.267 -12.141 -4.487  1.00 41.74 ? 120 GLY A N   1 
ATOM   778  C  CA  . GLY A 1 128 ? -23.908 -13.520 -4.207  1.00 41.30 ? 120 GLY A CA  1 
ATOM   779  C  C   . GLY A 1 128 ? -23.234 -14.315 -5.324  1.00 40.51 ? 120 GLY A C   1 
ATOM   780  O  O   . GLY A 1 128 ? -23.151 -15.551 -5.237  1.00 41.03 ? 120 GLY A O   1 
ATOM   781  N  N   . THR A 1 129 ? -22.731 -13.635 -6.355  1.00 38.98 ? 121 THR A N   1 
ATOM   782  C  CA  . THR A 1 129 ? -21.992 -14.317 -7.416  1.00 37.27 ? 121 THR A CA  1 
ATOM   783  C  C   . THR A 1 129 ? -20.863 -13.401 -7.919  1.00 35.08 ? 121 THR A C   1 
ATOM   784  O  O   . THR A 1 129 ? -20.943 -12.178 -7.808  1.00 35.34 ? 121 THR A O   1 
ATOM   785  C  CB  . THR A 1 129 ? -22.965 -14.804 -8.563  1.00 37.81 ? 121 THR A CB  1 
ATOM   786  O  OG1 . THR A 1 129 ? -23.691 -15.989 -8.133  1.00 37.23 ? 121 THR A OG1 1 
ATOM   787  C  CG2 . THR A 1 129 ? -22.217 -15.286 -9.814  1.00 36.60 ? 121 THR A CG2 1 
ATOM   788  N  N   . LEU A 1 130 ? -19.800 -14.014 -8.415  1.00 32.10 ? 122 LEU A N   1 
ATOM   789  C  CA  . LEU A 1 130 ? -18.617 -13.262 -8.850  1.00 29.33 ? 122 LEU A CA  1 
ATOM   790  C  C   . LEU A 1 130 ? -18.682 -12.949 -10.338 1.00 26.84 ? 122 LEU A C   1 
ATOM   791  O  O   . LEU A 1 130 ? -19.282 -13.724 -11.081 1.00 26.30 ? 122 LEU A O   1 
ATOM   792  C  CB  . LEU A 1 130 ? -17.374 -14.096 -8.536  1.00 30.00 ? 122 LEU A CB  1 
ATOM   793  C  CG  . LEU A 1 130 ? -17.084 -14.290 -7.048  1.00 30.72 ? 122 LEU A CG  1 
ATOM   794  C  CD1 . LEU A 1 130 ? -16.051 -15.381 -6.895  1.00 33.34 ? 122 LEU A CD1 1 
ATOM   795  C  CD2 . LEU A 1 130 ? -16.576 -12.985 -6.420  1.00 32.68 ? 122 LEU A CD2 1 
ATOM   796  N  N   . PRO A 1 131 ? -18.050 -11.853 -10.807 1.00 24.97 ? 123 PRO A N   1 
ATOM   797  C  CA  . PRO A 1 131 ? -18.014 -11.542 -12.241 1.00 22.95 ? 123 PRO A CA  1 
ATOM   798  C  C   . PRO A 1 131 ? -17.162 -12.525 -13.005 1.00 22.52 ? 123 PRO A C   1 
ATOM   799  O  O   . PRO A 1 131 ? -16.509 -13.386 -12.425 1.00 22.44 ? 123 PRO A O   1 
ATOM   800  C  CB  . PRO A 1 131 ? -17.384 -10.136 -12.292 1.00 23.30 ? 123 PRO A CB  1 
ATOM   801  C  CG  . PRO A 1 131 ? -16.591 -10.080 -11.140 1.00 22.98 ? 123 PRO A CG  1 
ATOM   802  C  CD  . PRO A 1 131 ? -17.340 -10.827 -10.024 1.00 23.81 ? 123 PRO A CD  1 
ATOM   803  N  N   . GLY A 1 132 ? -17.168 -12.403 -14.321 1.00 22.26 ? 124 GLY A N   1 
ATOM   804  C  CA  . GLY A 1 132 ? -16.524 -13.378 -15.165 1.00 21.68 ? 124 GLY A CA  1 
ATOM   805  C  C   . GLY A 1 132 ? -15.107 -13.059 -15.558 1.00 20.96 ? 124 GLY A C   1 
ATOM   806  O  O   . GLY A 1 132 ? -14.522 -12.052 -15.129 1.00 19.91 ? 124 GLY A O   1 
ATOM   807  N  N   . GLY A 1 133 ? -14.542 -13.933 -16.381 1.00 18.67 ? 125 GLY A N   1 
ATOM   808  C  CA  . GLY A 1 133 ? -13.187 -13.780 -16.861 1.00 18.81 ? 125 GLY A CA  1 
ATOM   809  C  C   . GLY A 1 133 ? -12.211 -13.600 -15.711 1.00 17.87 ? 125 GLY A C   1 
ATOM   810  O  O   . GLY A 1 133 ? -12.342 -14.227 -14.653 1.00 17.98 ? 125 GLY A O   1 
ATOM   811  N  N   . TYR A 1 134 ? -11.208 -12.740 -15.945 1.00 17.47 ? 126 TYR A N   1 
ATOM   812  C  CA  . TYR A 1 134 ? -10.147 -12.478 -14.990 1.00 17.84 ? 126 TYR A CA  1 
ATOM   813  C  C   . TYR A 1 134 ? -10.589 -11.406 -13.994 1.00 18.36 ? 126 TYR A C   1 
ATOM   814  O  O   . TYR A 1 134 ? -9.915  -11.166 -13.014 1.00 18.65 ? 126 TYR A O   1 
ATOM   815  C  CB  . TYR A 1 134 ? -8.819  -12.096 -15.738 1.00 18.35 ? 126 TYR A CB  1 
ATOM   816  C  CG  . TYR A 1 134 ? -8.100  -13.322 -16.267 1.00 16.77 ? 126 TYR A CG  1 
ATOM   817  C  CD1 . TYR A 1 134 ? -7.327  -14.106 -15.423 1.00 18.98 ? 126 TYR A CD1 1 
ATOM   818  C  CD2 . TYR A 1 134 ? -8.241  -13.713 -17.577 1.00 18.63 ? 126 TYR A CD2 1 
ATOM   819  C  CE1 . TYR A 1 134 ? -6.707  -15.287 -15.901 1.00 20.94 ? 126 TYR A CE1 1 
ATOM   820  C  CE2 . TYR A 1 134 ? -7.630  -14.873 -18.066 1.00 19.09 ? 126 TYR A CE2 1 
ATOM   821  C  CZ  . TYR A 1 134 ? -6.873  -15.669 -17.213 1.00 20.56 ? 126 TYR A CZ  1 
ATOM   822  O  OH  . TYR A 1 134 ? -6.267  -16.818 -17.726 1.00 21.37 ? 126 TYR A OH  1 
ATOM   823  N  N   . VAL A 1 135 ? -11.729 -10.757 -14.237 1.00 18.86 ? 127 VAL A N   1 
ATOM   824  C  CA  . VAL A 1 135 ? -12.306 -9.875  -13.214 1.00 18.62 ? 127 VAL A CA  1 
ATOM   825  C  C   . VAL A 1 135 ? -12.683 -10.628 -11.946 1.00 18.99 ? 127 VAL A C   1 
ATOM   826  O  O   . VAL A 1 135 ? -12.642 -10.046 -10.839 1.00 18.53 ? 127 VAL A O   1 
ATOM   827  C  CB  . VAL A 1 135 ? -13.486 -9.052  -13.750 1.00 19.52 ? 127 VAL A CB  1 
ATOM   828  C  CG1 . VAL A 1 135 ? -13.972 -8.059  -12.725 1.00 19.30 ? 127 VAL A CG1 1 
ATOM   829  C  CG2 . VAL A 1 135 ? -13.060 -8.304  -15.043 1.00 20.55 ? 127 VAL A CG2 1 
ATOM   830  N  N   . ARG A 1 136 ? -13.050 -11.908 -12.079 1.00 18.10 ? 128 ARG A N   1 
ATOM   831  C  CA  . ARG A 1 136 ? -13.285 -12.771 -10.924 1.00 19.73 ? 128 ARG A CA  1 
ATOM   832  C  C   . ARG A 1 136 ? -12.073 -12.730 -9.972  1.00 19.95 ? 128 ARG A C   1 
ATOM   833  O  O   . ARG A 1 136 ? -12.211 -12.600 -8.737  1.00 21.75 ? 128 ARG A O   1 
ATOM   834  C  CB  . ARG A 1 136 ? -13.547 -14.207 -11.374 1.00 19.89 ? 128 ARG A CB  1 
ATOM   835  C  CG  . ARG A 1 136 ? -13.830 -15.224 -10.230 1.00 22.10 ? 128 ARG A CG  1 
ATOM   836  C  CD  . ARG A 1 136 ? -13.716 -16.706 -10.651 1.00 22.49 ? 128 ARG A CD  1 
ATOM   837  N  NE  . ARG A 1 136 ? -14.043 -17.587 -9.523  1.00 24.77 ? 128 ARG A NE  1 
ATOM   838  C  CZ  . ARG A 1 136 ? -15.285 -17.921 -9.172  1.00 27.01 ? 128 ARG A CZ  1 
ATOM   839  N  NH1 . ARG A 1 136 ? -16.340 -17.535 -9.893  1.00 28.01 ? 128 ARG A NH1 1 
ATOM   840  N  NH2 . ARG A 1 136 ? -15.474 -18.697 -8.116  1.00 29.72 ? 128 ARG A NH2 1 
ATOM   841  N  N   . ASP A 1 137 ? -10.903 -12.836 -10.572 1.00 20.14 ? 129 ASP A N   1 
ATOM   842  C  CA  . ASP A 1 137 ? -9.625  -12.940 -9.853  1.00 21.18 ? 129 ASP A CA  1 
ATOM   843  C  C   . ASP A 1 137 ? -9.356  -11.702 -8.985  1.00 22.04 ? 129 ASP A C   1 
ATOM   844  O  O   . ASP A 1 137 ? -8.679  -11.800 -7.952  1.00 24.01 ? 129 ASP A O   1 
ATOM   845  C  CB  . ASP A 1 137 ? -8.482  -13.176 -10.840 1.00 21.58 ? 129 ASP A CB  1 
ATOM   846  C  CG  . ASP A 1 137 ? -8.678  -14.441 -11.659 1.00 23.10 ? 129 ASP A CG  1 
ATOM   847  O  OD1 . ASP A 1 137 ? -7.885  -15.404 -11.501 1.00 23.44 ? 129 ASP A OD1 1 
ATOM   848  O  OD2 . ASP A 1 137 ? -9.631  -14.560 -12.459 1.00 21.67 ? 129 ASP A OD2 1 
ATOM   849  N  N   . VAL A 1 138 ? -9.861  -10.554 -9.410  1.00 21.94 ? 130 VAL A N   1 
ATOM   850  C  CA  . VAL A 1 138 ? -9.740  -9.325  -8.609  1.00 21.87 ? 130 VAL A CA  1 
ATOM   851  C  C   . VAL A 1 138 ? -10.759 -9.349  -7.460  1.00 21.49 ? 130 VAL A C   1 
ATOM   852  O  O   . VAL A 1 138 ? -10.428 -9.271  -6.257  1.00 20.90 ? 130 VAL A O   1 
ATOM   853  C  CB  . VAL A 1 138 ? -9.980  -8.114  -9.486  1.00 21.84 ? 130 VAL A CB  1 
ATOM   854  C  CG1 . VAL A 1 138 ? -10.075 -6.834  -8.641  1.00 22.00 ? 130 VAL A CG1 1 
ATOM   855  C  CG2 . VAL A 1 138 ? -8.888  -8.014  -10.502 1.00 22.85 ? 130 VAL A CG2 1 
ATOM   856  N  N   . VAL A 1 139 ? -12.032 -9.520  -7.808  1.00 21.29 ? 131 VAL A N   1 
ATOM   857  C  CA  . VAL A 1 139 ? -13.073 -9.398  -6.780  1.00 23.21 ? 131 VAL A CA  1 
ATOM   858  C  C   . VAL A 1 139 ? -12.925 -10.471 -5.684  1.00 23.16 ? 131 VAL A C   1 
ATOM   859  O  O   . VAL A 1 139 ? -13.154 -10.175 -4.501  1.00 23.51 ? 131 VAL A O   1 
ATOM   860  C  CB  . VAL A 1 139 ? -14.500 -9.379  -7.397  1.00 23.03 ? 131 VAL A CB  1 
ATOM   861  C  CG1 . VAL A 1 139 ? -15.563 -9.449  -6.319  1.00 26.26 ? 131 VAL A CG1 1 
ATOM   862  C  CG2 . VAL A 1 139 ? -14.682 -8.180  -8.289  1.00 24.95 ? 131 VAL A CG2 1 
ATOM   863  N  N   . GLU A 1 140 ? -12.484 -11.676 -6.038  1.00 23.85 ? 132 GLU A N   1 
ATOM   864  C  CA  . GLU A 1 140 ? -12.348 -12.764 -5.061  1.00 24.07 ? 132 GLU A CA  1 
ATOM   865  C  C   . GLU A 1 140 ? -11.159 -12.545 -4.096  1.00 23.85 ? 132 GLU A C   1 
ATOM   866  O  O   . GLU A 1 140 ? -11.042 -13.214 -3.092  1.00 23.06 ? 132 GLU A O   1 
ATOM   867  C  CB  . GLU A 1 140 ? -12.255 -14.154 -5.751  1.00 25.33 ? 132 GLU A CB  1 
ATOM   868  C  CG  . GLU A 1 140 ? -10.920 -14.471 -6.414  1.00 25.34 ? 132 GLU A CG  1 
ATOM   869  C  CD  . GLU A 1 140 ? -10.915 -15.773 -7.221  1.00 30.81 ? 132 GLU A CD  1 
ATOM   870  O  OE1 . GLU A 1 140 ? -11.772 -16.663 -6.955  1.00 35.40 ? 132 GLU A OE1 1 
ATOM   871  O  OE2 . GLU A 1 140 ? -10.040 -15.896 -8.129  1.00 31.48 ? 132 GLU A OE2 1 
ATOM   872  N  N   . ARG A 1 141 ? -10.257 -11.642 -4.440  1.00 23.17 ? 133 ARG A N   1 
ATOM   873  C  CA  . ARG A 1 141 ? -9.112  -11.341 -3.599  1.00 22.76 ? 133 ARG A CA  1 
ATOM   874  C  C   . ARG A 1 141 ? -9.436  -10.125 -2.733  1.00 22.62 ? 133 ARG A C   1 
ATOM   875  O  O   . ARG A 1 141 ? -8.742  -9.918  -1.741  1.00 23.51 ? 133 ARG A O   1 
ATOM   876  C  CB  . ARG A 1 141 ? -7.848  -11.122 -4.438  1.00 22.79 ? 133 ARG A CB  1 
ATOM   877  C  CG  . ARG A 1 141 ? -7.222  -12.434 -4.988  1.00 23.13 ? 133 ARG A CG  1 
ATOM   878  C  CD  . ARG A 1 141 ? -6.137  -12.179 -5.996  1.00 25.37 ? 133 ARG A CD  1 
ATOM   879  N  NE  . ARG A 1 141 ? -5.405  -13.390 -6.376  1.00 27.22 ? 133 ARG A NE  1 
ATOM   880  C  CZ  . ARG A 1 141 ? -5.855  -14.344 -7.192  1.00 29.99 ? 133 ARG A CZ  1 
ATOM   881  N  NH1 . ARG A 1 141 ? -7.085  -14.297 -7.685  1.00 28.05 ? 133 ARG A NH1 1 
ATOM   882  N  NH2 . ARG A 1 141 ? -5.072  -15.391 -7.464  1.00 33.66 ? 133 ARG A NH2 1 
ATOM   883  N  N   . VAL A 1 142 ? -10.443 -9.316  -3.098  1.00 21.33 ? 134 VAL A N   1 
ATOM   884  C  CA  . VAL A 1 142 ? -10.853 -8.148  -2.293  1.00 21.48 ? 134 VAL A CA  1 
ATOM   885  C  C   . VAL A 1 142 ? -11.988 -8.529  -1.345  1.00 23.55 ? 134 VAL A C   1 
ATOM   886  O  O   . VAL A 1 142 ? -12.089 -8.059  -0.202  1.00 23.68 ? 134 VAL A O   1 
ATOM   887  C  CB  . VAL A 1 142 ? -11.323 -6.964  -3.158  1.00 21.83 ? 134 VAL A CB  1 
ATOM   888  C  CG1 . VAL A 1 142 ? -11.742 -5.791  -2.254  1.00 23.34 ? 134 VAL A CG1 1 
ATOM   889  C  CG2 . VAL A 1 142 ? -10.275 -6.512  -4.183  1.00 22.53 ? 134 VAL A CG2 1 
ATOM   890  N  N   . ALA A 1 143 ? -12.845 -9.427  -1.804  1.00 24.09 ? 135 ALA A N   1 
ATOM   891  C  CA  . ALA A 1 143 ? -14.022 -9.798  -1.017  1.00 24.78 ? 135 ALA A CA  1 
ATOM   892  C  C   . ALA A 1 143 ? -13.734 -10.329 0.402   1.00 24.69 ? 135 ALA A C   1 
ATOM   893  O  O   . ALA A 1 143 ? -14.486 -9.987  1.307   1.00 25.56 ? 135 ALA A O   1 
ATOM   894  C  CB  . ALA A 1 143 ? -14.892 -10.790 -1.797  1.00 25.38 ? 135 ALA A CB  1 
ATOM   895  N  N   . PRO A 1 144 ? -12.689 -11.137 0.642   1.00 24.78 ? 136 PRO A N   1 
ATOM   896  C  CA  . PRO A 1 144 ? -12.393 -11.588 2.019   1.00 24.65 ? 136 PRO A CA  1 
ATOM   897  C  C   . PRO A 1 144 ? -12.242 -10.467 3.065   1.00 24.57 ? 136 PRO A C   1 
ATOM   898  O  O   . PRO A 1 144 ? -12.686 -10.604 4.229   1.00 25.26 ? 136 PRO A O   1 
ATOM   899  C  CB  . PRO A 1 144 ? -11.079 -12.350 1.867   1.00 25.29 ? 136 PRO A CB  1 
ATOM   900  C  CG  . PRO A 1 144 ? -11.106 -12.827 0.519   1.00 25.14 ? 136 PRO A CG  1 
ATOM   901  C  CD  . PRO A 1 144 ? -11.723 -11.720 -0.304  1.00 25.19 ? 136 PRO A CD  1 
ATOM   902  N  N   . SER A 1 145 ? -11.647 -9.353  2.670   1.00 23.19 ? 137 SER A N   1 
ATOM   903  C  CA  . SER A 1 145 ? -11.533 -8.214  3.591   1.00 23.11 ? 137 SER A CA  1 
ATOM   904  C  C   . SER A 1 145 ? -12.845 -7.526  3.882   1.00 22.96 ? 137 SER A C   1 
ATOM   905  O  O   . SER A 1 145 ? -13.032 -6.999  4.953   1.00 22.50 ? 137 SER A O   1 
ATOM   906  C  CB  . SER A 1 145 ? -10.586 -7.165  3.005   1.00 21.89 ? 137 SER A CB  1 
ATOM   907  O  OG  . SER A 1 145 ? -9.308  -7.733  2.900   1.00 18.80 ? 137 SER A OG  1 
ATOM   908  N  N   . VAL A 1 146 ? -13.731 -7.443  2.890   1.00 24.40 ? 138 VAL A N   1 
ATOM   909  C  CA  . VAL A 1 146 ? -15.039 -6.856  3.106   1.00 25.55 ? 138 VAL A CA  1 
ATOM   910  C  C   . VAL A 1 146 ? -15.871 -7.729  4.063   1.00 26.07 ? 138 VAL A C   1 
ATOM   911  O  O   . VAL A 1 146 ? -16.552 -7.212  4.967   1.00 27.07 ? 138 VAL A O   1 
ATOM   912  C  CB  . VAL A 1 146 ? -15.774 -6.620  1.765   1.00 25.80 ? 138 VAL A CB  1 
ATOM   913  C  CG1 . VAL A 1 146 ? -17.256 -6.257  1.994   1.00 27.37 ? 138 VAL A CG1 1 
ATOM   914  C  CG2 . VAL A 1 146 ? -15.084 -5.518  0.969   1.00 25.88 ? 138 VAL A CG2 1 
ATOM   915  N  N   . LEU A 1 147 ? -15.772 -9.045  3.905   1.00 26.76 ? 139 LEU A N   1 
ATOM   916  C  CA  . LEU A 1 147 ? -16.473 -9.987  4.786   1.00 27.85 ? 139 LEU A CA  1 
ATOM   917  C  C   . LEU A 1 147 ? -15.992 -9.938  6.237   1.00 27.46 ? 139 LEU A C   1 
ATOM   918  O  O   . LEU A 1 147 ? -16.793 -10.027 7.152   1.00 27.03 ? 139 LEU A O   1 
ATOM   919  C  CB  . LEU A 1 147 ? -16.350 -11.420 4.265   1.00 28.14 ? 139 LEU A CB  1 
ATOM   920  C  CG  . LEU A 1 147 ? -17.146 -11.704 2.977   1.00 31.02 ? 139 LEU A CG  1 
ATOM   921  C  CD1 . LEU A 1 147 ? -16.710 -13.027 2.373   1.00 32.89 ? 139 LEU A CD1 1 
ATOM   922  C  CD2 . LEU A 1 147 ? -18.651 -11.657 3.213   1.00 31.69 ? 139 LEU A CD2 1 
ATOM   923  N  N   . LEU A 1 148 ? -14.682 -9.839  6.444   1.00 27.26 ? 140 LEU A N   1 
ATOM   924  C  CA  . LEU A 1 148 ? -14.145 -9.617  7.775   1.00 27.11 ? 140 LEU A CA  1 
ATOM   925  C  C   . LEU A 1 148 ? -14.662 -8.270  8.313   1.00 27.12 ? 140 LEU A C   1 
ATOM   926  O  O   . LEU A 1 148 ? -15.067 -8.166  9.469   1.00 25.96 ? 140 LEU A O   1 
ATOM   927  C  CB  . LEU A 1 148 ? -12.612 -9.647  7.763   1.00 26.99 ? 140 LEU A CB  1 
ATOM   928  C  CG  . LEU A 1 148 ? -11.943 -11.019 7.577   1.00 28.39 ? 140 LEU A CG  1 
ATOM   929  C  CD1 . LEU A 1 148 ? -10.573 -10.870 6.953   1.00 30.60 ? 140 LEU A CD1 1 
ATOM   930  C  CD2 . LEU A 1 148 ? -11.854 -11.773 8.851   1.00 29.83 ? 140 LEU A CD2 1 
ATOM   931  N  N   . GLY A 1 149 ? -14.699 -7.253  7.447   1.00 27.07 ? 141 GLY A N   1 
ATOM   932  C  CA  . GLY A 1 149 ? -15.156 -5.936  7.828   1.00 27.57 ? 141 GLY A CA  1 
ATOM   933  C  C   . GLY A 1 149 ? -16.598 -5.932  8.287   1.00 28.65 ? 141 GLY A C   1 
ATOM   934  O  O   . GLY A 1 149 ? -16.930 -5.303  9.282   1.00 29.37 ? 141 GLY A O   1 
ATOM   935  N  N   . ARG A 1 150 ? -17.446 -6.665  7.572   1.00 29.57 ? 142 ARG A N   1 
ATOM   936  C  CA  . ARG A 1 150 ? -18.879 -6.746  7.874   1.00 31.43 ? 142 ARG A CA  1 
ATOM   937  C  C   . ARG A 1 150 ? -19.111 -7.503  9.201   1.00 31.83 ? 142 ARG A C   1 
ATOM   938  O  O   . ARG A 1 150 ? -19.979 -7.126  10.001  1.00 32.28 ? 142 ARG A O   1 
ATOM   939  C  CB  . ARG A 1 150 ? -19.622 -7.463  6.738   1.00 32.01 ? 142 ARG A CB  1 
ATOM   940  C  CG  . ARG A 1 150 ? -19.993 -6.606  5.506   1.00 35.83 ? 142 ARG A CG  1 
ATOM   941  C  CD  . ARG A 1 150 ? -21.076 -7.246  4.579   1.00 39.83 ? 142 ARG A CD  1 
ATOM   942  N  NE  . ARG A 1 150 ? -22.149 -7.909  5.339   1.00 43.45 ? 142 ARG A NE  1 
ATOM   943  C  CZ  . ARG A 1 150 ? -22.284 -9.236  5.552   1.00 46.67 ? 142 ARG A CZ  1 
ATOM   944  N  NH1 . ARG A 1 150 ? -21.424 -10.134 5.054   1.00 46.86 ? 142 ARG A NH1 1 
ATOM   945  N  NH2 . ARG A 1 150 ? -23.312 -9.670  6.277   1.00 48.91 ? 142 ARG A NH2 1 
ATOM   946  N  N   . ARG A 1 151 ? -18.333 -8.562  9.437   1.00 32.32 ? 143 ARG A N   1 
ATOM   947  C  CA  . ARG A 1 151 ? -18.380 -9.293  10.707  1.00 33.47 ? 143 ARG A CA  1 
ATOM   948  C  C   . ARG A 1 151 ? -18.088 -8.353  11.894  1.00 33.55 ? 143 ARG A C   1 
ATOM   949  O  O   . ARG A 1 151 ? -18.660 -8.495  12.986  1.00 33.44 ? 143 ARG A O   1 
ATOM   950  C  CB  . ARG A 1 151 ? -17.394 -10.484 10.676  1.00 34.32 ? 143 ARG A CB  1 
ATOM   951  C  CG  . ARG A 1 151 ? -16.883 -10.952 12.054  1.00 38.04 ? 143 ARG A CG  1 
ATOM   952  C  CD  . ARG A 1 151 ? -15.949 -12.154 12.015  1.00 42.91 ? 143 ARG A CD  1 
ATOM   953  N  NE  . ARG A 1 151 ? -16.528 -13.265 11.253  1.00 46.67 ? 143 ARG A NE  1 
ATOM   954  C  CZ  . ARG A 1 151 ? -16.207 -13.597 10.000  1.00 51.07 ? 143 ARG A CZ  1 
ATOM   955  N  NH1 . ARG A 1 151 ? -15.285 -12.920 9.317   1.00 52.86 ? 143 ARG A NH1 1 
ATOM   956  N  NH2 . ARG A 1 151 ? -16.814 -14.628 9.422   1.00 51.31 ? 143 ARG A NH2 1 
ATOM   957  N  N   . ASP A 1 152 ? -17.211 -7.379  11.684  1.00 33.50 ? 144 ASP A N   1 
ATOM   958  C  CA  . ASP A 1 152 ? -16.830 -6.434  12.737  1.00 34.31 ? 144 ASP A CA  1 
ATOM   959  C  C   . ASP A 1 152 ? -17.664 -5.146  12.724  1.00 34.46 ? 144 ASP A C   1 
ATOM   960  O  O   . ASP A 1 152 ? -17.351 -4.203  13.439  1.00 35.24 ? 144 ASP A O   1 
ATOM   961  C  CB  . ASP A 1 152 ? -15.336 -6.092  12.622  1.00 34.62 ? 144 ASP A CB  1 
ATOM   962  C  CG  . ASP A 1 152 ? -14.426 -7.284  12.931  1.00 37.20 ? 144 ASP A CG  1 
ATOM   963  O  OD1 . ASP A 1 152 ? -14.897 -8.279  13.528  1.00 40.61 ? 144 ASP A OD1 1 
ATOM   964  O  OD2 . ASP A 1 152 ? -13.212 -7.332  12.621  1.00 39.59 ? 144 ASP A OD2 1 
ATOM   965  N  N   . GLY A 1 153 ? -18.729 -5.101  11.929  1.00 34.18 ? 145 GLY A N   1 
ATOM   966  C  CA  . GLY A 1 153 ? -19.672 -3.997  11.993  1.00 34.11 ? 145 GLY A CA  1 
ATOM   967  C  C   . GLY A 1 153 ? -19.426 -2.853  11.028  1.00 34.08 ? 145 GLY A C   1 
ATOM   968  O  O   . GLY A 1 153 ? -20.157 -1.856  11.051  1.00 34.11 ? 145 GLY A O   1 
ATOM   969  N  N   . LEU A 1 154 ? -18.420 -2.986  10.162  1.00 33.43 ? 146 LEU A N   1 
ATOM   970  C  CA  . LEU A 1 154 ? -18.139 -1.957  9.152   1.00 32.76 ? 146 LEU A CA  1 
ATOM   971  C  C   . LEU A 1 154 ? -19.221 -1.913  8.065   1.00 32.00 ? 146 LEU A C   1 
ATOM   972  O  O   . LEU A 1 154 ? -19.829 -2.933  7.725   1.00 31.25 ? 146 LEU A O   1 
ATOM   973  C  CB  . LEU A 1 154 ? -16.751 -2.191  8.513   1.00 32.70 ? 146 LEU A CB  1 
ATOM   974  C  CG  . LEU A 1 154 ? -15.501 -2.335  9.396   1.00 33.31 ? 146 LEU A CG  1 
ATOM   975  C  CD1 . LEU A 1 154 ? -14.229 -2.497  8.546   1.00 34.19 ? 146 LEU A CD1 1 
ATOM   976  C  CD2 . LEU A 1 154 ? -15.345 -1.170  10.320  1.00 35.48 ? 146 LEU A CD2 1 
ATOM   977  N  N   . SER A 1 155 ? -19.423 -0.738  7.474   1.00 31.46 ? 147 SER A N   1 
ATOM   978  C  CA  . SER A 1 155 ? -20.422 -0.591  6.409   1.00 31.40 ? 147 SER A CA  1 
ATOM   979  C  C   . SER A 1 155 ? -20.069 0.381   5.248   1.00 30.52 ? 147 SER A C   1 
ATOM   980  O  O   . SER A 1 155 ? -20.777 0.398   4.233   1.00 31.61 ? 147 SER A O   1 
ATOM   981  C  CB  . SER A 1 155 ? -21.784 -0.222  7.040   1.00 31.56 ? 147 SER A CB  1 
ATOM   982  O  OG  . SER A 1 155 ? -21.931 1.177   7.202   1.00 32.58 ? 147 SER A OG  1 
ATOM   983  N  N   . ARG A 1 156 ? -18.980 1.148   5.351   1.00 28.88 ? 148 ARG A N   1 
ATOM   984  C  CA  . ARG A 1 156 ? -18.665 2.175   4.341   1.00 27.88 ? 148 ARG A CA  1 
ATOM   985  C  C   . ARG A 1 156 ? -17.395 1.823   3.569   1.00 25.82 ? 148 ARG A C   1 
ATOM   986  O  O   . ARG A 1 156 ? -16.484 1.209   4.121   1.00 23.55 ? 148 ARG A O   1 
ATOM   987  C  CB  . ARG A 1 156 ? -18.456 3.530   4.987   1.00 28.87 ? 148 ARG A CB  1 
ATOM   988  C  CG  . ARG A 1 156 ? -19.723 4.113   5.636   1.00 33.37 ? 148 ARG A CG  1 
ATOM   989  C  CD  . ARG A 1 156 ? -19.451 5.356   6.465   1.00 38.72 ? 148 ARG A CD  1 
ATOM   990  N  NE  . ARG A 1 156 ? -19.903 6.587   5.794   1.00 45.47 ? 148 ARG A NE  1 
ATOM   991  C  CZ  . ARG A 1 156 ? -21.185 6.915   5.553   1.00 48.76 ? 148 ARG A CZ  1 
ATOM   992  N  NH1 . ARG A 1 156 ? -22.182 6.108   5.924   1.00 50.28 ? 148 ARG A NH1 1 
ATOM   993  N  NH2 . ARG A 1 156 ? -21.474 8.062   4.938   1.00 49.72 ? 148 ARG A NH2 1 
ATOM   994  N  N   . VAL A 1 157 ? -17.354 2.249   2.306   1.00 24.27 ? 149 VAL A N   1 
ATOM   995  C  CA  . VAL A 1 157 ? -16.261 1.875   1.411   1.00 23.22 ? 149 VAL A CA  1 
ATOM   996  C  C   . VAL A 1 157 ? -14.908 2.209   2.044   1.00 23.37 ? 149 VAL A C   1 
ATOM   997  O  O   . VAL A 1 157 ? -13.987 1.382   1.995   1.00 21.62 ? 149 VAL A O   1 
ATOM   998  C  CB  . VAL A 1 157 ? -16.405 2.538   0.015   1.00 23.33 ? 149 VAL A CB  1 
ATOM   999  C  CG1 . VAL A 1 157 ? -15.093 2.494   -0.828  1.00 22.32 ? 149 VAL A CG1 1 
ATOM   1000 C  CG2 . VAL A 1 157 ? -17.539 1.885   -0.759  1.00 24.93 ? 149 VAL A CG2 1 
ATOM   1001 N  N   . ASP A 1 158 ? -14.771 3.404   2.625   1.00 22.55 ? 150 ASP A N   1 
ATOM   1002 C  CA  . ASP A 1 158 ? -13.459 3.790   3.171   1.00 23.25 ? 150 ASP A CA  1 
ATOM   1003 C  C   . ASP A 1 158 ? -13.036 2.948   4.393   1.00 23.18 ? 150 ASP A C   1 
ATOM   1004 O  O   . ASP A 1 158 ? -11.823 2.732   4.598   1.00 23.27 ? 150 ASP A O   1 
ATOM   1005 C  CB  . ASP A 1 158 ? -13.388 5.270   3.529   1.00 22.88 ? 150 ASP A CB  1 
ATOM   1006 C  CG  . ASP A 1 158 ? -13.453 6.201   2.296   1.00 23.15 ? 150 ASP A CG  1 
ATOM   1007 O  OD1 . ASP A 1 158 ? -13.325 5.743   1.149   1.00 23.11 ? 150 ASP A OD1 1 
ATOM   1008 O  OD2 . ASP A 1 158 ? -13.667 7.425   2.407   1.00 25.24 ? 150 ASP A OD2 1 
ATOM   1009 N  N   . GLU A 1 159 ? -14.015 2.499   5.188   1.00 22.45 ? 151 GLU A N   1 
ATOM   1010 C  CA  . GLU A 1 159 ? -13.741 1.620   6.341   1.00 22.60 ? 151 GLU A CA  1 
ATOM   1011 C  C   . GLU A 1 159 ? -13.235 0.262   5.840   1.00 21.61 ? 151 GLU A C   1 
ATOM   1012 O  O   . GLU A 1 159 ? -12.272 -0.298  6.380   1.00 22.11 ? 151 GLU A O   1 
ATOM   1013 C  CB  . GLU A 1 159 ? -14.995 1.409   7.195   1.00 23.62 ? 151 GLU A CB  1 
ATOM   1014 C  CG  . GLU A 1 159 ? -15.485 2.672   7.898   1.00 26.38 ? 151 GLU A CG  1 
ATOM   1015 C  CD  . GLU A 1 159 ? -16.902 2.584   8.423   1.00 29.28 ? 151 GLU A CD  1 
ATOM   1016 O  OE1 . GLU A 1 159 ? -17.686 1.717   7.996   1.00 31.36 ? 151 GLU A OE1 1 
ATOM   1017 O  OE2 . GLU A 1 159 ? -17.243 3.418   9.295   1.00 35.59 ? 151 GLU A OE2 1 
ATOM   1018 N  N   . PHE A 1 160 ? -13.878 -0.242  4.795   1.00 21.10 ? 152 PHE A N   1 
ATOM   1019 C  CA  . PHE A 1 160 ? -13.483 -1.513  4.192   1.00 20.00 ? 152 PHE A CA  1 
ATOM   1020 C  C   . PHE A 1 160 ? -12.097 -1.403  3.572   1.00 19.15 ? 152 PHE A C   1 
ATOM   1021 O  O   . PHE A 1 160 ? -11.330 -2.348  3.669   1.00 19.92 ? 152 PHE A O   1 
ATOM   1022 C  CB  . PHE A 1 160 ? -14.451 -1.971  3.107   1.00 20.31 ? 152 PHE A CB  1 
ATOM   1023 C  CG  . PHE A 1 160 ? -15.771 -2.388  3.624   1.00 23.90 ? 152 PHE A CG  1 
ATOM   1024 C  CD1 . PHE A 1 160 ? -15.866 -3.336  4.633   1.00 25.64 ? 152 PHE A CD1 1 
ATOM   1025 C  CD2 . PHE A 1 160 ? -16.935 -1.802  3.149   1.00 24.00 ? 152 PHE A CD2 1 
ATOM   1026 C  CE1 . PHE A 1 160 ? -17.123 -3.731  5.119   1.00 25.61 ? 152 PHE A CE1 1 
ATOM   1027 C  CE2 . PHE A 1 160 ? -18.196 -2.169  3.651   1.00 24.68 ? 152 PHE A CE2 1 
ATOM   1028 C  CZ  . PHE A 1 160 ? -18.293 -3.133  4.638   1.00 24.73 ? 152 PHE A CZ  1 
ATOM   1029 N  N   . GLU A 1 161 ? -11.774 -0.256  2.971   1.00 19.58 ? 153 GLU A N   1 
ATOM   1030 C  CA  . GLU A 1 161 ? -10.463 -0.067  2.317   1.00 18.77 ? 153 GLU A CA  1 
ATOM   1031 C  C   . GLU A 1 161 ? -9.357  -0.060  3.365   1.00 19.74 ? 153 GLU A C   1 
ATOM   1032 O  O   . GLU A 1 161 ? -8.318  -0.711  3.194   1.00 18.75 ? 153 GLU A O   1 
ATOM   1033 C  CB  . GLU A 1 161 ? -10.455 1.210   1.443   1.00 18.99 ? 153 GLU A CB  1 
ATOM   1034 C  CG  . GLU A 1 161 ? -9.074  1.762   1.082   1.00 21.07 ? 153 GLU A CG  1 
ATOM   1035 C  CD  . GLU A 1 161 ? -8.420  1.027   -0.049  1.00 26.18 ? 153 GLU A CD  1 
ATOM   1036 O  OE1 . GLU A 1 161 ? -8.867  -0.143  -0.319  1.00 23.65 ? 153 GLU A OE1 1 
ATOM   1037 O  OE2 . GLU A 1 161 ? -7.522  1.638   -0.697  1.00 22.56 ? 153 GLU A OE2 1 
ATOM   1038 N  N   . GLN A 1 162 ? -9.594  0.626   4.481   1.00 19.62 ? 154 GLN A N   1 
ATOM   1039 C  CA  . GLN A 1 162 ? -8.646  0.620   5.617   1.00 20.10 ? 154 GLN A CA  1 
ATOM   1040 C  C   . GLN A 1 162 ? -8.405  -0.805  6.146   1.00 18.51 ? 154 GLN A C   1 
ATOM   1041 O  O   . GLN A 1 162 ? -7.274  -1.189  6.402   1.00 17.67 ? 154 GLN A O   1 
ATOM   1042 C  CB  . GLN A 1 162 ? -9.149  1.593   6.712   1.00 21.29 ? 154 GLN A CB  1 
ATOM   1043 C  CG  . GLN A 1 162 ? -8.304  1.665   7.947   1.00 25.26 ? 154 GLN A CG  1 
ATOM   1044 C  CD  . GLN A 1 162 ? -8.818  2.644   9.016   1.00 28.78 ? 154 GLN A CD  1 
ATOM   1045 O  OE1 . GLN A 1 162 ? -9.627  3.556   8.723   1.00 29.76 ? 154 GLN A OE1 1 
ATOM   1046 N  NE2 . GLN A 1 162 ? -8.361  2.445   10.255  1.00 27.84 ? 154 GLN A NE2 1 
ATOM   1047 N  N   . ARG A 1 163 ? -9.471  -1.617  6.245   1.00 19.03 ? 155 ARG A N   1 
ATOM   1048 C  CA  . ARG A 1 163 ? -9.375  -3.006  6.704   1.00 18.06 ? 155 ARG A CA  1 
ATOM   1049 C  C   . ARG A 1 163 ? -8.590  -3.819  5.681   1.00 16.73 ? 155 ARG A C   1 
ATOM   1050 O  O   . ARG A 1 163 ? -7.797  -4.698  6.030   1.00 17.45 ? 155 ARG A O   1 
ATOM   1051 C  CB  . ARG A 1 163 ? -10.744 -3.661  6.929   1.00 17.51 ? 155 ARG A CB  1 
ATOM   1052 C  CG  . ARG A 1 163 ? -10.649 -5.134  7.382   1.00 17.94 ? 155 ARG A CG  1 
ATOM   1053 C  CD  . ARG A 1 163 ? -9.822  -5.347  8.671   1.00 21.89 ? 155 ARG A CD  1 
ATOM   1054 N  NE  . ARG A 1 163 ? -9.867  -6.695  9.240   1.00 25.23 ? 155 ARG A NE  1 
ATOM   1055 C  CZ  . ARG A 1 163 ? -10.780 -7.107  10.115  1.00 26.14 ? 155 ARG A CZ  1 
ATOM   1056 N  NH1 . ARG A 1 163 ? -11.743 -6.302  10.512  1.00 25.98 ? 155 ARG A NH1 1 
ATOM   1057 N  NH2 . ARG A 1 163 ? -10.722 -8.339  10.584  1.00 28.12 ? 155 ARG A NH2 1 
ATOM   1058 N  N   . HIS A 1 164 ? -8.794  -3.514  4.407   1.00 16.87 ? 156 HIS A N   1 
ATOM   1059 C  CA  . HIS A 1 164 ? -8.189  -4.278  3.328   1.00 16.10 ? 156 HIS A CA  1 
ATOM   1060 C  C   . HIS A 1 164 ? -6.687  -3.973  3.264   1.00 16.57 ? 156 HIS A C   1 
ATOM   1061 O  O   . HIS A 1 164 ? -5.894  -4.904  3.000   1.00 18.44 ? 156 HIS A O   1 
ATOM   1062 C  CB  . HIS A 1 164 ? -8.858  -3.971  1.979   1.00 17.43 ? 156 HIS A CB  1 
ATOM   1063 C  CG  . HIS A 1 164 ? -8.311  -4.779  0.842   1.00 14.78 ? 156 HIS A CG  1 
ATOM   1064 N  ND1 . HIS A 1 164 ? -8.361  -6.155  0.822   1.00 19.49 ? 156 HIS A ND1 1 
ATOM   1065 C  CD2 . HIS A 1 164 ? -7.741  -4.401  -0.326  1.00 19.21 ? 156 HIS A CD2 1 
ATOM   1066 C  CE1 . HIS A 1 164 ? -7.795  -6.599  -0.283  1.00 19.40 ? 156 HIS A CE1 1 
ATOM   1067 N  NE2 . HIS A 1 164 ? -7.448  -5.556  -1.020  1.00 17.50 ? 156 HIS A NE2 1 
ATOM   1068 N  N   . VAL A 1 165 ? -6.291  -2.716  3.534   1.00 17.00 ? 157 VAL A N   1 
ATOM   1069 C  CA  . VAL A 1 165 ? -4.861  -2.351  3.702   1.00 17.34 ? 157 VAL A CA  1 
ATOM   1070 C  C   . VAL A 1 165 ? -4.215  -3.193  4.795   1.00 17.02 ? 157 VAL A C   1 
ATOM   1071 O  O   . VAL A 1 165 ? -3.143  -3.780  4.590   1.00 17.78 ? 157 VAL A O   1 
ATOM   1072 C  CB  . VAL A 1 165 ? -4.650  -0.827  3.884   1.00 17.98 ? 157 VAL A CB  1 
ATOM   1073 C  CG1 . VAL A 1 165 ? -3.182  -0.494  4.329   1.00 19.66 ? 157 VAL A CG1 1 
ATOM   1074 C  CG2 . VAL A 1 165 ? -4.975  -0.061  2.602   1.00 18.42 ? 157 VAL A CG2 1 
ATOM   1075 N  N   . HIS A 1 166 ? -4.897  -3.292  5.942   1.00 18.31 ? 158 HIS A N   1 
ATOM   1076 C  CA  . HIS A 1 166 ? -4.458  -4.076  7.089   1.00 17.87 ? 158 HIS A CA  1 
ATOM   1077 C  C   . HIS A 1 166 ? -4.254  -5.539  6.705   1.00 17.86 ? 158 HIS A C   1 
ATOM   1078 O  O   . HIS A 1 166 ? -3.194  -6.140  7.008   1.00 18.04 ? 158 HIS A O   1 
ATOM   1079 C  CB  . HIS A 1 166 ? -5.449  -3.901  8.272   1.00 18.89 ? 158 HIS A CB  1 
ATOM   1080 C  CG  . HIS A 1 166 ? -5.158  -4.772  9.447   1.00 19.10 ? 158 HIS A CG  1 
ATOM   1081 N  ND1 . HIS A 1 166 ? -4.010  -4.641  10.198  1.00 21.60 ? 158 HIS A ND1 1 
ATOM   1082 C  CD2 . HIS A 1 166 ? -5.915  -5.704  10.083  1.00 24.30 ? 158 HIS A CD2 1 
ATOM   1083 C  CE1 . HIS A 1 166 ? -4.008  -5.553  11.147  1.00 19.56 ? 158 HIS A CE1 1 
ATOM   1084 N  NE2 . HIS A 1 166 ? -5.169  -6.176  11.140  1.00 23.06 ? 158 HIS A NE2 1 
ATOM   1085 N  N   . GLU A 1 167 ? -5.224  -6.090  5.996   1.00 17.02 ? 159 GLU A N   1 
ATOM   1086 C  CA  . GLU A 1 167 ? -5.171  -7.506  5.652   1.00 17.56 ? 159 GLU A CA  1 
ATOM   1087 C  C   . GLU A 1 167 ? -4.099  -7.805  4.609   1.00 17.11 ? 159 GLU A C   1 
ATOM   1088 O  O   . GLU A 1 167 ? -3.532  -8.904  4.600   1.00 17.78 ? 159 GLU A O   1 
ATOM   1089 C  CB  . GLU A 1 167 ? -6.511  -8.015  5.157   1.00 18.91 ? 159 GLU A CB  1 
ATOM   1090 C  CG  . GLU A 1 167 ? -7.647  -8.020  6.177   1.00 21.22 ? 159 GLU A CG  1 
ATOM   1091 C  CD  . GLU A 1 167 ? -7.400  -8.930  7.358   1.00 24.85 ? 159 GLU A CD  1 
ATOM   1092 O  OE1 . GLU A 1 167 ? -6.803  -10.014 7.170   1.00 26.57 ? 159 GLU A OE1 1 
ATOM   1093 O  OE2 . GLU A 1 167 ? -7.796  -8.549  8.471   1.00 25.14 ? 159 GLU A OE2 1 
ATOM   1094 N  N   . THR A 1 168 ? -3.836  -6.831  3.737   1.00 16.70 ? 160 THR A N   1 
ATOM   1095 C  CA  . THR A 1 168 ? -2.855  -6.936  2.656   1.00 17.02 ? 160 THR A CA  1 
ATOM   1096 C  C   . THR A 1 168 ? -1.425  -6.930  3.213   1.00 17.79 ? 160 THR A C   1 
ATOM   1097 O  O   . THR A 1 168 ? -0.527  -7.663  2.746   1.00 18.73 ? 160 THR A O   1 
ATOM   1098 C  CB  . THR A 1 168 ? -3.087  -5.766  1.671   1.00 16.72 ? 160 THR A CB  1 
ATOM   1099 O  OG1 . THR A 1 168 ? -4.374  -5.927  1.010   1.00 18.31 ? 160 THR A OG1 1 
ATOM   1100 C  CG2 . THR A 1 168 ? -2.088  -5.824  0.547   1.00 16.37 ? 160 THR A CG2 1 
ATOM   1101 N  N   . VAL A 1 169 ? -1.211  -6.136  4.252   1.00 17.51 ? 161 VAL A N   1 
ATOM   1102 C  CA  . VAL A 1 169 ? 0.102   -6.139  4.938   1.00 17.99 ? 161 VAL A CA  1 
ATOM   1103 C  C   . VAL A 1 169 ? 0.342   -7.551  5.504   1.00 18.34 ? 161 VAL A C   1 
ATOM   1104 O  O   . VAL A 1 169 ? 1.443   -8.139  5.370   1.00 19.17 ? 161 VAL A O   1 
ATOM   1105 C  CB  . VAL A 1 169 ? 0.129   -5.043  6.075   1.00 17.95 ? 161 VAL A CB  1 
ATOM   1106 C  CG1 . VAL A 1 169 ? 1.285   -5.302  7.063   1.00 19.25 ? 161 VAL A CG1 1 
ATOM   1107 C  CG2 . VAL A 1 169 ? 0.152   -3.632  5.542   1.00 17.34 ? 161 VAL A CG2 1 
ATOM   1108 N  N   . ALA A 1 170 ? -0.665  -8.107  6.169   1.00 18.76 ? 162 ALA A N   1 
ATOM   1109 C  CA  . ALA A 1 170 ? -0.601  -9.459  6.727   1.00 19.60 ? 162 ALA A CA  1 
ATOM   1110 C  C   . ALA A 1 170 ? -0.332  -10.534 5.649   1.00 19.46 ? 162 ALA A C   1 
ATOM   1111 O  O   . ALA A 1 170 ? 0.486   -11.460 5.878   1.00 18.79 ? 162 ALA A O   1 
ATOM   1112 C  CB  . ALA A 1 170 ? -1.886  -9.804  7.484   1.00 20.10 ? 162 ALA A CB  1 
ATOM   1113 N  N   . ILE A 1 171 ? -0.952  -10.378 4.484   1.00 18.81 ? 163 ILE A N   1 
ATOM   1114 C  CA  . ILE A 1 171 ? -0.831  -11.356 3.410   1.00 19.60 ? 163 ILE A CA  1 
ATOM   1115 C  C   . ILE A 1 171 ? 0.598   -11.362 2.901   1.00 19.22 ? 163 ILE A C   1 
ATOM   1116 O  O   . ILE A 1 171 ? 1.178   -12.425 2.634   1.00 18.81 ? 163 ILE A O   1 
ATOM   1117 C  CB  . ILE A 1 171 ? -1.826  -11.079 2.259   1.00 19.73 ? 163 ILE A CB  1 
ATOM   1118 C  CG1 . ILE A 1 171 ? -3.259  -11.453 2.698   1.00 21.30 ? 163 ILE A CG1 1 
ATOM   1119 C  CG2 . ILE A 1 171 ? -1.461  -11.903 1.047   1.00 21.84 ? 163 ILE A CG2 1 
ATOM   1120 C  CD1 . ILE A 1 171 ? -4.346  -11.011 1.720   1.00 23.88 ? 163 ILE A CD1 1 
ATOM   1121 N  N   . LEU A 1 172 ? 1.164   -10.177 2.725   1.00 18.88 ? 164 LEU A N   1 
ATOM   1122 C  CA  . LEU A 1 172 ? 2.538   -10.077 2.216   1.00 20.08 ? 164 LEU A CA  1 
ATOM   1123 C  C   . LEU A 1 172 ? 3.538   -10.782 3.158   1.00 20.15 ? 164 LEU A C   1 
ATOM   1124 O  O   . LEU A 1 172 ? 4.408   -11.501 2.680   1.00 20.28 ? 164 LEU A O   1 
ATOM   1125 C  CB  . LEU A 1 172 ? 2.908   -8.614  1.983   1.00 19.83 ? 164 LEU A CB  1 
ATOM   1126 C  CG  . LEU A 1 172 ? 2.255   -7.920  0.818   1.00 22.07 ? 164 LEU A CG  1 
ATOM   1127 C  CD1 . LEU A 1 172 ? 2.549   -6.423  0.877   1.00 22.37 ? 164 LEU A CD1 1 
ATOM   1128 C  CD2 . LEU A 1 172 ? 2.735   -8.488  -0.520  1.00 22.80 ? 164 LEU A CD2 1 
ATOM   1129 N  N   . MET A 1 173 ? 3.384   -10.614 4.471   1.00 21.19 ? 165 MET A N   1 
ATOM   1130 C  CA  . MET A 1 173 ? 4.271   -11.266 5.448   1.00 23.02 ? 165 MET A CA  1 
ATOM   1131 C  C   . MET A 1 173 ? 4.070   -12.777 5.489   1.00 22.70 ? 165 MET A C   1 
ATOM   1132 O  O   . MET A 1 173 ? 5.033   -13.551 5.660   1.00 24.17 ? 165 MET A O   1 
ATOM   1133 C  CB  . MET A 1 173 ? 4.066   -10.661 6.848   1.00 23.38 ? 165 MET A CB  1 
ATOM   1134 C  CG  . MET A 1 173 ? 4.413   -9.228  6.841   1.00 26.18 ? 165 MET A CG  1 
ATOM   1135 S  SD  . MET A 1 173 ? 4.449   -8.488  8.440   1.00 28.96 ? 165 MET A SD  1 
ATOM   1136 C  CE  . MET A 1 173 ? 2.761   -8.783  9.028   1.00 31.68 ? 165 MET A CE  1 
ATOM   1137 N  N   . ALA A 1 174 ? 2.833   -13.217 5.323   1.00 20.62 ? 166 ALA A N   1 
ATOM   1138 C  CA  . ALA A 1 174 ? 2.519   -14.644 5.461   1.00 21.08 ? 166 ALA A CA  1 
ATOM   1139 C  C   . ALA A 1 174 ? 2.972   -15.412 4.237   1.00 20.85 ? 166 ALA A C   1 
ATOM   1140 O  O   . ALA A 1 174 ? 3.415   -16.572 4.337   1.00 21.75 ? 166 ALA A O   1 
ATOM   1141 C  CB  . ALA A 1 174 ? 1.026   -14.827 5.659   1.00 20.79 ? 166 ALA A CB  1 
ATOM   1142 N  N   . ARG A 1 175 ? 2.843   -14.782 3.068   1.00 19.66 ? 167 ARG A N   1 
ATOM   1143 C  CA  . ARG A 1 175 ? 3.110   -15.467 1.797   1.00 20.48 ? 167 ARG A CA  1 
ATOM   1144 C  C   . ARG A 1 175 ? 4.564   -15.454 1.349   1.00 18.59 ? 167 ARG A C   1 
ATOM   1145 O  O   . ARG A 1 175 ? 4.942   -16.311 0.540   1.00 18.03 ? 167 ARG A O   1 
ATOM   1146 C  CB  . ARG A 1 175 ? 2.238   -14.908 0.675   1.00 21.05 ? 167 ARG A CB  1 
ATOM   1147 C  CG  . ARG A 1 175 ? 0.767   -15.170 0.886   1.00 26.37 ? 167 ARG A CG  1 
ATOM   1148 C  CD  . ARG A 1 175 ? 0.065   -16.137 -0.055  1.00 31.28 ? 167 ARG A CD  1 
ATOM   1149 N  NE  . ARG A 1 175 ? 0.739   -16.513 -1.310  1.00 34.62 ? 167 ARG A NE  1 
ATOM   1150 C  CZ  . ARG A 1 175 ? 0.297   -16.270 -2.550  1.00 36.93 ? 167 ARG A CZ  1 
ATOM   1151 N  NH1 . ARG A 1 175 ? -0.831  -15.598 -2.781  1.00 39.26 ? 167 ARG A NH1 1 
ATOM   1152 N  NH2 . ARG A 1 175 ? 0.994   -16.717 -3.587  1.00 39.00 ? 167 ARG A NH2 1 
ATOM   1153 N  N   . SER A 1 176 ? 5.377   -14.550 1.894   1.00 17.80 ? 168 SER A N   1 
ATOM   1154 C  CA  . SER A 1 176 ? 6.783   -14.403 1.485   1.00 18.36 ? 168 SER A CA  1 
ATOM   1155 C  C   . SER A 1 176 ? 7.750   -14.559 2.633   1.00 18.18 ? 168 SER A C   1 
ATOM   1156 O  O   . SER A 1 176 ? 7.884   -13.693 3.493   1.00 17.53 ? 168 SER A O   1 
ATOM   1157 C  CB  . SER A 1 176 ? 6.995   -13.040 0.831   1.00 19.16 ? 168 SER A CB  1 
ATOM   1158 O  OG  . SER A 1 176 ? 8.355   -12.805 0.527   1.00 18.36 ? 168 SER A OG  1 
ATOM   1159 N  N   . SER A 1 177 ? 8.445   -15.694 2.672   1.00 17.88 ? 169 SER A N   1 
ATOM   1160 C  CA  . SER A 1 177 ? 9.428   -15.876 3.712   1.00 18.01 ? 169 SER A CA  1 
ATOM   1161 C  C   . SER A 1 177 ? 10.556  -14.847 3.593   1.00 18.83 ? 169 SER A C   1 
ATOM   1162 O  O   . SER A 1 177 ? 11.163  -14.484 4.614   1.00 18.05 ? 169 SER A O   1 
ATOM   1163 C  CB  . SER A 1 177 ? 9.990   -17.320 3.733   1.00 17.66 ? 169 SER A CB  1 
ATOM   1164 O  OG  . SER A 1 177 ? 10.614  -17.659 2.512   1.00 18.94 ? 169 SER A OG  1 
ATOM   1165 N  N   . ALA A 1 178 ? 10.883  -14.411 2.380   1.00 18.54 ? 170 ALA A N   1 
ATOM   1166 C  CA  . ALA A 1 178 ? 11.987  -13.462 2.202   1.00 18.97 ? 170 ALA A CA  1 
ATOM   1167 C  C   . ALA A 1 178 ? 11.643  -12.127 2.879   1.00 18.19 ? 170 ALA A C   1 
ATOM   1168 O  O   . ALA A 1 178 ? 12.503  -11.489 3.512   1.00 20.88 ? 170 ALA A O   1 
ATOM   1169 C  CB  . ALA A 1 178 ? 12.255  -13.242 0.703   1.00 19.50 ? 170 ALA A CB  1 
ATOM   1170 N  N   . ILE A 1 179 ? 10.383  -11.725 2.773   1.00 16.98 ? 171 ILE A N   1 
ATOM   1171 C  CA  . ILE A 1 179 ? 9.896   -10.484 3.394   1.00 17.20 ? 171 ILE A CA  1 
ATOM   1172 C  C   . ILE A 1 179 ? 9.876   -10.648 4.928   1.00 17.94 ? 171 ILE A C   1 
ATOM   1173 O  O   . ILE A 1 179 ? 10.407  -9.819  5.683   1.00 18.08 ? 171 ILE A O   1 
ATOM   1174 C  CB  . ILE A 1 179 ? 8.485   -10.105 2.851   1.00 16.49 ? 171 ILE A CB  1 
ATOM   1175 C  CG1 . ILE A 1 179 ? 8.641   -9.611  1.416   1.00 18.64 ? 171 ILE A CG1 1 
ATOM   1176 C  CG2 . ILE A 1 179 ? 7.774   -9.081  3.737   1.00 17.58 ? 171 ILE A CG2 1 
ATOM   1177 C  CD1 . ILE A 1 179 ? 7.367   -9.312  0.594   1.00 20.88 ? 171 ILE A CD1 1 
ATOM   1178 N  N   . SER A 1 180 ? 9.238   -11.703 5.382   1.00 18.12 ? 172 SER A N   1 
ATOM   1179 C  CA  . SER A 1 180 ? 9.065   -11.904 6.807   1.00 19.92 ? 172 SER A CA  1 
ATOM   1180 C  C   . SER A 1 180 ? 10.414  -12.022 7.519   1.00 20.57 ? 172 SER A C   1 
ATOM   1181 O  O   . SER A 1 180 ? 10.620  -11.418 8.582   1.00 21.07 ? 172 SER A O   1 
ATOM   1182 C  CB  . SER A 1 180 ? 8.149   -13.098 7.096   1.00 20.86 ? 172 SER A CB  1 
ATOM   1183 O  OG  . SER A 1 180 ? 8.729   -14.350 6.782   1.00 27.17 ? 172 SER A OG  1 
ATOM   1184 N  N   . GLU A 1 181 ? 11.363  -12.702 6.894   1.00 19.68 ? 173 GLU A N   1 
ATOM   1185 C  CA  . GLU A 1 181 ? 12.691  -12.871 7.506   1.00 21.36 ? 173 GLU A CA  1 
ATOM   1186 C  C   . GLU A 1 181 ? 13.481  -11.601 7.662   1.00 20.30 ? 173 GLU A C   1 
ATOM   1187 O  O   . GLU A 1 181 ? 14.208  -11.436 8.659   1.00 19.98 ? 173 GLU A O   1 
ATOM   1188 C  CB  . GLU A 1 181 ? 13.512  -13.870 6.721   1.00 22.30 ? 173 GLU A CB  1 
ATOM   1189 C  CG  . GLU A 1 181 ? 13.003  -15.257 6.959   1.00 26.71 ? 173 GLU A CG  1 
ATOM   1190 C  CD  . GLU A 1 181 ? 14.062  -16.315 6.717   1.00 29.14 ? 173 GLU A CD  1 
ATOM   1191 O  OE1 . GLU A 1 181 ? 13.970  -17.343 7.413   1.00 35.03 ? 173 GLU A OE1 1 
ATOM   1192 O  OE2 . GLU A 1 181 ? 14.969  -16.121 5.864   1.00 29.97 ? 173 GLU A OE2 1 
ATOM   1193 N  N   A ARG A 1 182 ? 13.358  -10.710 6.686   0.50 19.96 ? 174 ARG A N   1 
ATOM   1194 N  N   B ARG A 1 182 ? 13.348  -10.710 6.692   0.50 19.51 ? 174 ARG A N   1 
ATOM   1195 C  CA  A ARG A 1 182 ? 14.070  -9.437  6.721   0.50 19.50 ? 174 ARG A CA  1 
ATOM   1196 C  CA  B ARG A 1 182 ? 14.067  -9.448  6.720   0.50 18.64 ? 174 ARG A CA  1 
ATOM   1197 C  C   A ARG A 1 182 ? 13.438  -8.500  7.753   0.50 19.79 ? 174 ARG A C   1 
ATOM   1198 C  C   B ARG A 1 182 ? 13.439  -8.500  7.745   0.50 19.34 ? 174 ARG A C   1 
ATOM   1199 O  O   A ARG A 1 182 ? 14.123  -7.702  8.382   0.50 20.21 ? 174 ARG A O   1 
ATOM   1200 O  O   B ARG A 1 182 ? 14.128  -7.708  8.378   0.50 19.80 ? 174 ARG A O   1 
ATOM   1201 C  CB  A ARG A 1 182 ? 14.101  -8.778  5.331   0.50 19.50 ? 174 ARG A CB  1 
ATOM   1202 C  CB  B ARG A 1 182 ? 14.111  -8.839  5.316   0.50 18.33 ? 174 ARG A CB  1 
ATOM   1203 C  CG  A ARG A 1 182 ? 15.416  -9.033  4.569   0.50 22.32 ? 174 ARG A CG  1 
ATOM   1204 C  CG  B ARG A 1 182 ? 14.999  -9.679  4.369   0.50 19.02 ? 174 ARG A CG  1 
ATOM   1205 C  CD  A ARG A 1 182 ? 15.249  -9.345  3.109   0.50 25.26 ? 174 ARG A CD  1 
ATOM   1206 C  CD  B ARG A 1 182 ? 14.876  -9.339  2.896   0.50 21.17 ? 174 ARG A CD  1 
ATOM   1207 N  NE  A ARG A 1 182 ? 16.519  -9.486  2.382   0.50 28.89 ? 174 ARG A NE  1 
ATOM   1208 N  NE  B ARG A 1 182 ? 16.013  -9.846  2.112   0.50 23.96 ? 174 ARG A NE  1 
ATOM   1209 C  CZ  A ARG A 1 182 ? 17.284  -8.476  1.947   0.50 28.12 ? 174 ARG A CZ  1 
ATOM   1210 C  CZ  B ARG A 1 182 ? 16.249  -11.119 1.851   0.50 22.91 ? 174 ARG A CZ  1 
ATOM   1211 N  NH1 A ARG A 1 182 ? 16.953  -7.202  2.167   0.50 28.21 ? 174 ARG A NH1 1 
ATOM   1212 N  NH1 B ARG A 1 182 ? 15.427  -12.059 2.315   0.50 24.00 ? 174 ARG A NH1 1 
ATOM   1213 N  NH2 A ARG A 1 182 ? 18.386  -8.750  1.278   0.50 27.38 ? 174 ARG A NH2 1 
ATOM   1214 N  NH2 B ARG A 1 182 ? 17.328  -11.466 1.137   0.50 20.86 ? 174 ARG A NH2 1 
ATOM   1215 N  N   . ILE A 1 183 ? 12.123  -8.580  7.921   1.00 19.43 ? 175 ILE A N   1 
ATOM   1216 C  CA  . ILE A 1 183 ? 11.455  -7.796  8.955   1.00 20.89 ? 175 ILE A CA  1 
ATOM   1217 C  C   . ILE A 1 183 ? 11.956  -8.288  10.350  1.00 21.86 ? 175 ILE A C   1 
ATOM   1218 O  O   . ILE A 1 183 ? 12.319  -7.486  11.222  1.00 22.25 ? 175 ILE A O   1 
ATOM   1219 C  CB  . ILE A 1 183 ? 9.916   -7.894  8.835   1.00 22.14 ? 175 ILE A CB  1 
ATOM   1220 C  CG1 . ILE A 1 183 ? 9.420   -7.199  7.570   1.00 23.25 ? 175 ILE A CG1 1 
ATOM   1221 C  CG2 . ILE A 1 183 ? 9.235   -7.291  10.059  1.00 22.00 ? 175 ILE A CG2 1 
ATOM   1222 C  CD1 . ILE A 1 183 ? 7.995   -7.589  7.144   1.00 26.62 ? 175 ILE A CD1 1 
ATOM   1223 N  N   . ALA A 1 184 ? 11.981  -9.602  10.550  1.00 21.99 ? 176 ALA A N   1 
ATOM   1224 C  CA  . ALA A 1 184 ? 12.474  -10.159 11.816  1.00 22.55 ? 176 ALA A CA  1 
ATOM   1225 C  C   . ALA A 1 184 ? 13.939  -9.843  12.017  1.00 23.08 ? 176 ALA A C   1 
ATOM   1226 O  O   . ALA A 1 184 ? 14.405  -9.654  13.135  1.00 23.74 ? 176 ALA A O   1 
ATOM   1227 C  CB  . ALA A 1 184 ? 12.295  -11.640 11.841  1.00 22.30 ? 176 ALA A CB  1 
ATOM   1228 N  N   . GLY A 1 185 ? 14.684  -9.822  10.931  1.00 22.71 ? 177 GLY A N   1 
ATOM   1229 C  CA  . GLY A 1 185 ? 16.118  -9.609  10.983  1.00 24.09 ? 177 GLY A CA  1 
ATOM   1230 C  C   . GLY A 1 185 ? 16.544  -8.168  11.189  1.00 24.03 ? 177 GLY A C   1 
ATOM   1231 O  O   . GLY A 1 185 ? 17.721  -7.951  11.416  1.00 26.04 ? 177 GLY A O   1 
ATOM   1232 N  N   . GLY A 1 186 ? 15.633  -7.204  11.092  1.00 23.68 ? 178 GLY A N   1 
ATOM   1233 C  CA  . GLY A 1 186 ? 15.967  -5.798  11.257  1.00 22.85 ? 178 GLY A CA  1 
ATOM   1234 C  C   . GLY A 1 186 ? 16.246  -4.916  10.037  1.00 22.64 ? 178 GLY A C   1 
ATOM   1235 O  O   . GLY A 1 186 ? 16.386  -3.683  10.199  1.00 23.63 ? 178 GLY A O   1 
ATOM   1236 N  N   . SER A 1 187 ? 16.231  -5.465  8.826   1.00 20.80 ? 179 SER A N   1 
ATOM   1237 C  CA  . SER A 1 187 ? 16.593  -4.678  7.629   1.00 21.45 ? 179 SER A CA  1 
ATOM   1238 C  C   . SER A 1 187 ? 15.399  -4.215  6.750   1.00 20.87 ? 179 SER A C   1 
ATOM   1239 O  O   . SER A 1 187 ? 15.606  -3.559  5.707   1.00 22.40 ? 179 SER A O   1 
ATOM   1240 C  CB  . SER A 1 187 ? 17.574  -5.491  6.796   1.00 21.87 ? 179 SER A CB  1 
ATOM   1241 O  OG  . SER A 1 187 ? 16.978  -6.712  6.393   1.00 23.84 ? 179 SER A OG  1 
ATOM   1242 N  N   . LEU A 1 188 ? 14.183  -4.614  7.112   1.00 18.47 ? 180 LEU A N   1 
ATOM   1243 C  CA  . LEU A 1 188 ? 12.954  -4.265  6.380   1.00 18.77 ? 180 LEU A CA  1 
ATOM   1244 C  C   . LEU A 1 188 ? 11.814  -3.919  7.323   1.00 17.61 ? 180 LEU A C   1 
ATOM   1245 O  O   . LEU A 1 188 ? 11.732  -4.497  8.455   1.00 17.07 ? 180 LEU A O   1 
ATOM   1246 C  CB  . LEU A 1 188 ? 12.535  -5.454  5.493   1.00 17.67 ? 180 LEU A CB  1 
ATOM   1247 C  CG  . LEU A 1 188 ? 11.248  -5.350  4.661   1.00 17.78 ? 180 LEU A CG  1 
ATOM   1248 C  CD1 . LEU A 1 188 ? 11.361  -4.187  3.663   1.00 19.93 ? 180 LEU A CD1 1 
ATOM   1249 C  CD2 . LEU A 1 188 ? 10.994  -6.686  3.964   1.00 17.15 ? 180 LEU A CD2 1 
ATOM   1250 N  N   . ALA A 1 189 ? 10.996  -2.918  6.971   1.00 18.18 ? 181 ALA A N   1 
ATOM   1251 C  CA  . ALA A 1 189 ? 9.730   -2.678  7.666   1.00 17.17 ? 181 ALA A CA  1 
ATOM   1252 C  C   . ALA A 1 189 ? 8.640   -2.562  6.652   1.00 17.71 ? 181 ALA A C   1 
ATOM   1253 O  O   . ALA A 1 189 ? 8.879   -2.209  5.487   1.00 16.85 ? 181 ALA A O   1 
ATOM   1254 C  CB  . ALA A 1 189 ? 9.782   -1.373  8.523   1.00 17.64 ? 181 ALA A CB  1 
ATOM   1255 N  N   . ILE A 1 190 ? 7.413   -2.811  7.095   1.00 16.97 ? 182 ILE A N   1 
ATOM   1256 C  CA  . ILE A 1 190 ? 6.243   -2.656  6.229   1.00 17.58 ? 182 ILE A CA  1 
ATOM   1257 C  C   . ILE A 1 190 ? 5.185   -1.816  6.959   1.00 16.76 ? 182 ILE A C   1 
ATOM   1258 O  O   . ILE A 1 190 ? 4.981   -1.975  8.193   1.00 16.43 ? 182 ILE A O   1 
ATOM   1259 C  CB  . ILE A 1 190 ? 5.704   -4.061  5.756   1.00 17.16 ? 182 ILE A CB  1 
ATOM   1260 C  CG1 . ILE A 1 190 ? 4.504   -3.874  4.803   1.00 19.32 ? 182 ILE A CG1 1 
ATOM   1261 C  CG2 . ILE A 1 190 ? 5.435   -4.935  6.953   1.00 20.32 ? 182 ILE A CG2 1 
ATOM   1262 C  CD1 . ILE A 1 190 ? 4.030   -5.161  4.119   1.00 21.22 ? 182 ILE A CD1 1 
ATOM   1263 N  N   . VAL A 1 191 ? 4.640   -0.818  6.262   1.00 16.52 ? 183 VAL A N   1 
ATOM   1264 C  CA  . VAL A 1 191 ? 3.617   0.039   6.833   1.00 16.91 ? 183 VAL A CA  1 
ATOM   1265 C  C   . VAL A 1 191 ? 2.339   0.037   5.949   1.00 17.87 ? 183 VAL A C   1 
ATOM   1266 O  O   . VAL A 1 191 ? 2.427   -0.178  4.737   1.00 18.19 ? 183 VAL A O   1 
ATOM   1267 C  CB  . VAL A 1 191 ? 4.086   1.503   7.022   1.00 16.34 ? 183 VAL A CB  1 
ATOM   1268 C  CG1 . VAL A 1 191 ? 5.322   1.629   7.960   1.00 16.84 ? 183 VAL A CG1 1 
ATOM   1269 C  CG2 . VAL A 1 191 ? 4.385   2.209   5.715   1.00 17.22 ? 183 VAL A CG2 1 
ATOM   1270 N  N   . GLY A 1 192 ? 1.207   0.268   6.587   1.00 17.63 ? 184 GLY A N   1 
ATOM   1271 C  CA  . GLY A 1 192 ? -0.083  0.460   5.961   1.00 16.92 ? 184 GLY A CA  1 
ATOM   1272 C  C   . GLY A 1 192 ? -0.461  1.903   6.145   1.00 16.68 ? 184 GLY A C   1 
ATOM   1273 O  O   . GLY A 1 192 ? -0.421  2.429   7.290   1.00 16.88 ? 184 GLY A O   1 
ATOM   1274 N  N   . VAL A 1 193 ? -0.745  2.601   5.050   1.00 17.43 ? 185 VAL A N   1 
ATOM   1275 C  CA  . VAL A 1 193 ? -0.959  4.049   5.059   1.00 16.57 ? 185 VAL A CA  1 
ATOM   1276 C  C   . VAL A 1 193 ? -2.184  4.331   4.174   1.00 17.90 ? 185 VAL A C   1 
ATOM   1277 O  O   . VAL A 1 193 ? -2.366  3.668   3.168   1.00 17.94 ? 185 VAL A O   1 
ATOM   1278 C  CB  . VAL A 1 193 ? 0.286   4.826   4.501   1.00 17.29 ? 185 VAL A CB  1 
ATOM   1279 C  CG1 . VAL A 1 193 ? 0.039   6.270   4.267   1.00 18.71 ? 185 VAL A CG1 1 
ATOM   1280 C  CG2 . VAL A 1 193 ? 1.520   4.631   5.378   1.00 17.22 ? 185 VAL A CG2 1 
ATOM   1281 N  N   . THR A 1 194 ? -3.027  5.283   4.572   1.00 17.87 ? 186 THR A N   1 
ATOM   1282 C  CA  . THR A 1 194 ? -4.153  5.762   3.751   1.00 20.07 ? 186 THR A CA  1 
ATOM   1283 C  C   . THR A 1 194 ? -4.128  7.280   3.570   1.00 22.41 ? 186 THR A C   1 
ATOM   1284 O  O   . THR A 1 194 ? -3.537  7.990   4.349   1.00 22.69 ? 186 THR A O   1 
ATOM   1285 C  CB  . THR A 1 194 ? -5.519  5.335   4.334   1.00 20.72 ? 186 THR A CB  1 
ATOM   1286 O  OG1 . THR A 1 194 ? -5.727  5.890   5.637   1.00 22.94 ? 186 THR A OG1 1 
ATOM   1287 C  CG2 . THR A 1 194 ? -5.616  3.827   4.563   1.00 22.96 ? 186 THR A CG2 1 
ATOM   1288 N  N   . TYR A 1 195 ? -4.753  7.771   2.513   1.00 24.41 ? 187 TYR A N   1 
ATOM   1289 C  CA  . TYR A 1 195 ? -5.021  9.223   2.414   1.00 25.86 ? 187 TYR A CA  1 
ATOM   1290 C  C   . TYR A 1 195 ? -6.398  9.477   1.847   1.00 26.27 ? 187 TYR A C   1 
ATOM   1291 O  O   . TYR A 1 195 ? -7.015  8.583   1.300   1.00 23.55 ? 187 TYR A O   1 
ATOM   1292 C  CB  . TYR A 1 195 ? -3.952  9.886   1.561   1.00 25.70 ? 187 TYR A CB  1 
ATOM   1293 C  CG  . TYR A 1 195 ? -3.987  9.411   0.144   1.00 26.78 ? 187 TYR A CG  1 
ATOM   1294 C  CD1 . TYR A 1 195 ? -4.586  10.183  -0.837  1.00 26.85 ? 187 TYR A CD1 1 
ATOM   1295 C  CD2 . TYR A 1 195 ? -3.434  8.204   -0.222  1.00 27.00 ? 187 TYR A CD2 1 
ATOM   1296 C  CE1 . TYR A 1 195 ? -4.653  9.759   -2.172  1.00 24.69 ? 187 TYR A CE1 1 
ATOM   1297 C  CE2 . TYR A 1 195 ? -3.470  7.758   -1.582  1.00 27.50 ? 187 TYR A CE2 1 
ATOM   1298 C  CZ  . TYR A 1 195 ? -4.106  8.553   -2.552  1.00 29.50 ? 187 TYR A CZ  1 
ATOM   1299 O  OH  . TYR A 1 195 ? -4.197  8.166   -3.895  1.00 28.68 ? 187 TYR A OH  1 
ATOM   1300 N  N   . GLN A 1 196 ? -6.900  10.699  2.068   1.00 27.19 ? 188 GLN A N   1 
ATOM   1301 C  CA  . GLN A 1 196 ? -8.119  11.189  1.465   1.00 28.74 ? 188 GLN A CA  1 
ATOM   1302 C  C   . GLN A 1 196 ? -7.573  12.258  0.540   1.00 28.45 ? 188 GLN A C   1 
ATOM   1303 O  O   . GLN A 1 196 ? -6.770  13.091  0.961   1.00 27.52 ? 188 GLN A O   1 
ATOM   1304 C  CB  . GLN A 1 196 ? -9.066  11.767  2.528   1.00 29.65 ? 188 GLN A CB  1 
ATOM   1305 C  CG  . GLN A 1 196 ? -10.406 12.298  2.019   1.00 33.73 ? 188 GLN A CG  1 
ATOM   1306 C  CD  . GLN A 1 196 ? -11.374 12.537  3.172   1.00 38.76 ? 188 GLN A CD  1 
ATOM   1307 O  OE1 . GLN A 1 196 ? -11.794 11.574  3.826   1.00 43.33 ? 188 GLN A OE1 1 
ATOM   1308 N  NE2 . GLN A 1 196 ? -11.715 13.807  3.440   1.00 39.01 ? 188 GLN A NE2 1 
ATOM   1309 N  N   . LEU A 1 197 ? -7.954  12.163  -0.721  1.00 29.52 ? 189 LEU A N   1 
ATOM   1310 C  CA  . LEU A 1 197 ? -7.499  13.049  -1.771  1.00 31.22 ? 189 LEU A CA  1 
ATOM   1311 C  C   . LEU A 1 197 ? -7.737  14.521  -1.415  1.00 31.68 ? 189 LEU A C   1 
ATOM   1312 O  O   . LEU A 1 197 ? -6.889  15.358  -1.661  1.00 31.96 ? 189 LEU A O   1 
ATOM   1313 C  CB  . LEU A 1 197 ? -8.242  12.689  -3.061  1.00 32.13 ? 189 LEU A CB  1 
ATOM   1314 C  CG  . LEU A 1 197 ? -7.937  13.453  -4.343  1.00 34.60 ? 189 LEU A CG  1 
ATOM   1315 C  CD1 . LEU A 1 197 ? -6.508  13.239  -4.769  1.00 37.08 ? 189 LEU A CD1 1 
ATOM   1316 C  CD2 . LEU A 1 197 ? -8.930  13.030  -5.451  1.00 37.03 ? 189 LEU A CD2 1 
ATOM   1317 N  N   . ASP A 1 198 ? -8.857  14.833  -0.791  1.00 32.60 ? 190 ASP A N   1 
ATOM   1318 C  CA  . ASP A 1 198 ? -9.204  16.244  -0.600  1.00 33.64 ? 190 ASP A CA  1 
ATOM   1319 C  C   . ASP A 1 198 ? -8.496  16.946  0.553   1.00 33.16 ? 190 ASP A C   1 
ATOM   1320 O  O   . ASP A 1 198 ? -8.665  18.138  0.753   1.00 33.20 ? 190 ASP A O   1 
ATOM   1321 C  CB  . ASP A 1 198 ? -10.726 16.441  -0.509  1.00 34.63 ? 190 ASP A CB  1 
ATOM   1322 C  CG  . ASP A 1 198 ? -11.341 15.843  0.743   1.00 37.02 ? 190 ASP A CG  1 
ATOM   1323 O  OD1 . ASP A 1 198 ? -10.627 15.575  1.741   1.00 41.42 ? 190 ASP A OD1 1 
ATOM   1324 O  OD2 . ASP A 1 198 ? -12.581 15.642  0.807   1.00 43.30 ? 190 ASP A OD2 1 
ATOM   1325 N  N   . ASP A 1 199 ? -7.689  16.214  1.301   1.00 32.35 ? 191 ASP A N   1 
ATOM   1326 C  CA  . ASP A 1 199 ? -6.939  16.815  2.386   1.00 31.29 ? 191 ASP A CA  1 
ATOM   1327 C  C   . ASP A 1 199 ? -5.436  16.552  2.242   1.00 29.49 ? 191 ASP A C   1 
ATOM   1328 O  O   . ASP A 1 199 ? -4.610  17.354  2.700   1.00 28.91 ? 191 ASP A O   1 
ATOM   1329 C  CB  . ASP A 1 199 ? -7.596  16.337  3.685   1.00 32.86 ? 191 ASP A CB  1 
ATOM   1330 C  CG  . ASP A 1 199 ? -6.655  15.691  4.635   1.00 34.44 ? 191 ASP A CG  1 
ATOM   1331 O  OD1 . ASP A 1 199 ? -6.367  16.302  5.660   1.00 41.52 ? 191 ASP A OD1 1 
ATOM   1332 O  OD2 . ASP A 1 199 ? -6.220  14.548  4.466   1.00 40.12 ? 191 ASP A OD2 1 
ATOM   1333 N  N   . GLY A 1 200 ? -5.097  15.420  1.615   1.00 27.22 ? 192 GLY A N   1 
ATOM   1334 C  CA  . GLY A 1 200 ? -3.737  15.086  1.177   1.00 25.77 ? 192 GLY A CA  1 
ATOM   1335 C  C   . GLY A 1 200 ? -2.825  14.378  2.169   1.00 25.05 ? 192 GLY A C   1 
ATOM   1336 O  O   . GLY A 1 200 ? -1.701  13.964  1.826   1.00 23.02 ? 192 GLY A O   1 
ATOM   1337 N  N   . ARG A 1 201 ? -3.275  14.275  3.422   1.00 24.72 ? 193 ARG A N   1 
ATOM   1338 C  CA  . ARG A 1 201 ? -2.463  13.747  4.520   1.00 24.80 ? 193 ARG A CA  1 
ATOM   1339 C  C   . ARG A 1 201 ? -2.298  12.239  4.402   1.00 23.66 ? 193 ARG A C   1 
ATOM   1340 O  O   . ARG A 1 201 ? -3.261  11.531  4.190   1.00 23.84 ? 193 ARG A O   1 
ATOM   1341 C  CB  . ARG A 1 201 ? -3.115  14.051  5.867   1.00 26.01 ? 193 ARG A CB  1 
ATOM   1342 C  CG  . ARG A 1 201 ? -2.943  15.451  6.325   1.00 28.40 ? 193 ARG A CG  1 
ATOM   1343 C  CD  . ARG A 1 201 ? -3.476  15.711  7.753   1.00 35.63 ? 193 ARG A CD  1 
ATOM   1344 N  NE  . ARG A 1 201 ? -4.901  15.399  7.853   1.00 40.94 ? 193 ARG A NE  1 
ATOM   1345 C  CZ  . ARG A 1 201 ? -5.822  16.043  8.599   1.00 46.75 ? 193 ARG A CZ  1 
ATOM   1346 N  NH1 . ARG A 1 201 ? -5.522  17.087  9.386   1.00 46.21 ? 193 ARG A NH1 1 
ATOM   1347 N  NH2 . ARG A 1 201 ? -7.086  15.615  8.541   1.00 48.72 ? 193 ARG A NH2 1 
ATOM   1348 N  N   . ALA A 1 202 ? -1.064  11.773  4.527   1.00 22.02 ? 194 ALA A N   1 
ATOM   1349 C  CA  . ALA A 1 202 ? -0.802  10.339  4.573   1.00 22.73 ? 194 ALA A CA  1 
ATOM   1350 C  C   . ALA A 1 202 ? -0.898  9.895   6.019   1.00 21.12 ? 194 ALA A C   1 
ATOM   1351 O  O   . ALA A 1 202 ? -0.131  10.334  6.882   1.00 23.48 ? 194 ALA A O   1 
ATOM   1352 C  CB  . ALA A 1 202 ? 0.573   9.999   3.957   1.00 23.14 ? 194 ALA A CB  1 
ATOM   1353 N  N   . VAL A 1 203 ? -1.898  9.058   6.294   1.00 18.72 ? 195 VAL A N   1 
ATOM   1354 C  CA  . VAL A 1 203 ? -2.218  8.611   7.639   1.00 18.72 ? 195 VAL A CA  1 
ATOM   1355 C  C   . VAL A 1 203 ? -1.616  7.216   7.904   1.00 18.05 ? 195 VAL A C   1 
ATOM   1356 O  O   . VAL A 1 203 ? -1.946  6.216   7.200   1.00 18.12 ? 195 VAL A O   1 
ATOM   1357 C  CB  . VAL A 1 203 ? -3.736  8.604   7.850   1.00 18.29 ? 195 VAL A CB  1 
ATOM   1358 C  CG1 . VAL A 1 203 ? -4.091  8.149   9.274   1.00 19.13 ? 195 VAL A CG1 1 
ATOM   1359 C  CG2 . VAL A 1 203 ? -4.283  9.992   7.572   1.00 18.12 ? 195 VAL A CG2 1 
ATOM   1360 N  N   . LEU A 1 204 ? -0.781  7.137   8.947   1.00 16.86 ? 196 LEU A N   1 
ATOM   1361 C  CA  . LEU A 1 204 ? -0.073  5.896   9.221   1.00 17.08 ? 196 LEU A CA  1 
ATOM   1362 C  C   . LEU A 1 204 ? -1.005  5.075   10.068  1.00 18.67 ? 196 LEU A C   1 
ATOM   1363 O  O   . LEU A 1 204 ? -1.548  5.597   11.037  1.00 20.24 ? 196 LEU A O   1 
ATOM   1364 C  CB  . LEU A 1 204 ? 1.225   6.156   9.990   1.00 17.42 ? 196 LEU A CB  1 
ATOM   1365 C  CG  . LEU A 1 204 ? 1.934   4.941   10.572  1.00 18.00 ? 196 LEU A CG  1 
ATOM   1366 C  CD1 . LEU A 1 204 ? 2.506   4.041   9.473   1.00 19.50 ? 196 LEU A CD1 1 
ATOM   1367 C  CD2 . LEU A 1 204 ? 3.024   5.421   11.515  1.00 18.57 ? 196 LEU A CD2 1 
ATOM   1368 N  N   . ARG A 1 205 ? -1.227  3.826   9.673   1.00 19.74 ? 197 ARG A N   1 
ATOM   1369 C  CA  . ARG A 1 205 ? -2.212  2.959   10.292  1.00 20.97 ? 197 ARG A CA  1 
ATOM   1370 C  C   . ARG A 1 205 ? -1.486  1.768   10.903  1.00 22.82 ? 197 ARG A C   1 
ATOM   1371 O  O   . ARG A 1 205 ? -1.469  1.660   12.104  1.00 26.58 ? 197 ARG A O   1 
ATOM   1372 C  CB  . ARG A 1 205 ? -3.222  2.462   9.283   1.00 21.98 ? 197 ARG A CB  1 
ATOM   1373 C  CG  . ARG A 1 205 ? -3.960  3.527   8.551   1.00 24.86 ? 197 ARG A CG  1 
ATOM   1374 C  CD  . ARG A 1 205 ? -5.173  3.933   9.197   1.00 26.96 ? 197 ARG A CD  1 
ATOM   1375 N  NE  . ARG A 1 205 ? -5.930  4.895   8.377   1.00 29.27 ? 197 ARG A NE  1 
ATOM   1376 C  CZ  . ARG A 1 205 ? -6.788  5.731   8.914   1.00 26.71 ? 197 ARG A CZ  1 
ATOM   1377 N  NH1 . ARG A 1 205 ? -7.004  5.669   10.210  1.00 26.34 ? 197 ARG A NH1 1 
ATOM   1378 N  NH2 . ARG A 1 205 ? -7.432  6.627   8.176   1.00 24.37 ? 197 ARG A NH2 1 
ATOM   1379 N  N   . ASP A 1 206 ? -0.874  0.907   10.095  1.00 21.79 ? 198 ASP A N   1 
ATOM   1380 C  CA  . ASP A 1 206 ? -0.129  -0.288  10.572  1.00 21.27 ? 198 ASP A CA  1 
ATOM   1381 C  C   . ASP A 1 206 ? 1.368   -0.090  10.382  1.00 19.36 ? 198 ASP A C   1 
ATOM   1382 O  O   . ASP A 1 206 ? 1.757   0.571   9.446   1.00 18.49 ? 198 ASP A O   1 
ATOM   1383 C  CB  . ASP A 1 206 ? -0.506  -1.553  9.816   1.00 22.88 ? 198 ASP A CB  1 
ATOM   1384 C  CG  . ASP A 1 206 ? -1.921  -2.091  10.199  1.00 27.93 ? 198 ASP A CG  1 
ATOM   1385 O  OD1 . ASP A 1 206 ? -2.603  -1.477  11.038  1.00 34.64 ? 198 ASP A OD1 1 
ATOM   1386 O  OD2 . ASP A 1 206 ? -2.395  -3.124  9.731   1.00 33.24 ? 198 ASP A OD2 1 
ATOM   1387 N  N   . HIS A 1 207 ? 2.213   -0.685  11.250  1.00 19.01 ? 199 HIS A N   1 
ATOM   1388 C  CA  . HIS A 1 207 ? 3.677   -0.505  11.166  1.00 19.62 ? 199 HIS A CA  1 
ATOM   1389 C  C   . HIS A 1 207 ? 4.377   -1.710  11.765  1.00 20.58 ? 199 HIS A C   1 
ATOM   1390 O  O   . HIS A 1 207 ? 4.313   -1.904  12.982  1.00 18.58 ? 199 HIS A O   1 
ATOM   1391 C  CB  . HIS A 1 207 ? 4.140   0.810   11.851  1.00 21.01 ? 199 HIS A CB  1 
ATOM   1392 C  CG  . HIS A 1 207 ? 3.312   1.179   13.034  1.00 21.06 ? 199 HIS A CG  1 
ATOM   1393 N  ND1 . HIS A 1 207 ? 3.355   0.477   14.224  1.00 20.48 ? 199 HIS A ND1 1 
ATOM   1394 C  CD2 . HIS A 1 207 ? 2.361   2.132   13.190  1.00 24.03 ? 199 HIS A CD2 1 
ATOM   1395 C  CE1 . HIS A 1 207 ? 2.447   0.974   15.052  1.00 21.46 ? 199 HIS A CE1 1 
ATOM   1396 N  NE2 . HIS A 1 207 ? 1.826   1.970   14.447  1.00 19.52 ? 199 HIS A NE2 1 
ATOM   1397 N  N   . ILE A 1 208 ? 5.030   -2.540  10.942  1.00 18.92 ? 200 ILE A N   1 
ATOM   1398 C  CA  . ILE A 1 208 ? 5.730   -3.723  11.449  1.00 21.16 ? 200 ILE A CA  1 
ATOM   1399 C  C   . ILE A 1 208 ? 7.201   -3.495  11.209  1.00 21.66 ? 200 ILE A C   1 
ATOM   1400 O  O   . ILE A 1 208 ? 7.631   -3.392  10.082  1.00 21.31 ? 200 ILE A O   1 
ATOM   1401 C  CB  . ILE A 1 208 ? 5.186   -5.034  10.806  1.00 21.30 ? 200 ILE A CB  1 
ATOM   1402 C  CG1 . ILE A 1 208 ? 3.668   -5.129  11.067  1.00 25.56 ? 200 ILE A CG1 1 
ATOM   1403 C  CG2 . ILE A 1 208 ? 5.847   -6.243  11.394  1.00 22.11 ? 200 ILE A CG2 1 
ATOM   1404 C  CD1 . ILE A 1 208 ? 2.864   -4.882  9.963   1.00 27.61 ? 200 ILE A CD1 1 
ATOM   1405 N  N   . GLY A 1 209 ? 7.961   -3.364  12.297  1.00 23.35 ? 201 GLY A N   1 
ATOM   1406 C  CA  . GLY A 1 209 ? 9.388   -3.063  12.227  1.00 24.65 ? 201 GLY A CA  1 
ATOM   1407 C  C   . GLY A 1 209 ? 9.678   -1.684  12.752  1.00 24.50 ? 201 GLY A C   1 
ATOM   1408 O  O   . GLY A 1 209 ? 8.757   -0.936  12.969  1.00 25.93 ? 201 GLY A O   1 
ATOM   1409 N  N   . ASN A 1 210 ? 10.952  -1.338  12.953  1.00 25.41 ? 202 ASN A N   1 
ATOM   1410 C  CA  . ASN A 1 210 ? 11.334  -0.023  13.446  1.00 25.67 ? 202 ASN A CA  1 
ATOM   1411 C  C   . ASN A 1 210 ? 11.471  1.003   12.330  1.00 24.81 ? 202 ASN A C   1 
ATOM   1412 O  O   . ASN A 1 210 ? 12.355  0.875   11.477  1.00 24.65 ? 202 ASN A O   1 
ATOM   1413 C  CB  . ASN A 1 210 ? 12.650  -0.053  14.235  1.00 27.23 ? 202 ASN A CB  1 
ATOM   1414 C  CG  . ASN A 1 210 ? 12.723  1.074   15.269  1.00 31.50 ? 202 ASN A CG  1 
ATOM   1415 O  OD1 . ASN A 1 210 ? 12.908  2.236   14.933  1.00 34.00 ? 202 ASN A OD1 1 
ATOM   1416 N  ND2 . ASN A 1 210 ? 12.536  0.725   16.541  1.00 41.11 ? 202 ASN A ND2 1 
ATOM   1417 N  N   . ILE A 1 211 ? 10.621  2.028   12.373  1.00 23.42 ? 203 ILE A N   1 
ATOM   1418 C  CA  . ILE A 1 211 ? 10.625  3.142   11.424  1.00 23.93 ? 203 ILE A CA  1 
ATOM   1419 C  C   . ILE A 1 211 ? 10.939  4.523   12.036  1.00 25.78 ? 203 ILE A C   1 
ATOM   1420 O  O   . ILE A 1 211 ? 10.760  5.564   11.402  1.00 25.48 ? 203 ILE A O   1 
ATOM   1421 C  CB  . ILE A 1 211 ? 9.259   3.189   10.671  1.00 23.64 ? 203 ILE A CB  1 
ATOM   1422 C  CG1 . ILE A 1 211 ? 8.111   3.212   11.679  1.00 21.83 ? 203 ILE A CG1 1 
ATOM   1423 C  CG2 . ILE A 1 211 ? 9.161   1.969   9.749   1.00 23.62 ? 203 ILE A CG2 1 
ATOM   1424 C  CD1 . ILE A 1 211 ? 6.720   3.532   11.064  1.00 23.06 ? 203 ILE A CD1 1 
ATOM   1425 N  N   . GLY A 1 212 ? 11.418  4.511   13.264  1.00 27.11 ? 204 GLY A N   1 
ATOM   1426 C  CA  . GLY A 1 212 ? 11.866  5.719   13.927  1.00 29.29 ? 204 GLY A CA  1 
ATOM   1427 C  C   . GLY A 1 212 ? 10.784  6.678   14.356  1.00 30.75 ? 204 GLY A C   1 
ATOM   1428 O  O   . GLY A 1 212 ? 11.037  7.860   14.491  1.00 30.90 ? 204 GLY A O   1 
ATOM   1429 N  N   . GLU A 1 213 ? 9.583   6.172   14.614  1.00 33.00 ? 205 GLU A N   1 
ATOM   1430 C  CA  . GLU A 1 213 ? 8.511   7.022   15.139  1.00 34.81 ? 205 GLU A CA  1 
ATOM   1431 C  C   . GLU A 1 213 ? 8.871   7.462   16.557  1.00 36.88 ? 205 GLU A C   1 
ATOM   1432 O  O   . GLU A 1 213 ? 8.570   8.575   16.956  1.00 38.21 ? 205 GLU A O   1 
ATOM   1433 C  CB  . GLU A 1 213 ? 7.158   6.303   15.114  1.00 34.14 ? 205 GLU A CB  1 
ATOM   1434 C  CG  . GLU A 1 213 ? 6.523   6.248   13.730  1.00 33.72 ? 205 GLU A CG  1 
ATOM   1435 C  CD  . GLU A 1 213 ? 5.965   7.597   13.285  1.00 32.89 ? 205 GLU A CD  1 
ATOM   1436 O  OE1 . GLU A 1 213 ? 6.456   8.121   12.270  1.00 32.73 ? 205 GLU A OE1 1 
ATOM   1437 O  OE2 . GLU A 1 213 ? 5.040   8.143   13.948  1.00 33.98 ? 205 GLU A OE2 1 
ATOM   1438 N  N   . GLU A 1 214 ? 9.546   6.589   17.295  1.00 39.77 ? 206 GLU A N   1 
ATOM   1439 C  CA  . GLU A 1 214 ? 9.884   6.871   18.689  1.00 41.84 ? 206 GLU A CA  1 
ATOM   1440 C  C   . GLU A 1 214 ? 10.540  8.239   18.865  1.00 42.53 ? 206 GLU A C   1 
ATOM   1441 O  O   . GLU A 1 214 ? 10.544  8.791   19.969  1.00 44.16 ? 206 GLU A O   1 
ATOM   1442 C  CB  . GLU A 1 214 ? 10.777  5.762   19.257  1.00 42.45 ? 206 GLU A CB  1 
ATOM   1443 C  CG  . GLU A 1 214 ? 10.015  4.458   19.523  1.00 44.32 ? 206 GLU A CG  1 
ATOM   1444 C  CD  . GLU A 1 214 ? 8.932   4.604   20.602  1.00 44.86 ? 206 GLU A CD  1 
ATOM   1445 O  OE1 . GLU A 1 214 ? 9.082   5.456   21.512  1.00 44.19 ? 206 GLU A OE1 1 
ATOM   1446 O  OE2 . GLU A 1 214 ? 7.923   3.873   20.529  1.00 45.65 ? 206 GLU A OE2 1 
HETATM 1447 ZN ZN  . ZN  B 2 .   ? -8.771  1.880   -5.430  1.00 23.33 ? 301 ZN  A ZN  1 
HETATM 1448 MG MG  . MG  C 3 .   ? 4.861   -1.121  14.778  1.00 22.98 ? 302 MG  A MG  1 
HETATM 1449 O  O   . HOH D 4 .   ? 3.249   -2.228  15.465  1.00 22.16 ? 303 HOH A O   1 
HETATM 1450 O  O   . HOH D 4 .   ? 2.157   6.193   -8.401  1.00 22.49 ? 304 HOH A O   1 
HETATM 1451 O  O   . HOH D 4 .   ? 6.280   -2.568  15.104  1.00 22.44 ? 305 HOH A O   1 
HETATM 1452 O  O   . HOH D 4 .   ? 8.934   2.925   15.275  1.00 23.27 ? 306 HOH A O   1 
HETATM 1453 O  O   . HOH D 4 .   ? 5.216   -0.453  16.715  1.00 24.22 ? 307 HOH A O   1 
HETATM 1454 O  O   . HOH D 4 .   ? -11.907 3.690   -0.215  1.00 24.08 ? 308 HOH A O   1 
HETATM 1455 O  O   . HOH D 4 .   ? -0.554  3.825   14.121  1.00 24.29 ? 309 HOH A O   1 
HETATM 1456 O  O   . HOH D 4 .   ? 10.085  -15.867 -0.218  1.00 24.71 ? 310 HOH A O   1 
HETATM 1457 O  O   . HOH D 4 .   ? -4.640  -7.798  -1.036  1.00 24.39 ? 311 HOH A O   1 
HETATM 1458 O  O   . HOH D 4 .   ? -13.307 -16.757 -14.324 1.00 24.65 ? 312 HOH A O   1 
HETATM 1459 O  O   . HOH D 4 .   ? 2.128   4.111   -10.661 0.50 26.45 ? 313 HOH A O   1 
HETATM 1460 O  O   . HOH D 4 .   ? 7.469   -18.060 1.146   1.00 25.82 ? 314 HOH A O   1 
HETATM 1461 O  O   . HOH D 4 .   ? 6.470   0.026   13.985  1.00 26.19 ? 315 HOH A O   1 
HETATM 1462 O  O   . HOH D 4 .   ? -6.843  8.857   -4.984  1.00 26.02 ? 316 HOH A O   1 
HETATM 1463 O  O   . HOH D 4 .   ? -3.401  3.650   -3.810  1.00 25.69 ? 317 HOH A O   1 
HETATM 1464 O  O   . HOH D 4 .   ? -5.239  0.061   7.794   1.00 26.00 ? 318 HOH A O   1 
HETATM 1465 O  O   . HOH D 4 .   ? -4.894  -10.324 -2.582  1.00 26.64 ? 319 HOH A O   1 
HETATM 1466 O  O   . HOH D 4 .   ? -7.908  -1.107  -2.488  1.00 27.06 ? 320 HOH A O   1 
HETATM 1467 O  O   . HOH D 4 .   ? 13.116  -17.097 1.778   1.00 29.10 ? 321 HOH A O   1 
HETATM 1468 O  O   . HOH D 4 .   ? -12.411 1.304   -10.066 1.00 28.49 ? 322 HOH A O   1 
HETATM 1469 O  O   . HOH D 4 .   ? -7.318  8.102   5.344   1.00 29.09 ? 323 HOH A O   1 
HETATM 1470 O  O   . HOH D 4 .   ? 4.517   5.679   -10.837 1.00 29.09 ? 324 HOH A O   1 
HETATM 1471 O  O   . HOH D 4 .   ? -1.898  6.107   -4.798  1.00 29.40 ? 325 HOH A O   1 
HETATM 1472 O  O   . HOH D 4 .   ? -0.308  9.495   10.675  1.00 28.05 ? 326 HOH A O   1 
HETATM 1473 O  O   . HOH D 4 .   ? -8.150  -10.275 2.604   1.00 30.52 ? 327 HOH A O   1 
HETATM 1474 O  O   . HOH D 4 .   ? -5.828  -16.845 -20.288 1.00 31.28 ? 328 HOH A O   1 
HETATM 1475 O  O   . HOH D 4 .   ? 0.733   -12.281 8.440   1.00 30.30 ? 329 HOH A O   1 
HETATM 1476 O  O   . HOH D 4 .   ? -16.760 5.561   2.410   1.00 31.77 ? 330 HOH A O   1 
HETATM 1477 O  O   . HOH D 4 .   ? -4.353  2.283   13.617  1.00 31.34 ? 331 HOH A O   1 
HETATM 1478 O  O   . HOH D 4 .   ? 6.244   -16.020 5.502   1.00 32.72 ? 332 HOH A O   1 
HETATM 1479 O  O   . HOH D 4 .   ? 15.261  -5.137  2.253   1.00 35.44 ? 333 HOH A O   1 
HETATM 1480 O  O   . HOH D 4 .   ? 5.737   -18.403 3.436   1.00 32.90 ? 334 HOH A O   1 
HETATM 1481 O  O   . HOH D 4 .   ? 11.847  7.782   10.898  1.00 33.72 ? 335 HOH A O   1 
HETATM 1482 O  O   . HOH D 4 .   ? 5.162   22.223  -11.632 0.50 37.24 ? 336 HOH A O   1 
HETATM 1483 O  O   . HOH D 4 .   ? 13.138  -3.291  12.924  1.00 33.50 ? 337 HOH A O   1 
HETATM 1484 O  O   . HOH D 4 .   ? 2.771   10.677  7.156   1.00 34.04 ? 338 HOH A O   1 
HETATM 1485 O  O   . HOH D 4 .   ? -0.301  -4.342  12.018  0.50 22.42 ? 339 HOH A O   1 
HETATM 1486 O  O   . HOH D 4 .   ? 17.610  -9.185  7.821   1.00 33.43 ? 340 HOH A O   1 
HETATM 1487 O  O   . HOH D 4 .   ? -11.511 0.304   9.039   1.00 36.57 ? 341 HOH A O   1 
HETATM 1488 O  O   . HOH D 4 .   ? -6.961  -19.405 -16.400 1.00 34.02 ? 342 HOH A O   1 
HETATM 1489 O  O   . HOH D 4 .   ? 15.677  10.050  5.932   1.00 35.89 ? 343 HOH A O   1 
HETATM 1490 O  O   . HOH D 4 .   ? 12.242  3.268   -9.514  1.00 35.93 ? 344 HOH A O   1 
HETATM 1491 O  O   . HOH D 4 .   ? 17.960  -2.013  5.485   1.00 36.69 ? 345 HOH A O   1 
HETATM 1492 O  O   . HOH D 4 .   ? 10.530  6.656   -8.696  1.00 34.80 ? 346 HOH A O   1 
HETATM 1493 O  O   . HOH D 4 .   ? -2.565  -0.812  7.853   1.00 37.21 ? 347 HOH A O   1 
HETATM 1494 O  O   . HOH D 4 .   ? 0.771   22.128  6.774   1.00 35.78 ? 348 HOH A O   1 
HETATM 1495 O  O   . HOH D 4 .   ? 15.492  -13.209 10.381  1.00 36.81 ? 349 HOH A O   1 
HETATM 1496 O  O   . HOH D 4 .   ? -19.371 -18.135 -8.217  1.00 37.10 ? 350 HOH A O   1 
HETATM 1497 O  O   . HOH D 4 .   ? -12.534 4.639   -8.143  1.00 39.42 ? 351 HOH A O   1 
HETATM 1498 O  O   . HOH D 4 .   ? 26.640  0.888   -7.012  0.50 40.19 ? 352 HOH A O   1 
HETATM 1499 O  O   . HOH D 4 .   ? 4.659   10.982  14.773  1.00 38.32 ? 353 HOH A O   1 
HETATM 1500 O  O   . HOH D 4 .   ? -7.601  11.155  6.097   1.00 37.32 ? 354 HOH A O   1 
HETATM 1501 O  O   . HOH D 4 .   ? 3.538   13.228  6.963   1.00 37.05 ? 355 HOH A O   1 
HETATM 1502 O  O   . HOH D 4 .   ? -1.560  -6.492  9.195   1.00 37.69 ? 356 HOH A O   1 
HETATM 1503 O  O   . HOH D 4 .   ? 2.606   10.164  9.941   1.00 37.65 ? 357 HOH A O   1 
HETATM 1504 O  O   . HOH D 4 .   ? -4.874  -11.239 5.916   1.00 38.23 ? 358 HOH A O   1 
HETATM 1505 O  O   . HOH D 4 .   ? 1.610   14.934  6.551   1.00 36.74 ? 359 HOH A O   1 
HETATM 1506 O  O   . HOH D 4 .   ? 2.192   -19.295 -7.074  1.00 38.44 ? 360 HOH A O   1 
HETATM 1507 O  O   . HOH D 4 .   ? 12.677  -4.670  10.841  1.00 39.70 ? 361 HOH A O   1 
HETATM 1508 O  O   . HOH D 4 .   ? 13.901  9.453   -0.972  1.00 41.40 ? 362 HOH A O   1 
HETATM 1509 O  O   . HOH D 4 .   ? -5.866  12.137  4.449   1.00 40.37 ? 363 HOH A O   1 
HETATM 1510 O  O   . HOH D 4 .   ? -19.789 4.036   1.384   1.00 39.26 ? 364 HOH A O   1 
HETATM 1511 O  O   . HOH D 4 .   ? 18.235  -1.772  8.757   1.00 40.13 ? 365 HOH A O   1 
HETATM 1512 O  O   . HOH D 4 .   ? 11.890  13.405  1.404   1.00 40.05 ? 366 HOH A O   1 
HETATM 1513 O  O   . HOH D 4 .   ? -19.226 -11.121 6.849   1.00 39.05 ? 367 HOH A O   1 
HETATM 1514 O  O   . HOH D 4 .   ? 4.362   16.979  -4.422  1.00 39.26 ? 368 HOH A O   1 
HETATM 1515 O  O   . HOH D 4 .   ? 8.463   -11.268 10.716  1.00 38.78 ? 369 HOH A O   1 
HETATM 1516 O  O   . HOH D 4 .   ? 2.261   19.960  6.349   1.00 39.58 ? 370 HOH A O   1 
HETATM 1517 O  O   . HOH D 4 .   ? -6.720  -16.778 -9.513  1.00 40.01 ? 371 HOH A O   1 
HETATM 1518 O  O   . HOH D 4 .   ? -4.606  -12.914 -2.046  1.00 41.23 ? 372 HOH A O   1 
HETATM 1519 O  O   . HOH D 4 .   ? -14.489 9.165   0.499   1.00 41.24 ? 373 HOH A O   1 
HETATM 1520 O  O   . HOH D 4 .   ? 14.995  0.142   11.462  1.00 41.89 ? 374 HOH A O   1 
HETATM 1521 O  O   . HOH D 4 .   ? -12.715 3.896   -10.374 1.00 42.24 ? 375 HOH A O   1 
HETATM 1522 O  O   . HOH D 4 .   ? 18.725  -1.402  2.656   1.00 41.35 ? 376 HOH A O   1 
HETATM 1523 O  O   . HOH D 4 .   ? 3.560   -17.926 6.897   1.00 41.49 ? 377 HOH A O   1 
HETATM 1524 O  O   . HOH D 4 .   ? -9.386  4.537   3.549   1.00 42.51 ? 378 HOH A O   1 
HETATM 1525 O  O   . HOH D 4 .   ? 8.348   7.062   -10.234 1.00 41.76 ? 379 HOH A O   1 
HETATM 1526 O  O   . HOH D 4 .   ? -12.949 -13.229 4.902   1.00 40.39 ? 380 HOH A O   1 
HETATM 1527 O  O   . HOH D 4 .   ? 16.484  -12.596 -5.308  1.00 43.13 ? 381 HOH A O   1 
HETATM 1528 O  O   . HOH D 4 .   ? 16.227  -10.907 14.828  1.00 43.04 ? 382 HOH A O   1 
HETATM 1529 O  O   . HOH D 4 .   ? -6.258  -0.251  10.378  1.00 41.59 ? 383 HOH A O   1 
HETATM 1530 O  O   . HOH D 4 .   ? -0.398  12.619  8.090   1.00 41.02 ? 384 HOH A O   1 
HETATM 1531 O  O   . HOH D 4 .   ? -22.505 -1.522  3.821   1.00 42.14 ? 385 HOH A O   1 
HETATM 1532 O  O   . HOH D 4 .   ? 2.742   19.102  -5.079  1.00 43.49 ? 386 HOH A O   1 
HETATM 1533 O  O   . HOH D 4 .   ? 8.175   -17.782 6.840   1.00 40.94 ? 387 HOH A O   1 
HETATM 1534 O  O   . HOH D 4 .   ? -24.184 -6.261  0.594   1.00 44.21 ? 388 HOH A O   1 
HETATM 1535 O  O   . HOH D 4 .   ? -3.457  4.873   -10.410 1.00 42.19 ? 389 HOH A O   1 
HETATM 1536 O  O   . HOH D 4 .   ? 13.561  9.027   12.508  1.00 41.84 ? 390 HOH A O   1 
HETATM 1537 O  O   . HOH D 4 .   ? 13.442  -14.339 -2.630  1.00 40.65 ? 391 HOH A O   1 
HETATM 1538 O  O   . HOH D 4 .   ? -9.848  5.020   6.445   1.00 44.43 ? 392 HOH A O   1 
HETATM 1539 O  O   . HOH D 4 .   ? 1.127   17.786  7.352   1.00 42.33 ? 393 HOH A O   1 
HETATM 1540 O  O   . HOH D 4 .   ? 10.304  10.153  10.902  1.00 46.17 ? 394 HOH A O   1 
HETATM 1541 O  O   . HOH D 4 .   ? -9.238  7.196   2.942   1.00 41.98 ? 395 HOH A O   1 
HETATM 1542 O  O   . HOH D 4 .   ? 10.086  8.502   -7.198  1.00 43.01 ? 396 HOH A O   1 
HETATM 1543 O  O   . HOH D 4 .   ? 7.021   14.516  -6.656  1.00 43.58 ? 397 HOH A O   1 
HETATM 1544 O  O   . HOH D 4 .   ? 8.426   -2.413  16.325  1.00 43.31 ? 398 HOH A O   1 
HETATM 1545 O  O   . HOH D 4 .   ? 12.897  -17.629 9.146   1.00 44.40 ? 399 HOH A O   1 
HETATM 1546 O  O   . HOH D 4 .   ? -5.112  13.286  9.622   1.00 46.72 ? 400 HOH A O   1 
HETATM 1547 O  O   . HOH D 4 .   ? -8.024  -2.528  10.135  1.00 45.09 ? 401 HOH A O   1 
HETATM 1548 O  O   . HOH D 4 .   ? 3.345   9.621   12.495  1.00 45.97 ? 402 HOH A O   1 
HETATM 1549 O  O   . HOH D 4 .   ? -2.121  6.478   -9.414  1.00 45.25 ? 403 HOH A O   1 
HETATM 1550 O  O   . HOH D 4 .   ? 10.751  18.858  4.649   1.00 43.22 ? 404 HOH A O   1 
HETATM 1551 O  O   . HOH D 4 .   ? 9.715   -0.227  16.517  1.00 45.07 ? 405 HOH A O   1 
HETATM 1552 O  O   . HOH D 4 .   ? -10.262 -2.023  10.382  1.00 46.45 ? 406 HOH A O   1 
HETATM 1553 O  O   . HOH D 4 .   ? 5.185   -13.895 8.811   1.00 46.16 ? 407 HOH A O   1 
HETATM 1554 O  O   . HOH D 4 .   ? -23.619 -18.948 -6.684  1.00 45.12 ? 408 HOH A O   1 
HETATM 1555 O  O   . HOH D 4 .   ? 1.774   20.788  -2.989  1.00 44.24 ? 409 HOH A O   1 
HETATM 1556 O  O   . HOH D 4 .   ? -27.978 -4.547  0.139   1.00 43.20 ? 410 HOH A O   1 
HETATM 1557 O  O   . HOH D 4 .   ? -5.096  17.896  -1.290  1.00 44.13 ? 411 HOH A O   1 
HETATM 1558 O  O   . HOH D 4 .   ? -19.546 -16.604 -10.953 1.00 47.44 ? 412 HOH A O   1 
HETATM 1559 O  O   . HOH D 4 .   ? -6.330  -8.700  11.744  1.00 46.13 ? 413 HOH A O   1 
HETATM 1560 O  O   . HOH D 4 .   ? 12.395  17.194  -14.900 1.00 49.20 ? 414 HOH A O   1 
HETATM 1561 O  O   . HOH D 4 .   ? 12.980  14.590  3.766   1.00 47.55 ? 415 HOH A O   1 
HETATM 1562 O  O   . HOH D 4 .   ? 8.901   -10.179 13.127  1.00 49.56 ? 416 HOH A O   1 
HETATM 1563 O  O   . HOH D 4 .   ? -1.380  18.332  8.344   1.00 49.57 ? 417 HOH A O   1 
HETATM 1564 O  O   . HOH D 4 .   ? -19.921 -13.481 -3.653  1.00 53.27 ? 418 HOH A O   1 
HETATM 1565 O  O   . HOH D 4 .   ? -3.099  -14.951 -0.203  1.00 52.13 ? 419 HOH A O   1 
HETATM 1566 O  O   . HOH D 4 .   ? 19.601  6.810   4.112   1.00 51.81 ? 420 HOH A O   1 
HETATM 1567 O  O   . HOH D 4 .   ? -2.303  -15.231 3.170   1.00 48.66 ? 421 HOH A O   1 
HETATM 1568 O  O   . HOH D 4 .   ? 21.338  -0.500  7.859   1.00 51.58 ? 422 HOH A O   1 
HETATM 1569 O  O   . HOH D 4 .   ? 8.450   -5.412  14.769  1.00 55.58 ? 423 HOH A O   1 
HETATM 1570 O  O   . HOH D 4 .   ? -23.141 -11.900 3.743   1.00 52.81 ? 424 HOH A O   1 
HETATM 1571 O  O   . HOH D 4 .   ? -8.494  20.974  2.385   1.00 54.20 ? 425 HOH A O   1 
HETATM 1572 O  O   . HOH D 4 .   ? -20.676 -8.308  -12.022 1.00 50.35 ? 426 HOH A O   1 
HETATM 1573 O  O   . HOH D 4 .   ? 10.295  -16.490 7.734   1.00 52.89 ? 427 HOH A O   1 
HETATM 1574 O  O   . HOH D 4 .   ? -19.122 -11.045 -15.861 1.00 51.07 ? 428 HOH A O   1 
HETATM 1575 O  O   . HOH D 4 .   ? 22.101  5.859   -12.116 1.00 56.24 ? 429 HOH A O   1 
HETATM 1576 O  O   . HOH D 4 .   ? 10.476  15.342  -14.941 1.00 56.77 ? 430 HOH A O   1 
HETATM 1577 O  O   . HOH D 4 .   ? 16.520  8.562   2.682   1.00 61.28 ? 431 HOH A O   1 
HETATM 1578 O  O   . HOH D 4 .   ? 17.668  11.618  -9.131  1.00 59.45 ? 432 HOH A O   1 
# 
loop_
_pdbx_poly_seq_scheme.asym_id 
_pdbx_poly_seq_scheme.entity_id 
_pdbx_poly_seq_scheme.seq_id 
_pdbx_poly_seq_scheme.mon_id 
_pdbx_poly_seq_scheme.ndb_seq_num 
_pdbx_poly_seq_scheme.pdb_seq_num 
_pdbx_poly_seq_scheme.auth_seq_num 
_pdbx_poly_seq_scheme.pdb_mon_id 
_pdbx_poly_seq_scheme.auth_mon_id 
_pdbx_poly_seq_scheme.pdb_strand_id 
_pdbx_poly_seq_scheme.pdb_ins_code 
_pdbx_poly_seq_scheme.hetero 
A 1 1   MET 1   -7  ?   ?   ?   A . n 
A 1 2   ALA 2   -6  ?   ?   ?   A . n 
A 1 3   HIS 3   -5  ?   ?   ?   A . n 
A 1 4   HIS 4   -4  ?   ?   ?   A . n 
A 1 5   HIS 5   -3  ?   ?   ?   A . n 
A 1 6   HIS 6   -2  ?   ?   ?   A . n 
A 1 7   HIS 7   -1  ?   ?   ?   A . n 
A 1 8   HIS 8   0   ?   ?   ?   A . n 
A 1 9   GLY 9   1   ?   ?   ?   A . n 
A 1 10  PRO 10  2   ?   ?   ?   A . n 
A 1 11  ASN 11  3   ?   ?   ?   A . n 
A 1 12  THR 12  4   4   THR THR A . n 
A 1 13  ASN 13  5   5   ASN ASN A . n 
A 1 14  PRO 14  6   6   PRO PRO A . n 
A 1 15  VAL 15  7   7   VAL VAL A . n 
A 1 16  ALA 16  8   8   ALA ALA A . n 
A 1 17  ALA 17  9   9   ALA ALA A . n 
A 1 18  TRP 18  10  10  TRP TRP A . n 
A 1 19  LYS 19  11  11  LYS LYS A . n 
A 1 20  ALA 20  12  12  ALA ALA A . n 
A 1 21  LEU 21  13  13  LEU LEU A . n 
A 1 22  LYS 22  14  14  LYS LYS A . n 
A 1 23  GLU 23  15  15  GLU GLU A . n 
A 1 24  GLY 24  16  16  GLY GLY A . n 
A 1 25  ASN 25  17  17  ASN ASN A . n 
A 1 26  GLU 26  18  18  GLU GLU A . n 
A 1 27  ARG 27  19  19  ARG ARG A . n 
A 1 28  PHE 28  20  20  PHE PHE A . n 
A 1 29  VAL 29  21  21  VAL VAL A . n 
A 1 30  ALA 30  22  22  ALA ALA A . n 
A 1 31  GLY 31  23  23  GLY GLY A . n 
A 1 32  ARG 32  24  24  ARG ARG A . n 
A 1 33  PRO 33  25  25  PRO PRO A . n 
A 1 34  GLN 34  26  26  GLN GLN A . n 
A 1 35  HIS 35  27  27  HIS HIS A . n 
A 1 36  PRO 36  28  28  PRO PRO A . n 
A 1 37  SER 37  29  29  SER SER A . n 
A 1 38  GLN 38  30  30  GLN GLN A . n 
A 1 39  SER 39  31  31  SER SER A . n 
A 1 40  VAL 40  32  ?   ?   ?   A . n 
A 1 41  ASP 41  33  ?   ?   ?   A . n 
A 1 42  HIS 42  34  ?   ?   ?   A . n 
A 1 43  ARG 43  35  ?   ?   ?   A . n 
A 1 44  ALA 44  36  ?   ?   ?   A . n 
A 1 45  GLY 45  37  ?   ?   ?   A . n 
A 1 46  LEU 46  38  ?   ?   ?   A . n 
A 1 47  ALA 47  39  ?   ?   ?   A . n 
A 1 48  ALA 48  40  ?   ?   ?   A . n 
A 1 49  GLY 49  41  ?   ?   ?   A . n 
A 1 50  GLN 50  42  42  GLN GLN A . n 
A 1 51  LYS 51  43  43  LYS LYS A . n 
A 1 52  PRO 52  44  44  PRO PRO A . n 
A 1 53  THR 53  45  45  THR THR A . n 
A 1 54  ALA 54  46  46  ALA ALA A . n 
A 1 55  VAL 55  47  47  VAL VAL A . n 
A 1 56  ILE 56  48  48  ILE ILE A . n 
A 1 57  PHE 57  49  49  PHE PHE A . n 
A 1 58  GLY 58  50  50  GLY GLY A . n 
A 1 59  CYS 59  51  51  CYS CYS A . n 
A 1 60  ALA 60  52  52  ALA ALA A . n 
A 1 61  ASP 61  53  53  ASP ASP A . n 
A 1 62  SER 62  54  54  SER SER A . n 
A 1 63  ARG 63  55  55  ARG ARG A . n 
A 1 64  VAL 64  56  56  VAL VAL A . n 
A 1 65  ALA 65  57  57  ALA ALA A . n 
A 1 66  ALA 66  58  58  ALA ALA A . n 
A 1 67  GLU 67  59  59  GLU GLU A . n 
A 1 68  ILE 68  60  60  ILE ILE A . n 
A 1 69  ILE 69  61  61  ILE ILE A . n 
A 1 70  PHE 70  62  62  PHE PHE A . n 
A 1 71  ASP 71  63  63  ASP ASP A . n 
A 1 72  GLN 72  64  64  GLN GLN A . n 
A 1 73  GLY 73  65  65  GLY GLY A . n 
A 1 74  LEU 74  66  66  LEU LEU A . n 
A 1 75  GLY 75  67  67  GLY GLY A . n 
A 1 76  ASP 76  68  68  ASP ASP A . n 
A 1 77  MET 77  69  69  MET MET A . n 
A 1 78  PHE 78  70  70  PHE PHE A . n 
A 1 79  VAL 79  71  71  VAL VAL A . n 
A 1 80  VAL 80  72  72  VAL VAL A . n 
A 1 81  ARG 81  73  73  ARG ARG A . n 
A 1 82  THR 82  74  74  THR THR A . n 
A 1 83  ALA 83  75  75  ALA ALA A . n 
A 1 84  GLY 84  76  76  GLY GLY A . n 
A 1 85  HIS 85  77  77  HIS HIS A . n 
A 1 86  VAL 86  78  78  VAL VAL A . n 
A 1 87  ILE 87  79  79  ILE ILE A . n 
A 1 88  ASP 88  80  80  ASP ASP A . n 
A 1 89  SER 89  81  81  SER SER A . n 
A 1 90  ALA 90  82  82  ALA ALA A . n 
A 1 91  VAL 91  83  83  VAL VAL A . n 
A 1 92  LEU 92  84  84  LEU LEU A . n 
A 1 93  GLY 93  85  85  GLY GLY A . n 
A 1 94  SER 94  86  86  SER SER A . n 
A 1 95  ILE 95  87  87  ILE ILE A . n 
A 1 96  GLU 96  88  88  GLU GLU A . n 
A 1 97  TYR 97  89  89  TYR TYR A . n 
A 1 98  ALA 98  90  90  ALA ALA A . n 
A 1 99  VAL 99  91  91  VAL VAL A . n 
A 1 100 THR 100 92  92  THR THR A . n 
A 1 101 VAL 101 93  93  VAL VAL A . n 
A 1 102 LEU 102 94  94  LEU LEU A . n 
A 1 103 ASN 103 95  95  ASN ASN A . n 
A 1 104 VAL 104 96  96  VAL VAL A . n 
A 1 105 PRO 105 97  97  PRO PRO A . n 
A 1 106 LEU 106 98  98  LEU LEU A . n 
A 1 107 ILE 107 99  99  ILE ILE A . n 
A 1 108 VAL 108 100 100 VAL VAL A . n 
A 1 109 VAL 109 101 101 VAL VAL A . n 
A 1 110 LEU 110 102 102 LEU LEU A . n 
A 1 111 GLY 111 103 103 GLY GLY A . n 
A 1 112 HIS 112 104 104 HIS HIS A . n 
A 1 113 ASP 113 105 105 ASP ASP A . n 
A 1 114 SER 114 106 106 SER SER A . n 
A 1 115 CYS 115 107 107 CYS CYS A . n 
A 1 116 GLY 116 108 108 GLY GLY A . n 
A 1 117 ALA 117 109 109 ALA ALA A . n 
A 1 118 VAL 118 110 110 VAL VAL A . n 
A 1 119 ASN 119 111 111 ASN ASN A . n 
A 1 120 ALA 120 112 112 ALA ALA A . n 
A 1 121 ALA 121 113 113 ALA ALA A . n 
A 1 122 LEU 122 114 114 LEU LEU A . n 
A 1 123 ALA 123 115 115 ALA ALA A . n 
A 1 124 ALA 124 116 116 ALA ALA A . n 
A 1 125 ILE 125 117 117 ILE ILE A . n 
A 1 126 ASN 126 118 118 ASN ASN A . n 
A 1 127 ASP 127 119 119 ASP ASP A . n 
A 1 128 GLY 128 120 120 GLY GLY A . n 
A 1 129 THR 129 121 121 THR THR A . n 
A 1 130 LEU 130 122 122 LEU LEU A . n 
A 1 131 PRO 131 123 123 PRO PRO A . n 
A 1 132 GLY 132 124 124 GLY GLY A . n 
A 1 133 GLY 133 125 125 GLY GLY A . n 
A 1 134 TYR 134 126 126 TYR TYR A . n 
A 1 135 VAL 135 127 127 VAL VAL A . n 
A 1 136 ARG 136 128 128 ARG ARG A . n 
A 1 137 ASP 137 129 129 ASP ASP A . n 
A 1 138 VAL 138 130 130 VAL VAL A . n 
A 1 139 VAL 139 131 131 VAL VAL A . n 
A 1 140 GLU 140 132 132 GLU GLU A . n 
A 1 141 ARG 141 133 133 ARG ARG A . n 
A 1 142 VAL 142 134 134 VAL VAL A . n 
A 1 143 ALA 143 135 135 ALA ALA A . n 
A 1 144 PRO 144 136 136 PRO PRO A . n 
A 1 145 SER 145 137 137 SER SER A . n 
A 1 146 VAL 146 138 138 VAL VAL A . n 
A 1 147 LEU 147 139 139 LEU LEU A . n 
A 1 148 LEU 148 140 140 LEU LEU A . n 
A 1 149 GLY 149 141 141 GLY GLY A . n 
A 1 150 ARG 150 142 142 ARG ARG A . n 
A 1 151 ARG 151 143 143 ARG ARG A . n 
A 1 152 ASP 152 144 144 ASP ASP A . n 
A 1 153 GLY 153 145 145 GLY GLY A . n 
A 1 154 LEU 154 146 146 LEU LEU A . n 
A 1 155 SER 155 147 147 SER SER A . n 
A 1 156 ARG 156 148 148 ARG ARG A . n 
A 1 157 VAL 157 149 149 VAL VAL A . n 
A 1 158 ASP 158 150 150 ASP ASP A . n 
A 1 159 GLU 159 151 151 GLU GLU A . n 
A 1 160 PHE 160 152 152 PHE PHE A . n 
A 1 161 GLU 161 153 153 GLU GLU A . n 
A 1 162 GLN 162 154 154 GLN GLN A . n 
A 1 163 ARG 163 155 155 ARG ARG A . n 
A 1 164 HIS 164 156 156 HIS HIS A . n 
A 1 165 VAL 165 157 157 VAL VAL A . n 
A 1 166 HIS 166 158 158 HIS HIS A . n 
A 1 167 GLU 167 159 159 GLU GLU A . n 
A 1 168 THR 168 160 160 THR THR A . n 
A 1 169 VAL 169 161 161 VAL VAL A . n 
A 1 170 ALA 170 162 162 ALA ALA A . n 
A 1 171 ILE 171 163 163 ILE ILE A . n 
A 1 172 LEU 172 164 164 LEU LEU A . n 
A 1 173 MET 173 165 165 MET MET A . n 
A 1 174 ALA 174 166 166 ALA ALA A . n 
A 1 175 ARG 175 167 167 ARG ARG A . n 
A 1 176 SER 176 168 168 SER SER A . n 
A 1 177 SER 177 169 169 SER SER A . n 
A 1 178 ALA 178 170 170 ALA ALA A . n 
A 1 179 ILE 179 171 171 ILE ILE A . n 
A 1 180 SER 180 172 172 SER SER A . n 
A 1 181 GLU 181 173 173 GLU GLU A . n 
A 1 182 ARG 182 174 174 ARG ARG A . n 
A 1 183 ILE 183 175 175 ILE ILE A . n 
A 1 184 ALA 184 176 176 ALA ALA A . n 
A 1 185 GLY 185 177 177 GLY GLY A . n 
A 1 186 GLY 186 178 178 GLY GLY A . n 
A 1 187 SER 187 179 179 SER SER A . n 
A 1 188 LEU 188 180 180 LEU LEU A . n 
A 1 189 ALA 189 181 181 ALA ALA A . n 
A 1 190 ILE 190 182 182 ILE ILE A . n 
A 1 191 VAL 191 183 183 VAL VAL A . n 
A 1 192 GLY 192 184 184 GLY GLY A . n 
A 1 193 VAL 193 185 185 VAL VAL A . n 
A 1 194 THR 194 186 186 THR THR A . n 
A 1 195 TYR 195 187 187 TYR TYR A . n 
A 1 196 GLN 196 188 188 GLN GLN A . n 
A 1 197 LEU 197 189 189 LEU LEU A . n 
A 1 198 ASP 198 190 190 ASP ASP A . n 
A 1 199 ASP 199 191 191 ASP ASP A . n 
A 1 200 GLY 200 192 192 GLY GLY A . n 
A 1 201 ARG 201 193 193 ARG ARG A . n 
A 1 202 ALA 202 194 194 ALA ALA A . n 
A 1 203 VAL 203 195 195 VAL VAL A . n 
A 1 204 LEU 204 196 196 LEU LEU A . n 
A 1 205 ARG 205 197 197 ARG ARG A . n 
A 1 206 ASP 206 198 198 ASP ASP A . n 
A 1 207 HIS 207 199 199 HIS HIS A . n 
A 1 208 ILE 208 200 200 ILE ILE A . n 
A 1 209 GLY 209 201 201 GLY GLY A . n 
A 1 210 ASN 210 202 202 ASN ASN A . n 
A 1 211 ILE 211 203 203 ILE ILE A . n 
A 1 212 GLY 212 204 204 GLY GLY A . n 
A 1 213 GLU 213 205 205 GLU GLU A . n 
A 1 214 GLU 214 206 206 GLU GLU A . n 
A 1 215 VAL 215 207 ?   ?   ?   A . n 
# 
_pdbx_SG_project.id                    1 
_pdbx_SG_project.project_name          ? 
_pdbx_SG_project.full_name_of_center   'Structural Proteomics in Europe' 
_pdbx_SG_project.initial_of_center     SPINE 
# 
loop_
_pdbx_nonpoly_scheme.asym_id 
_pdbx_nonpoly_scheme.entity_id 
_pdbx_nonpoly_scheme.mon_id 
_pdbx_nonpoly_scheme.ndb_seq_num 
_pdbx_nonpoly_scheme.pdb_seq_num 
_pdbx_nonpoly_scheme.auth_seq_num 
_pdbx_nonpoly_scheme.pdb_mon_id 
_pdbx_nonpoly_scheme.auth_mon_id 
_pdbx_nonpoly_scheme.pdb_strand_id 
_pdbx_nonpoly_scheme.pdb_ins_code 
B 2 ZN  1   301 1   ZN  ZN  A . 
C 3 MG  1   302 2   MG  MG  A . 
D 4 HOH 1   303 1   HOH HOH A . 
D 4 HOH 2   304 2   HOH HOH A . 
D 4 HOH 3   305 3   HOH HOH A . 
D 4 HOH 4   306 4   HOH HOH A . 
D 4 HOH 5   307 5   HOH HOH A . 
D 4 HOH 6   308 6   HOH HOH A . 
D 4 HOH 7   309 7   HOH HOH A . 
D 4 HOH 8   310 8   HOH HOH A . 
D 4 HOH 9   311 9   HOH HOH A . 
D 4 HOH 10  312 10  HOH HOH A . 
D 4 HOH 11  313 11  HOH HOH A . 
D 4 HOH 12  314 12  HOH HOH A . 
D 4 HOH 13  315 13  HOH HOH A . 
D 4 HOH 14  316 14  HOH HOH A . 
D 4 HOH 15  317 15  HOH HOH A . 
D 4 HOH 16  318 16  HOH HOH A . 
D 4 HOH 17  319 17  HOH HOH A . 
D 4 HOH 18  320 19  HOH HOH A . 
D 4 HOH 19  321 20  HOH HOH A . 
D 4 HOH 20  322 21  HOH HOH A . 
D 4 HOH 21  323 22  HOH HOH A . 
D 4 HOH 22  324 23  HOH HOH A . 
D 4 HOH 23  325 24  HOH HOH A . 
D 4 HOH 24  326 25  HOH HOH A . 
D 4 HOH 25  327 26  HOH HOH A . 
D 4 HOH 26  328 27  HOH HOH A . 
D 4 HOH 27  329 28  HOH HOH A . 
D 4 HOH 28  330 29  HOH HOH A . 
D 4 HOH 29  331 30  HOH HOH A . 
D 4 HOH 30  332 31  HOH HOH A . 
D 4 HOH 31  333 32  HOH HOH A . 
D 4 HOH 32  334 33  HOH HOH A . 
D 4 HOH 33  335 34  HOH HOH A . 
D 4 HOH 34  336 35  HOH HOH A . 
D 4 HOH 35  337 36  HOH HOH A . 
D 4 HOH 36  338 37  HOH HOH A . 
D 4 HOH 37  339 38  HOH HOH A . 
D 4 HOH 38  340 39  HOH HOH A . 
D 4 HOH 39  341 40  HOH HOH A . 
D 4 HOH 40  342 41  HOH HOH A . 
D 4 HOH 41  343 42  HOH HOH A . 
D 4 HOH 42  344 43  HOH HOH A . 
D 4 HOH 43  345 44  HOH HOH A . 
D 4 HOH 44  346 45  HOH HOH A . 
D 4 HOH 45  347 46  HOH HOH A . 
D 4 HOH 46  348 47  HOH HOH A . 
D 4 HOH 47  349 48  HOH HOH A . 
D 4 HOH 48  350 49  HOH HOH A . 
D 4 HOH 49  351 50  HOH HOH A . 
D 4 HOH 50  352 51  HOH HOH A . 
D 4 HOH 51  353 52  HOH HOH A . 
D 4 HOH 52  354 53  HOH HOH A . 
D 4 HOH 53  355 54  HOH HOH A . 
D 4 HOH 54  356 55  HOH HOH A . 
D 4 HOH 55  357 56  HOH HOH A . 
D 4 HOH 56  358 58  HOH HOH A . 
D 4 HOH 57  359 59  HOH HOH A . 
D 4 HOH 58  360 60  HOH HOH A . 
D 4 HOH 59  361 61  HOH HOH A . 
D 4 HOH 60  362 62  HOH HOH A . 
D 4 HOH 61  363 64  HOH HOH A . 
D 4 HOH 62  364 65  HOH HOH A . 
D 4 HOH 63  365 66  HOH HOH A . 
D 4 HOH 64  366 67  HOH HOH A . 
D 4 HOH 65  367 68  HOH HOH A . 
D 4 HOH 66  368 69  HOH HOH A . 
D 4 HOH 67  369 70  HOH HOH A . 
D 4 HOH 68  370 71  HOH HOH A . 
D 4 HOH 69  371 72  HOH HOH A . 
D 4 HOH 70  372 73  HOH HOH A . 
D 4 HOH 71  373 76  HOH HOH A . 
D 4 HOH 72  374 77  HOH HOH A . 
D 4 HOH 73  375 78  HOH HOH A . 
D 4 HOH 74  376 79  HOH HOH A . 
D 4 HOH 75  377 80  HOH HOH A . 
D 4 HOH 76  378 81  HOH HOH A . 
D 4 HOH 77  379 82  HOH HOH A . 
D 4 HOH 78  380 83  HOH HOH A . 
D 4 HOH 79  381 84  HOH HOH A . 
D 4 HOH 80  382 86  HOH HOH A . 
D 4 HOH 81  383 87  HOH HOH A . 
D 4 HOH 82  384 88  HOH HOH A . 
D 4 HOH 83  385 89  HOH HOH A . 
D 4 HOH 84  386 90  HOH HOH A . 
D 4 HOH 85  387 91  HOH HOH A . 
D 4 HOH 86  388 92  HOH HOH A . 
D 4 HOH 87  389 93  HOH HOH A . 
D 4 HOH 88  390 94  HOH HOH A . 
D 4 HOH 89  391 95  HOH HOH A . 
D 4 HOH 90  392 96  HOH HOH A . 
D 4 HOH 91  393 97  HOH HOH A . 
D 4 HOH 92  394 98  HOH HOH A . 
D 4 HOH 93  395 99  HOH HOH A . 
D 4 HOH 94  396 100 HOH HOH A . 
D 4 HOH 95  397 101 HOH HOH A . 
D 4 HOH 96  398 102 HOH HOH A . 
D 4 HOH 97  399 103 HOH HOH A . 
D 4 HOH 98  400 104 HOH HOH A . 
D 4 HOH 99  401 105 HOH HOH A . 
D 4 HOH 100 402 108 HOH HOH A . 
D 4 HOH 101 403 110 HOH HOH A . 
D 4 HOH 102 404 111 HOH HOH A . 
D 4 HOH 103 405 112 HOH HOH A . 
D 4 HOH 104 406 113 HOH HOH A . 
D 4 HOH 105 407 114 HOH HOH A . 
D 4 HOH 106 408 115 HOH HOH A . 
D 4 HOH 107 409 116 HOH HOH A . 
D 4 HOH 108 410 118 HOH HOH A . 
D 4 HOH 109 411 120 HOH HOH A . 
D 4 HOH 110 412 123 HOH HOH A . 
D 4 HOH 111 413 124 HOH HOH A . 
D 4 HOH 112 414 125 HOH HOH A . 
D 4 HOH 113 415 126 HOH HOH A . 
D 4 HOH 114 416 127 HOH HOH A . 
D 4 HOH 115 417 131 HOH HOH A . 
D 4 HOH 116 418 136 HOH HOH A . 
D 4 HOH 117 419 137 HOH HOH A . 
D 4 HOH 118 420 141 HOH HOH A . 
D 4 HOH 119 421 142 HOH HOH A . 
D 4 HOH 120 422 146 HOH HOH A . 
D 4 HOH 121 423 147 HOH HOH A . 
D 4 HOH 122 424 149 HOH HOH A . 
D 4 HOH 123 425 214 HOH HOH A . 
D 4 HOH 124 426 218 HOH HOH A . 
D 4 HOH 125 427 219 HOH HOH A . 
D 4 HOH 126 428 220 HOH HOH A . 
D 4 HOH 127 429 226 HOH HOH A . 
D 4 HOH 128 430 227 HOH HOH A . 
D 4 HOH 129 431 229 HOH HOH A . 
D 4 HOH 130 432 230 HOH HOH A . 
# 
_pdbx_struct_assembly.id                   1 
_pdbx_struct_assembly.details              author_and_software_defined_assembly 
_pdbx_struct_assembly.method_details       PISA,PQS 
_pdbx_struct_assembly.oligomeric_details   dimeric 
_pdbx_struct_assembly.oligomeric_count     2 
# 
_pdbx_struct_assembly_gen.assembly_id       1 
_pdbx_struct_assembly_gen.oper_expression   1,2 
_pdbx_struct_assembly_gen.asym_id_list      A,B,C,D 
# 
loop_
_pdbx_struct_assembly_prop.biol_id 
_pdbx_struct_assembly_prop.type 
_pdbx_struct_assembly_prop.value 
_pdbx_struct_assembly_prop.details 
1 'ABSA (A^2)' 3500  ? 
1 MORE         -37   ? 
1 'SSA (A^2)'  15730 ? 
# 
loop_
_pdbx_struct_oper_list.id 
_pdbx_struct_oper_list.type 
_pdbx_struct_oper_list.name 
_pdbx_struct_oper_list.symmetry_operation 
_pdbx_struct_oper_list.matrix[1][1] 
_pdbx_struct_oper_list.matrix[1][2] 
_pdbx_struct_oper_list.matrix[1][3] 
_pdbx_struct_oper_list.vector[1] 
_pdbx_struct_oper_list.matrix[2][1] 
_pdbx_struct_oper_list.matrix[2][2] 
_pdbx_struct_oper_list.matrix[2][3] 
_pdbx_struct_oper_list.vector[2] 
_pdbx_struct_oper_list.matrix[3][1] 
_pdbx_struct_oper_list.matrix[3][2] 
_pdbx_struct_oper_list.matrix[3][3] 
_pdbx_struct_oper_list.vector[3] 
1 'identity operation'         1_555 x,y,z            1.0000000000  0.0000000000 0.0000000000  0.0000000000 0.0000000000 1.0000000000 0.0000000000  0.0000000000  0.0000000000  0.0000000000  1.0000000000  0.0000000000   
2 'crystal symmetry operation' 8_665 -y+1,-x+1,-z+1/2 -0.9503456339 0.3111774155 -0.0034339837 2.8462267553 0.3111774155 0.9501081473 -0.0215203263 -0.6882281786 -0.0034339837 -0.0215203263 -0.9997625135 -21.2096176781 
# 
_pdbx_struct_special_symmetry.id              1 
_pdbx_struct_special_symmetry.PDB_model_num   1 
_pdbx_struct_special_symmetry.auth_asym_id    A 
_pdbx_struct_special_symmetry.auth_comp_id    HOH 
_pdbx_struct_special_symmetry.auth_seq_id     313 
_pdbx_struct_special_symmetry.PDB_ins_code    ? 
_pdbx_struct_special_symmetry.label_asym_id   D 
_pdbx_struct_special_symmetry.label_comp_id   HOH 
_pdbx_struct_special_symmetry.label_seq_id    . 
# 
loop_
_pdbx_struct_conn_angle.id 
_pdbx_struct_conn_angle.ptnr1_label_atom_id 
_pdbx_struct_conn_angle.ptnr1_label_alt_id 
_pdbx_struct_conn_angle.ptnr1_label_asym_id 
_pdbx_struct_conn_angle.ptnr1_label_comp_id 
_pdbx_struct_conn_angle.ptnr1_label_seq_id 
_pdbx_struct_conn_angle.ptnr1_auth_atom_id 
_pdbx_struct_conn_angle.ptnr1_auth_asym_id 
_pdbx_struct_conn_angle.ptnr1_auth_comp_id 
_pdbx_struct_conn_angle.ptnr1_auth_seq_id 
_pdbx_struct_conn_angle.ptnr1_PDB_ins_code 
_pdbx_struct_conn_angle.ptnr1_symmetry 
_pdbx_struct_conn_angle.ptnr2_label_atom_id 
_pdbx_struct_conn_angle.ptnr2_label_alt_id 
_pdbx_struct_conn_angle.ptnr2_label_asym_id 
_pdbx_struct_conn_angle.ptnr2_label_comp_id 
_pdbx_struct_conn_angle.ptnr2_label_seq_id 
_pdbx_struct_conn_angle.ptnr2_auth_atom_id 
_pdbx_struct_conn_angle.ptnr2_auth_asym_id 
_pdbx_struct_conn_angle.ptnr2_auth_comp_id 
_pdbx_struct_conn_angle.ptnr2_auth_seq_id 
_pdbx_struct_conn_angle.ptnr2_PDB_ins_code 
_pdbx_struct_conn_angle.ptnr2_symmetry 
_pdbx_struct_conn_angle.ptnr3_label_atom_id 
_pdbx_struct_conn_angle.ptnr3_label_alt_id 
_pdbx_struct_conn_angle.ptnr3_label_asym_id 
_pdbx_struct_conn_angle.ptnr3_label_comp_id 
_pdbx_struct_conn_angle.ptnr3_label_seq_id 
_pdbx_struct_conn_angle.ptnr3_auth_atom_id 
_pdbx_struct_conn_angle.ptnr3_auth_asym_id 
_pdbx_struct_conn_angle.ptnr3_auth_comp_id 
_pdbx_struct_conn_angle.ptnr3_auth_seq_id 
_pdbx_struct_conn_angle.ptnr3_PDB_ins_code 
_pdbx_struct_conn_angle.ptnr3_symmetry 
_pdbx_struct_conn_angle.value 
_pdbx_struct_conn_angle.value_esd 
1  SG  ? A CYS 59  ? A CYS 51  ? 1_555 ZN ? B ZN . ? A ZN 301 ? 1_555 OD1 ? A ASP 61  ? A ASP 53  ? 1_555 98.7  ? 
2  SG  ? A CYS 59  ? A CYS 51  ? 1_555 ZN ? B ZN . ? A ZN 301 ? 1_555 NE2 ? A HIS 112 ? A HIS 104 ? 1_555 119.1 ? 
3  OD1 ? A ASP 61  ? A ASP 53  ? 1_555 ZN ? B ZN . ? A ZN 301 ? 1_555 NE2 ? A HIS 112 ? A HIS 104 ? 1_555 90.8  ? 
4  SG  ? A CYS 59  ? A CYS 51  ? 1_555 ZN ? B ZN . ? A ZN 301 ? 1_555 SG  ? A CYS 115 ? A CYS 107 ? 1_555 112.1 ? 
5  OD1 ? A ASP 61  ? A ASP 53  ? 1_555 ZN ? B ZN . ? A ZN 301 ? 1_555 SG  ? A CYS 115 ? A CYS 107 ? 1_555 123.2 ? 
6  NE2 ? A HIS 112 ? A HIS 104 ? 1_555 ZN ? B ZN . ? A ZN 301 ? 1_555 SG  ? A CYS 115 ? A CYS 107 ? 1_555 111.5 ? 
7  O   ? A HIS 207 ? A HIS 199 ? 1_555 MG ? C MG . ? A MG 302 ? 1_555 ND1 ? A HIS 207 ? A HIS 199 ? 1_555 82.9  ? 
8  O   ? A HIS 207 ? A HIS 199 ? 1_555 MG ? C MG . ? A MG 302 ? 1_555 O   ? D HOH .   ? A HOH 303 ? 1_555 82.9  ? 
9  ND1 ? A HIS 207 ? A HIS 199 ? 1_555 MG ? C MG . ? A MG 302 ? 1_555 O   ? D HOH .   ? A HOH 303 ? 1_555 86.6  ? 
10 O   ? A HIS 207 ? A HIS 199 ? 1_555 MG ? C MG . ? A MG 302 ? 1_555 O   ? D HOH .   ? A HOH 305 ? 1_555 93.1  ? 
11 ND1 ? A HIS 207 ? A HIS 199 ? 1_555 MG ? C MG . ? A MG 302 ? 1_555 O   ? D HOH .   ? A HOH 305 ? 1_555 174.8 ? 
12 O   ? D HOH .   ? A HOH 303 ? 1_555 MG ? C MG . ? A MG 302 ? 1_555 O   ? D HOH .   ? A HOH 305 ? 1_555 96.2  ? 
13 O   ? A HIS 207 ? A HIS 199 ? 1_555 MG ? C MG . ? A MG 302 ? 1_555 O   ? D HOH .   ? A HOH 307 ? 1_555 172.7 ? 
14 ND1 ? A HIS 207 ? A HIS 199 ? 1_555 MG ? C MG . ? A MG 302 ? 1_555 O   ? D HOH .   ? A HOH 307 ? 1_555 96.6  ? 
15 O   ? D HOH .   ? A HOH 303 ? 1_555 MG ? C MG . ? A MG 302 ? 1_555 O   ? D HOH .   ? A HOH 307 ? 1_555 89.8  ? 
16 O   ? D HOH .   ? A HOH 305 ? 1_555 MG ? C MG . ? A MG 302 ? 1_555 O   ? D HOH .   ? A HOH 307 ? 1_555 87.7  ? 
17 O   ? A HIS 207 ? A HIS 199 ? 1_555 MG ? C MG . ? A MG 302 ? 1_555 O   ? D HOH .   ? A HOH 315 ? 1_555 94.7  ? 
18 ND1 ? A HIS 207 ? A HIS 199 ? 1_555 MG ? C MG . ? A MG 302 ? 1_555 O   ? D HOH .   ? A HOH 315 ? 1_555 91.8  ? 
19 O   ? D HOH .   ? A HOH 303 ? 1_555 MG ? C MG . ? A MG 302 ? 1_555 O   ? D HOH .   ? A HOH 315 ? 1_555 177.3 ? 
20 O   ? D HOH .   ? A HOH 305 ? 1_555 MG ? C MG . ? A MG 302 ? 1_555 O   ? D HOH .   ? A HOH 315 ? 1_555 85.2  ? 
21 O   ? D HOH .   ? A HOH 307 ? 1_555 MG ? C MG . ? A MG 302 ? 1_555 O   ? D HOH .   ? A HOH 315 ? 1_555 92.6  ? 
# 
loop_
_pdbx_audit_revision_history.ordinal 
_pdbx_audit_revision_history.data_content_type 
_pdbx_audit_revision_history.major_revision 
_pdbx_audit_revision_history.minor_revision 
_pdbx_audit_revision_history.revision_date 
1 'Structure model' 1 0 2005-03-08 
2 'Structure model' 1 1 2008-04-30 
3 'Structure model' 1 2 2011-07-13 
4 'Structure model' 1 3 2018-03-07 
5 'Structure model' 1 4 2023-08-23 
# 
_pdbx_audit_revision_details.ordinal             1 
_pdbx_audit_revision_details.revision_ordinal    1 
_pdbx_audit_revision_details.data_content_type   'Structure model' 
_pdbx_audit_revision_details.provider            repository 
_pdbx_audit_revision_details.type                'Initial release' 
_pdbx_audit_revision_details.description         ? 
_pdbx_audit_revision_details.details             ? 
# 
loop_
_pdbx_audit_revision_group.ordinal 
_pdbx_audit_revision_group.revision_ordinal 
_pdbx_audit_revision_group.data_content_type 
_pdbx_audit_revision_group.group 
1  2 'Structure model' 'Version format compliance' 
2  3 'Structure model' Advisory                    
3  3 'Structure model' 'Derived calculations'      
4  3 'Structure model' 'Source and taxonomy'       
5  3 'Structure model' 'Version format compliance' 
6  4 'Structure model' 'Data collection'           
7  5 'Structure model' 'Data collection'           
8  5 'Structure model' 'Database references'       
9  5 'Structure model' 'Derived calculations'      
10 5 'Structure model' 'Refinement description'    
# 
loop_
_pdbx_audit_revision_category.ordinal 
_pdbx_audit_revision_category.revision_ordinal 
_pdbx_audit_revision_category.data_content_type 
_pdbx_audit_revision_category.category 
1 4 'Structure model' diffrn_source                 
2 5 'Structure model' chem_comp_atom                
3 5 'Structure model' chem_comp_bond                
4 5 'Structure model' database_2                    
5 5 'Structure model' pdbx_initial_refinement_model 
6 5 'Structure model' pdbx_struct_conn_angle        
7 5 'Structure model' struct_conn                   
8 5 'Structure model' struct_ref_seq_dif            
9 5 'Structure model' struct_site                   
# 
loop_
_pdbx_audit_revision_item.ordinal 
_pdbx_audit_revision_item.revision_ordinal 
_pdbx_audit_revision_item.data_content_type 
_pdbx_audit_revision_item.item 
1  4 'Structure model' '_diffrn_source.pdbx_synchrotron_site'        
2  5 'Structure model' '_database_2.pdbx_DOI'                        
3  5 'Structure model' '_database_2.pdbx_database_accession'         
4  5 'Structure model' '_pdbx_struct_conn_angle.ptnr1_auth_comp_id'  
5  5 'Structure model' '_pdbx_struct_conn_angle.ptnr1_auth_seq_id'   
6  5 'Structure model' '_pdbx_struct_conn_angle.ptnr1_label_asym_id' 
7  5 'Structure model' '_pdbx_struct_conn_angle.ptnr1_label_atom_id' 
8  5 'Structure model' '_pdbx_struct_conn_angle.ptnr1_label_comp_id' 
9  5 'Structure model' '_pdbx_struct_conn_angle.ptnr1_label_seq_id'  
10 5 'Structure model' '_pdbx_struct_conn_angle.ptnr3_auth_comp_id'  
11 5 'Structure model' '_pdbx_struct_conn_angle.ptnr3_auth_seq_id'   
12 5 'Structure model' '_pdbx_struct_conn_angle.ptnr3_label_asym_id' 
13 5 'Structure model' '_pdbx_struct_conn_angle.ptnr3_label_atom_id' 
14 5 'Structure model' '_pdbx_struct_conn_angle.ptnr3_label_comp_id' 
15 5 'Structure model' '_pdbx_struct_conn_angle.ptnr3_label_seq_id'  
16 5 'Structure model' '_pdbx_struct_conn_angle.value'               
17 5 'Structure model' '_struct_conn.pdbx_dist_value'                
18 5 'Structure model' '_struct_conn.ptnr1_auth_comp_id'             
19 5 'Structure model' '_struct_conn.ptnr1_auth_seq_id'              
20 5 'Structure model' '_struct_conn.ptnr1_label_asym_id'            
21 5 'Structure model' '_struct_conn.ptnr1_label_atom_id'            
22 5 'Structure model' '_struct_conn.ptnr1_label_comp_id'            
23 5 'Structure model' '_struct_conn.ptnr1_label_seq_id'             
24 5 'Structure model' '_struct_conn.ptnr2_auth_comp_id'             
25 5 'Structure model' '_struct_conn.ptnr2_auth_seq_id'              
26 5 'Structure model' '_struct_conn.ptnr2_label_asym_id'            
27 5 'Structure model' '_struct_conn.ptnr2_label_atom_id'            
28 5 'Structure model' '_struct_conn.ptnr2_label_comp_id'            
29 5 'Structure model' '_struct_conn.ptnr2_label_seq_id'             
30 5 'Structure model' '_struct_ref_seq_dif.details'                 
31 5 'Structure model' '_struct_site.pdbx_auth_asym_id'              
32 5 'Structure model' '_struct_site.pdbx_auth_comp_id'              
33 5 'Structure model' '_struct_site.pdbx_auth_seq_id'               
# 
_pdbx_refine_tls.id               1 
_pdbx_refine_tls.details          ? 
_pdbx_refine_tls.method           refined 
_pdbx_refine_tls.origin_x         -0.2055 
_pdbx_refine_tls.origin_y         0.0441 
_pdbx_refine_tls.origin_z         0.1374 
_pdbx_refine_tls.T[1][1]          0.0408 
_pdbx_refine_tls.T[2][2]          0.0202 
_pdbx_refine_tls.T[3][3]          0.0192 
_pdbx_refine_tls.T[1][2]          0.0098 
_pdbx_refine_tls.T[1][3]          0.0002 
_pdbx_refine_tls.T[2][3]          -0.0088 
_pdbx_refine_tls.L[1][1]          0.5409 
_pdbx_refine_tls.L[2][2]          0.4935 
_pdbx_refine_tls.L[3][3]          1.2317 
_pdbx_refine_tls.L[1][2]          0.0022 
_pdbx_refine_tls.L[1][3]          0.1729 
_pdbx_refine_tls.L[2][3]          0.1894 
_pdbx_refine_tls.S[1][1]          -0.0430 
_pdbx_refine_tls.S[1][2]          -0.0400 
_pdbx_refine_tls.S[1][3]          0.0621 
_pdbx_refine_tls.S[2][1]          0.0655 
_pdbx_refine_tls.S[2][2]          0.0676 
_pdbx_refine_tls.S[2][3]          -0.0246 
_pdbx_refine_tls.S[3][1]          0.0081 
_pdbx_refine_tls.S[3][2]          -0.0507 
_pdbx_refine_tls.S[3][3]          -0.0245 
_pdbx_refine_tls.pdbx_refine_id   'X-RAY DIFFRACTION' 
# 
_pdbx_refine_tls_group.id                  1 
_pdbx_refine_tls_group.refine_tls_id       1 
_pdbx_refine_tls_group.beg_label_asym_id   A 
_pdbx_refine_tls_group.beg_label_seq_id    12 
_pdbx_refine_tls_group.beg_auth_seq_id     4 
_pdbx_refine_tls_group.end_label_asym_id   A 
_pdbx_refine_tls_group.end_label_seq_id    214 
_pdbx_refine_tls_group.end_auth_seq_id     206 
_pdbx_refine_tls_group.selection           ? 
_pdbx_refine_tls_group.beg_auth_asym_id    A 
_pdbx_refine_tls_group.end_auth_asym_id    A 
_pdbx_refine_tls_group.pdbx_refine_id      'X-RAY DIFFRACTION' 
_pdbx_refine_tls_group.selection_details   ? 
# 
loop_
_software.name 
_software.classification 
_software.version 
_software.citation_id 
_software.pdbx_ordinal 
REFMAC    refinement       5.1.24 ? 1 
DENZO     'data reduction' .      ? 2 
SCALEPACK 'data scaling'   .      ? 3 
CNS       phasing          .      ? 4 
# 
_pdbx_validate_close_contact.id               1 
_pdbx_validate_close_contact.PDB_model_num    1 
_pdbx_validate_close_contact.auth_atom_id_1   OE1 
_pdbx_validate_close_contact.auth_asym_id_1   A 
_pdbx_validate_close_contact.auth_comp_id_1   GLU 
_pdbx_validate_close_contact.auth_seq_id_1    173 
_pdbx_validate_close_contact.PDB_ins_code_1   ? 
_pdbx_validate_close_contact.label_alt_id_1   ? 
_pdbx_validate_close_contact.auth_atom_id_2   O 
_pdbx_validate_close_contact.auth_asym_id_2   A 
_pdbx_validate_close_contact.auth_comp_id_2   HOH 
_pdbx_validate_close_contact.auth_seq_id_2    399 
_pdbx_validate_close_contact.PDB_ins_code_2   ? 
_pdbx_validate_close_contact.label_alt_id_2   ? 
_pdbx_validate_close_contact.dist             2.06 
# 
loop_
_pdbx_validate_symm_contact.id 
_pdbx_validate_symm_contact.PDB_model_num 
_pdbx_validate_symm_contact.auth_atom_id_1 
_pdbx_validate_symm_contact.auth_asym_id_1 
_pdbx_validate_symm_contact.auth_comp_id_1 
_pdbx_validate_symm_contact.auth_seq_id_1 
_pdbx_validate_symm_contact.PDB_ins_code_1 
_pdbx_validate_symm_contact.label_alt_id_1 
_pdbx_validate_symm_contact.site_symmetry_1 
_pdbx_validate_symm_contact.auth_atom_id_2 
_pdbx_validate_symm_contact.auth_asym_id_2 
_pdbx_validate_symm_contact.auth_comp_id_2 
_pdbx_validate_symm_contact.auth_seq_id_2 
_pdbx_validate_symm_contact.PDB_ins_code_2 
_pdbx_validate_symm_contact.label_alt_id_2 
_pdbx_validate_symm_contact.site_symmetry_2 
_pdbx_validate_symm_contact.dist 
1 1 OD1 A ASP 80 ? ? 1_555 OD2 A ASP 80 ? ? 8_665 1.49 
2 1 CG  A ASP 80 ? ? 1_555 OD1 A ASP 80 ? ? 8_665 2.01 
# 
_pdbx_validate_torsion.id              1 
_pdbx_validate_torsion.PDB_model_num   1 
_pdbx_validate_torsion.auth_comp_id    SER 
_pdbx_validate_torsion.auth_asym_id    A 
_pdbx_validate_torsion.auth_seq_id     147 
_pdbx_validate_torsion.PDB_ins_code    ? 
_pdbx_validate_torsion.label_alt_id    ? 
_pdbx_validate_torsion.phi             -143.79 
_pdbx_validate_torsion.psi             -8.26 
# 
loop_
_pdbx_unobs_or_zero_occ_residues.id 
_pdbx_unobs_or_zero_occ_residues.PDB_model_num 
_pdbx_unobs_or_zero_occ_residues.polymer_flag 
_pdbx_unobs_or_zero_occ_residues.occupancy_flag 
_pdbx_unobs_or_zero_occ_residues.auth_asym_id 
_pdbx_unobs_or_zero_occ_residues.auth_comp_id 
_pdbx_unobs_or_zero_occ_residues.auth_seq_id 
_pdbx_unobs_or_zero_occ_residues.PDB_ins_code 
_pdbx_unobs_or_zero_occ_residues.label_asym_id 
_pdbx_unobs_or_zero_occ_residues.label_comp_id 
_pdbx_unobs_or_zero_occ_residues.label_seq_id 
1  1 Y 1 A MET -7  ? A MET 1   
2  1 Y 1 A ALA -6  ? A ALA 2   
3  1 Y 1 A HIS -5  ? A HIS 3   
4  1 Y 1 A HIS -4  ? A HIS 4   
5  1 Y 1 A HIS -3  ? A HIS 5   
6  1 Y 1 A HIS -2  ? A HIS 6   
7  1 Y 1 A HIS -1  ? A HIS 7   
8  1 Y 1 A HIS 0   ? A HIS 8   
9  1 Y 1 A GLY 1   ? A GLY 9   
10 1 Y 1 A PRO 2   ? A PRO 10  
11 1 Y 1 A ASN 3   ? A ASN 11  
12 1 Y 1 A VAL 32  ? A VAL 40  
13 1 Y 1 A ASP 33  ? A ASP 41  
14 1 Y 1 A HIS 34  ? A HIS 42  
15 1 Y 1 A ARG 35  ? A ARG 43  
16 1 Y 1 A ALA 36  ? A ALA 44  
17 1 Y 1 A GLY 37  ? A GLY 45  
18 1 Y 1 A LEU 38  ? A LEU 46  
19 1 Y 1 A ALA 39  ? A ALA 47  
20 1 Y 1 A ALA 40  ? A ALA 48  
21 1 Y 1 A GLY 41  ? A GLY 49  
22 1 Y 1 A VAL 207 ? A VAL 215 
# 
loop_
_chem_comp_atom.comp_id 
_chem_comp_atom.atom_id 
_chem_comp_atom.type_symbol 
_chem_comp_atom.pdbx_aromatic_flag 
_chem_comp_atom.pdbx_stereo_config 
_chem_comp_atom.pdbx_ordinal 
ALA N    N  N N 1   
ALA CA   C  N S 2   
ALA C    C  N N 3   
ALA O    O  N N 4   
ALA CB   C  N N 5   
ALA OXT  O  N N 6   
ALA H    H  N N 7   
ALA H2   H  N N 8   
ALA HA   H  N N 9   
ALA HB1  H  N N 10  
ALA HB2  H  N N 11  
ALA HB3  H  N N 12  
ALA HXT  H  N N 13  
ARG N    N  N N 14  
ARG CA   C  N S 15  
ARG C    C  N N 16  
ARG O    O  N N 17  
ARG CB   C  N N 18  
ARG CG   C  N N 19  
ARG CD   C  N N 20  
ARG NE   N  N N 21  
ARG CZ   C  N N 22  
ARG NH1  N  N N 23  
ARG NH2  N  N N 24  
ARG OXT  O  N N 25  
ARG H    H  N N 26  
ARG H2   H  N N 27  
ARG HA   H  N N 28  
ARG HB2  H  N N 29  
ARG HB3  H  N N 30  
ARG HG2  H  N N 31  
ARG HG3  H  N N 32  
ARG HD2  H  N N 33  
ARG HD3  H  N N 34  
ARG HE   H  N N 35  
ARG HH11 H  N N 36  
ARG HH12 H  N N 37  
ARG HH21 H  N N 38  
ARG HH22 H  N N 39  
ARG HXT  H  N N 40  
ASN N    N  N N 41  
ASN CA   C  N S 42  
ASN C    C  N N 43  
ASN O    O  N N 44  
ASN CB   C  N N 45  
ASN CG   C  N N 46  
ASN OD1  O  N N 47  
ASN ND2  N  N N 48  
ASN OXT  O  N N 49  
ASN H    H  N N 50  
ASN H2   H  N N 51  
ASN HA   H  N N 52  
ASN HB2  H  N N 53  
ASN HB3  H  N N 54  
ASN HD21 H  N N 55  
ASN HD22 H  N N 56  
ASN HXT  H  N N 57  
ASP N    N  N N 58  
ASP CA   C  N S 59  
ASP C    C  N N 60  
ASP O    O  N N 61  
ASP CB   C  N N 62  
ASP CG   C  N N 63  
ASP OD1  O  N N 64  
ASP OD2  O  N N 65  
ASP OXT  O  N N 66  
ASP H    H  N N 67  
ASP H2   H  N N 68  
ASP HA   H  N N 69  
ASP HB2  H  N N 70  
ASP HB3  H  N N 71  
ASP HD2  H  N N 72  
ASP HXT  H  N N 73  
CYS N    N  N N 74  
CYS CA   C  N R 75  
CYS C    C  N N 76  
CYS O    O  N N 77  
CYS CB   C  N N 78  
CYS SG   S  N N 79  
CYS OXT  O  N N 80  
CYS H    H  N N 81  
CYS H2   H  N N 82  
CYS HA   H  N N 83  
CYS HB2  H  N N 84  
CYS HB3  H  N N 85  
CYS HG   H  N N 86  
CYS HXT  H  N N 87  
GLN N    N  N N 88  
GLN CA   C  N S 89  
GLN C    C  N N 90  
GLN O    O  N N 91  
GLN CB   C  N N 92  
GLN CG   C  N N 93  
GLN CD   C  N N 94  
GLN OE1  O  N N 95  
GLN NE2  N  N N 96  
GLN OXT  O  N N 97  
GLN H    H  N N 98  
GLN H2   H  N N 99  
GLN HA   H  N N 100 
GLN HB2  H  N N 101 
GLN HB3  H  N N 102 
GLN HG2  H  N N 103 
GLN HG3  H  N N 104 
GLN HE21 H  N N 105 
GLN HE22 H  N N 106 
GLN HXT  H  N N 107 
GLU N    N  N N 108 
GLU CA   C  N S 109 
GLU C    C  N N 110 
GLU O    O  N N 111 
GLU CB   C  N N 112 
GLU CG   C  N N 113 
GLU CD   C  N N 114 
GLU OE1  O  N N 115 
GLU OE2  O  N N 116 
GLU OXT  O  N N 117 
GLU H    H  N N 118 
GLU H2   H  N N 119 
GLU HA   H  N N 120 
GLU HB2  H  N N 121 
GLU HB3  H  N N 122 
GLU HG2  H  N N 123 
GLU HG3  H  N N 124 
GLU HE2  H  N N 125 
GLU HXT  H  N N 126 
GLY N    N  N N 127 
GLY CA   C  N N 128 
GLY C    C  N N 129 
GLY O    O  N N 130 
GLY OXT  O  N N 131 
GLY H    H  N N 132 
GLY H2   H  N N 133 
GLY HA2  H  N N 134 
GLY HA3  H  N N 135 
GLY HXT  H  N N 136 
HIS N    N  N N 137 
HIS CA   C  N S 138 
HIS C    C  N N 139 
HIS O    O  N N 140 
HIS CB   C  N N 141 
HIS CG   C  Y N 142 
HIS ND1  N  Y N 143 
HIS CD2  C  Y N 144 
HIS CE1  C  Y N 145 
HIS NE2  N  Y N 146 
HIS OXT  O  N N 147 
HIS H    H  N N 148 
HIS H2   H  N N 149 
HIS HA   H  N N 150 
HIS HB2  H  N N 151 
HIS HB3  H  N N 152 
HIS HD1  H  N N 153 
HIS HD2  H  N N 154 
HIS HE1  H  N N 155 
HIS HE2  H  N N 156 
HIS HXT  H  N N 157 
HOH O    O  N N 158 
HOH H1   H  N N 159 
HOH H2   H  N N 160 
ILE N    N  N N 161 
ILE CA   C  N S 162 
ILE C    C  N N 163 
ILE O    O  N N 164 
ILE CB   C  N S 165 
ILE CG1  C  N N 166 
ILE CG2  C  N N 167 
ILE CD1  C  N N 168 
ILE OXT  O  N N 169 
ILE H    H  N N 170 
ILE H2   H  N N 171 
ILE HA   H  N N 172 
ILE HB   H  N N 173 
ILE HG12 H  N N 174 
ILE HG13 H  N N 175 
ILE HG21 H  N N 176 
ILE HG22 H  N N 177 
ILE HG23 H  N N 178 
ILE HD11 H  N N 179 
ILE HD12 H  N N 180 
ILE HD13 H  N N 181 
ILE HXT  H  N N 182 
LEU N    N  N N 183 
LEU CA   C  N S 184 
LEU C    C  N N 185 
LEU O    O  N N 186 
LEU CB   C  N N 187 
LEU CG   C  N N 188 
LEU CD1  C  N N 189 
LEU CD2  C  N N 190 
LEU OXT  O  N N 191 
LEU H    H  N N 192 
LEU H2   H  N N 193 
LEU HA   H  N N 194 
LEU HB2  H  N N 195 
LEU HB3  H  N N 196 
LEU HG   H  N N 197 
LEU HD11 H  N N 198 
LEU HD12 H  N N 199 
LEU HD13 H  N N 200 
LEU HD21 H  N N 201 
LEU HD22 H  N N 202 
LEU HD23 H  N N 203 
LEU HXT  H  N N 204 
LYS N    N  N N 205 
LYS CA   C  N S 206 
LYS C    C  N N 207 
LYS O    O  N N 208 
LYS CB   C  N N 209 
LYS CG   C  N N 210 
LYS CD   C  N N 211 
LYS CE   C  N N 212 
LYS NZ   N  N N 213 
LYS OXT  O  N N 214 
LYS H    H  N N 215 
LYS H2   H  N N 216 
LYS HA   H  N N 217 
LYS HB2  H  N N 218 
LYS HB3  H  N N 219 
LYS HG2  H  N N 220 
LYS HG3  H  N N 221 
LYS HD2  H  N N 222 
LYS HD3  H  N N 223 
LYS HE2  H  N N 224 
LYS HE3  H  N N 225 
LYS HZ1  H  N N 226 
LYS HZ2  H  N N 227 
LYS HZ3  H  N N 228 
LYS HXT  H  N N 229 
MET N    N  N N 230 
MET CA   C  N S 231 
MET C    C  N N 232 
MET O    O  N N 233 
MET CB   C  N N 234 
MET CG   C  N N 235 
MET SD   S  N N 236 
MET CE   C  N N 237 
MET OXT  O  N N 238 
MET H    H  N N 239 
MET H2   H  N N 240 
MET HA   H  N N 241 
MET HB2  H  N N 242 
MET HB3  H  N N 243 
MET HG2  H  N N 244 
MET HG3  H  N N 245 
MET HE1  H  N N 246 
MET HE2  H  N N 247 
MET HE3  H  N N 248 
MET HXT  H  N N 249 
MG  MG   MG N N 250 
PHE N    N  N N 251 
PHE CA   C  N S 252 
PHE C    C  N N 253 
PHE O    O  N N 254 
PHE CB   C  N N 255 
PHE CG   C  Y N 256 
PHE CD1  C  Y N 257 
PHE CD2  C  Y N 258 
PHE CE1  C  Y N 259 
PHE CE2  C  Y N 260 
PHE CZ   C  Y N 261 
PHE OXT  O  N N 262 
PHE H    H  N N 263 
PHE H2   H  N N 264 
PHE HA   H  N N 265 
PHE HB2  H  N N 266 
PHE HB3  H  N N 267 
PHE HD1  H  N N 268 
PHE HD2  H  N N 269 
PHE HE1  H  N N 270 
PHE HE2  H  N N 271 
PHE HZ   H  N N 272 
PHE HXT  H  N N 273 
PRO N    N  N N 274 
PRO CA   C  N S 275 
PRO C    C  N N 276 
PRO O    O  N N 277 
PRO CB   C  N N 278 
PRO CG   C  N N 279 
PRO CD   C  N N 280 
PRO OXT  O  N N 281 
PRO H    H  N N 282 
PRO HA   H  N N 283 
PRO HB2  H  N N 284 
PRO HB3  H  N N 285 
PRO HG2  H  N N 286 
PRO HG3  H  N N 287 
PRO HD2  H  N N 288 
PRO HD3  H  N N 289 
PRO HXT  H  N N 290 
SER N    N  N N 291 
SER CA   C  N S 292 
SER C    C  N N 293 
SER O    O  N N 294 
SER CB   C  N N 295 
SER OG   O  N N 296 
SER OXT  O  N N 297 
SER H    H  N N 298 
SER H2   H  N N 299 
SER HA   H  N N 300 
SER HB2  H  N N 301 
SER HB3  H  N N 302 
SER HG   H  N N 303 
SER HXT  H  N N 304 
THR N    N  N N 305 
THR CA   C  N S 306 
THR C    C  N N 307 
THR O    O  N N 308 
THR CB   C  N R 309 
THR OG1  O  N N 310 
THR CG2  C  N N 311 
THR OXT  O  N N 312 
THR H    H  N N 313 
THR H2   H  N N 314 
THR HA   H  N N 315 
THR HB   H  N N 316 
THR HG1  H  N N 317 
THR HG21 H  N N 318 
THR HG22 H  N N 319 
THR HG23 H  N N 320 
THR HXT  H  N N 321 
TRP N    N  N N 322 
TRP CA   C  N S 323 
TRP C    C  N N 324 
TRP O    O  N N 325 
TRP CB   C  N N 326 
TRP CG   C  Y N 327 
TRP CD1  C  Y N 328 
TRP CD2  C  Y N 329 
TRP NE1  N  Y N 330 
TRP CE2  C  Y N 331 
TRP CE3  C  Y N 332 
TRP CZ2  C  Y N 333 
TRP CZ3  C  Y N 334 
TRP CH2  C  Y N 335 
TRP OXT  O  N N 336 
TRP H    H  N N 337 
TRP H2   H  N N 338 
TRP HA   H  N N 339 
TRP HB2  H  N N 340 
TRP HB3  H  N N 341 
TRP HD1  H  N N 342 
TRP HE1  H  N N 343 
TRP HE3  H  N N 344 
TRP HZ2  H  N N 345 
TRP HZ3  H  N N 346 
TRP HH2  H  N N 347 
TRP HXT  H  N N 348 
TYR N    N  N N 349 
TYR CA   C  N S 350 
TYR C    C  N N 351 
TYR O    O  N N 352 
TYR CB   C  N N 353 
TYR CG   C  Y N 354 
TYR CD1  C  Y N 355 
TYR CD2  C  Y N 356 
TYR CE1  C  Y N 357 
TYR CE2  C  Y N 358 
TYR CZ   C  Y N 359 
TYR OH   O  N N 360 
TYR OXT  O  N N 361 
TYR H    H  N N 362 
TYR H2   H  N N 363 
TYR HA   H  N N 364 
TYR HB2  H  N N 365 
TYR HB3  H  N N 366 
TYR HD1  H  N N 367 
TYR HD2  H  N N 368 
TYR HE1  H  N N 369 
TYR HE2  H  N N 370 
TYR HH   H  N N 371 
TYR HXT  H  N N 372 
VAL N    N  N N 373 
VAL CA   C  N S 374 
VAL C    C  N N 375 
VAL O    O  N N 376 
VAL CB   C  N N 377 
VAL CG1  C  N N 378 
VAL CG2  C  N N 379 
VAL OXT  O  N N 380 
VAL H    H  N N 381 
VAL H2   H  N N 382 
VAL HA   H  N N 383 
VAL HB   H  N N 384 
VAL HG11 H  N N 385 
VAL HG12 H  N N 386 
VAL HG13 H  N N 387 
VAL HG21 H  N N 388 
VAL HG22 H  N N 389 
VAL HG23 H  N N 390 
VAL HXT  H  N N 391 
ZN  ZN   ZN N N 392 
# 
loop_
_chem_comp_bond.comp_id 
_chem_comp_bond.atom_id_1 
_chem_comp_bond.atom_id_2 
_chem_comp_bond.value_order 
_chem_comp_bond.pdbx_aromatic_flag 
_chem_comp_bond.pdbx_stereo_config 
_chem_comp_bond.pdbx_ordinal 
ALA N   CA   sing N N 1   
ALA N   H    sing N N 2   
ALA N   H2   sing N N 3   
ALA CA  C    sing N N 4   
ALA CA  CB   sing N N 5   
ALA CA  HA   sing N N 6   
ALA C   O    doub N N 7   
ALA C   OXT  sing N N 8   
ALA CB  HB1  sing N N 9   
ALA CB  HB2  sing N N 10  
ALA CB  HB3  sing N N 11  
ALA OXT HXT  sing N N 12  
ARG N   CA   sing N N 13  
ARG N   H    sing N N 14  
ARG N   H2   sing N N 15  
ARG CA  C    sing N N 16  
ARG CA  CB   sing N N 17  
ARG CA  HA   sing N N 18  
ARG C   O    doub N N 19  
ARG C   OXT  sing N N 20  
ARG CB  CG   sing N N 21  
ARG CB  HB2  sing N N 22  
ARG CB  HB3  sing N N 23  
ARG CG  CD   sing N N 24  
ARG CG  HG2  sing N N 25  
ARG CG  HG3  sing N N 26  
ARG CD  NE   sing N N 27  
ARG CD  HD2  sing N N 28  
ARG CD  HD3  sing N N 29  
ARG NE  CZ   sing N N 30  
ARG NE  HE   sing N N 31  
ARG CZ  NH1  sing N N 32  
ARG CZ  NH2  doub N N 33  
ARG NH1 HH11 sing N N 34  
ARG NH1 HH12 sing N N 35  
ARG NH2 HH21 sing N N 36  
ARG NH2 HH22 sing N N 37  
ARG OXT HXT  sing N N 38  
ASN N   CA   sing N N 39  
ASN N   H    sing N N 40  
ASN N   H2   sing N N 41  
ASN CA  C    sing N N 42  
ASN CA  CB   sing N N 43  
ASN CA  HA   sing N N 44  
ASN C   O    doub N N 45  
ASN C   OXT  sing N N 46  
ASN CB  CG   sing N N 47  
ASN CB  HB2  sing N N 48  
ASN CB  HB3  sing N N 49  
ASN CG  OD1  doub N N 50  
ASN CG  ND2  sing N N 51  
ASN ND2 HD21 sing N N 52  
ASN ND2 HD22 sing N N 53  
ASN OXT HXT  sing N N 54  
ASP N   CA   sing N N 55  
ASP N   H    sing N N 56  
ASP N   H2   sing N N 57  
ASP CA  C    sing N N 58  
ASP CA  CB   sing N N 59  
ASP CA  HA   sing N N 60  
ASP C   O    doub N N 61  
ASP C   OXT  sing N N 62  
ASP CB  CG   sing N N 63  
ASP CB  HB2  sing N N 64  
ASP CB  HB3  sing N N 65  
ASP CG  OD1  doub N N 66  
ASP CG  OD2  sing N N 67  
ASP OD2 HD2  sing N N 68  
ASP OXT HXT  sing N N 69  
CYS N   CA   sing N N 70  
CYS N   H    sing N N 71  
CYS N   H2   sing N N 72  
CYS CA  C    sing N N 73  
CYS CA  CB   sing N N 74  
CYS CA  HA   sing N N 75  
CYS C   O    doub N N 76  
CYS C   OXT  sing N N 77  
CYS CB  SG   sing N N 78  
CYS CB  HB2  sing N N 79  
CYS CB  HB3  sing N N 80  
CYS SG  HG   sing N N 81  
CYS OXT HXT  sing N N 82  
GLN N   CA   sing N N 83  
GLN N   H    sing N N 84  
GLN N   H2   sing N N 85  
GLN CA  C    sing N N 86  
GLN CA  CB   sing N N 87  
GLN CA  HA   sing N N 88  
GLN C   O    doub N N 89  
GLN C   OXT  sing N N 90  
GLN CB  CG   sing N N 91  
GLN CB  HB2  sing N N 92  
GLN CB  HB3  sing N N 93  
GLN CG  CD   sing N N 94  
GLN CG  HG2  sing N N 95  
GLN CG  HG3  sing N N 96  
GLN CD  OE1  doub N N 97  
GLN CD  NE2  sing N N 98  
GLN NE2 HE21 sing N N 99  
GLN NE2 HE22 sing N N 100 
GLN OXT HXT  sing N N 101 
GLU N   CA   sing N N 102 
GLU N   H    sing N N 103 
GLU N   H2   sing N N 104 
GLU CA  C    sing N N 105 
GLU CA  CB   sing N N 106 
GLU CA  HA   sing N N 107 
GLU C   O    doub N N 108 
GLU C   OXT  sing N N 109 
GLU CB  CG   sing N N 110 
GLU CB  HB2  sing N N 111 
GLU CB  HB3  sing N N 112 
GLU CG  CD   sing N N 113 
GLU CG  HG2  sing N N 114 
GLU CG  HG3  sing N N 115 
GLU CD  OE1  doub N N 116 
GLU CD  OE2  sing N N 117 
GLU OE2 HE2  sing N N 118 
GLU OXT HXT  sing N N 119 
GLY N   CA   sing N N 120 
GLY N   H    sing N N 121 
GLY N   H2   sing N N 122 
GLY CA  C    sing N N 123 
GLY CA  HA2  sing N N 124 
GLY CA  HA3  sing N N 125 
GLY C   O    doub N N 126 
GLY C   OXT  sing N N 127 
GLY OXT HXT  sing N N 128 
HIS N   CA   sing N N 129 
HIS N   H    sing N N 130 
HIS N   H2   sing N N 131 
HIS CA  C    sing N N 132 
HIS CA  CB   sing N N 133 
HIS CA  HA   sing N N 134 
HIS C   O    doub N N 135 
HIS C   OXT  sing N N 136 
HIS CB  CG   sing N N 137 
HIS CB  HB2  sing N N 138 
HIS CB  HB3  sing N N 139 
HIS CG  ND1  sing Y N 140 
HIS CG  CD2  doub Y N 141 
HIS ND1 CE1  doub Y N 142 
HIS ND1 HD1  sing N N 143 
HIS CD2 NE2  sing Y N 144 
HIS CD2 HD2  sing N N 145 
HIS CE1 NE2  sing Y N 146 
HIS CE1 HE1  sing N N 147 
HIS NE2 HE2  sing N N 148 
HIS OXT HXT  sing N N 149 
HOH O   H1   sing N N 150 
HOH O   H2   sing N N 151 
ILE N   CA   sing N N 152 
ILE N   H    sing N N 153 
ILE N   H2   sing N N 154 
ILE CA  C    sing N N 155 
ILE CA  CB   sing N N 156 
ILE CA  HA   sing N N 157 
ILE C   O    doub N N 158 
ILE C   OXT  sing N N 159 
ILE CB  CG1  sing N N 160 
ILE CB  CG2  sing N N 161 
ILE CB  HB   sing N N 162 
ILE CG1 CD1  sing N N 163 
ILE CG1 HG12 sing N N 164 
ILE CG1 HG13 sing N N 165 
ILE CG2 HG21 sing N N 166 
ILE CG2 HG22 sing N N 167 
ILE CG2 HG23 sing N N 168 
ILE CD1 HD11 sing N N 169 
ILE CD1 HD12 sing N N 170 
ILE CD1 HD13 sing N N 171 
ILE OXT HXT  sing N N 172 
LEU N   CA   sing N N 173 
LEU N   H    sing N N 174 
LEU N   H2   sing N N 175 
LEU CA  C    sing N N 176 
LEU CA  CB   sing N N 177 
LEU CA  HA   sing N N 178 
LEU C   O    doub N N 179 
LEU C   OXT  sing N N 180 
LEU CB  CG   sing N N 181 
LEU CB  HB2  sing N N 182 
LEU CB  HB3  sing N N 183 
LEU CG  CD1  sing N N 184 
LEU CG  CD2  sing N N 185 
LEU CG  HG   sing N N 186 
LEU CD1 HD11 sing N N 187 
LEU CD1 HD12 sing N N 188 
LEU CD1 HD13 sing N N 189 
LEU CD2 HD21 sing N N 190 
LEU CD2 HD22 sing N N 191 
LEU CD2 HD23 sing N N 192 
LEU OXT HXT  sing N N 193 
LYS N   CA   sing N N 194 
LYS N   H    sing N N 195 
LYS N   H2   sing N N 196 
LYS CA  C    sing N N 197 
LYS CA  CB   sing N N 198 
LYS CA  HA   sing N N 199 
LYS C   O    doub N N 200 
LYS C   OXT  sing N N 201 
LYS CB  CG   sing N N 202 
LYS CB  HB2  sing N N 203 
LYS CB  HB3  sing N N 204 
LYS CG  CD   sing N N 205 
LYS CG  HG2  sing N N 206 
LYS CG  HG3  sing N N 207 
LYS CD  CE   sing N N 208 
LYS CD  HD2  sing N N 209 
LYS CD  HD3  sing N N 210 
LYS CE  NZ   sing N N 211 
LYS CE  HE2  sing N N 212 
LYS CE  HE3  sing N N 213 
LYS NZ  HZ1  sing N N 214 
LYS NZ  HZ2  sing N N 215 
LYS NZ  HZ3  sing N N 216 
LYS OXT HXT  sing N N 217 
MET N   CA   sing N N 218 
MET N   H    sing N N 219 
MET N   H2   sing N N 220 
MET CA  C    sing N N 221 
MET CA  CB   sing N N 222 
MET CA  HA   sing N N 223 
MET C   O    doub N N 224 
MET C   OXT  sing N N 225 
MET CB  CG   sing N N 226 
MET CB  HB2  sing N N 227 
MET CB  HB3  sing N N 228 
MET CG  SD   sing N N 229 
MET CG  HG2  sing N N 230 
MET CG  HG3  sing N N 231 
MET SD  CE   sing N N 232 
MET CE  HE1  sing N N 233 
MET CE  HE2  sing N N 234 
MET CE  HE3  sing N N 235 
MET OXT HXT  sing N N 236 
PHE N   CA   sing N N 237 
PHE N   H    sing N N 238 
PHE N   H2   sing N N 239 
PHE CA  C    sing N N 240 
PHE CA  CB   sing N N 241 
PHE CA  HA   sing N N 242 
PHE C   O    doub N N 243 
PHE C   OXT  sing N N 244 
PHE CB  CG   sing N N 245 
PHE CB  HB2  sing N N 246 
PHE CB  HB3  sing N N 247 
PHE CG  CD1  doub Y N 248 
PHE CG  CD2  sing Y N 249 
PHE CD1 CE1  sing Y N 250 
PHE CD1 HD1  sing N N 251 
PHE CD2 CE2  doub Y N 252 
PHE CD2 HD2  sing N N 253 
PHE CE1 CZ   doub Y N 254 
PHE CE1 HE1  sing N N 255 
PHE CE2 CZ   sing Y N 256 
PHE CE2 HE2  sing N N 257 
PHE CZ  HZ   sing N N 258 
PHE OXT HXT  sing N N 259 
PRO N   CA   sing N N 260 
PRO N   CD   sing N N 261 
PRO N   H    sing N N 262 
PRO CA  C    sing N N 263 
PRO CA  CB   sing N N 264 
PRO CA  HA   sing N N 265 
PRO C   O    doub N N 266 
PRO C   OXT  sing N N 267 
PRO CB  CG   sing N N 268 
PRO CB  HB2  sing N N 269 
PRO CB  HB3  sing N N 270 
PRO CG  CD   sing N N 271 
PRO CG  HG2  sing N N 272 
PRO CG  HG3  sing N N 273 
PRO CD  HD2  sing N N 274 
PRO CD  HD3  sing N N 275 
PRO OXT HXT  sing N N 276 
SER N   CA   sing N N 277 
SER N   H    sing N N 278 
SER N   H2   sing N N 279 
SER CA  C    sing N N 280 
SER CA  CB   sing N N 281 
SER CA  HA   sing N N 282 
SER C   O    doub N N 283 
SER C   OXT  sing N N 284 
SER CB  OG   sing N N 285 
SER CB  HB2  sing N N 286 
SER CB  HB3  sing N N 287 
SER OG  HG   sing N N 288 
SER OXT HXT  sing N N 289 
THR N   CA   sing N N 290 
THR N   H    sing N N 291 
THR N   H2   sing N N 292 
THR CA  C    sing N N 293 
THR CA  CB   sing N N 294 
THR CA  HA   sing N N 295 
THR C   O    doub N N 296 
THR C   OXT  sing N N 297 
THR CB  OG1  sing N N 298 
THR CB  CG2  sing N N 299 
THR CB  HB   sing N N 300 
THR OG1 HG1  sing N N 301 
THR CG2 HG21 sing N N 302 
THR CG2 HG22 sing N N 303 
THR CG2 HG23 sing N N 304 
THR OXT HXT  sing N N 305 
TRP N   CA   sing N N 306 
TRP N   H    sing N N 307 
TRP N   H2   sing N N 308 
TRP CA  C    sing N N 309 
TRP CA  CB   sing N N 310 
TRP CA  HA   sing N N 311 
TRP C   O    doub N N 312 
TRP C   OXT  sing N N 313 
TRP CB  CG   sing N N 314 
TRP CB  HB2  sing N N 315 
TRP CB  HB3  sing N N 316 
TRP CG  CD1  doub Y N 317 
TRP CG  CD2  sing Y N 318 
TRP CD1 NE1  sing Y N 319 
TRP CD1 HD1  sing N N 320 
TRP CD2 CE2  doub Y N 321 
TRP CD2 CE3  sing Y N 322 
TRP NE1 CE2  sing Y N 323 
TRP NE1 HE1  sing N N 324 
TRP CE2 CZ2  sing Y N 325 
TRP CE3 CZ3  doub Y N 326 
TRP CE3 HE3  sing N N 327 
TRP CZ2 CH2  doub Y N 328 
TRP CZ2 HZ2  sing N N 329 
TRP CZ3 CH2  sing Y N 330 
TRP CZ3 HZ3  sing N N 331 
TRP CH2 HH2  sing N N 332 
TRP OXT HXT  sing N N 333 
TYR N   CA   sing N N 334 
TYR N   H    sing N N 335 
TYR N   H2   sing N N 336 
TYR CA  C    sing N N 337 
TYR CA  CB   sing N N 338 
TYR CA  HA   sing N N 339 
TYR C   O    doub N N 340 
TYR C   OXT  sing N N 341 
TYR CB  CG   sing N N 342 
TYR CB  HB2  sing N N 343 
TYR CB  HB3  sing N N 344 
TYR CG  CD1  doub Y N 345 
TYR CG  CD2  sing Y N 346 
TYR CD1 CE1  sing Y N 347 
TYR CD1 HD1  sing N N 348 
TYR CD2 CE2  doub Y N 349 
TYR CD2 HD2  sing N N 350 
TYR CE1 CZ   doub Y N 351 
TYR CE1 HE1  sing N N 352 
TYR CE2 CZ   sing Y N 353 
TYR CE2 HE2  sing N N 354 
TYR CZ  OH   sing N N 355 
TYR OH  HH   sing N N 356 
TYR OXT HXT  sing N N 357 
VAL N   CA   sing N N 358 
VAL N   H    sing N N 359 
VAL N   H2   sing N N 360 
VAL CA  C    sing N N 361 
VAL CA  CB   sing N N 362 
VAL CA  HA   sing N N 363 
VAL C   O    doub N N 364 
VAL C   OXT  sing N N 365 
VAL CB  CG1  sing N N 366 
VAL CB  CG2  sing N N 367 
VAL CB  HB   sing N N 368 
VAL CG1 HG11 sing N N 369 
VAL CG1 HG12 sing N N 370 
VAL CG1 HG13 sing N N 371 
VAL CG2 HG21 sing N N 372 
VAL CG2 HG22 sing N N 373 
VAL CG2 HG23 sing N N 374 
VAL OXT HXT  sing N N 375 
# 
loop_
_pdbx_entity_nonpoly.entity_id 
_pdbx_entity_nonpoly.name 
_pdbx_entity_nonpoly.comp_id 
2 'ZINC ION'      ZN  
3 'MAGNESIUM ION' MG  
4 water           HOH 
# 
loop_
_pdbx_initial_refinement_model.id 
_pdbx_initial_refinement_model.entity_id_list 
_pdbx_initial_refinement_model.type 
_pdbx_initial_refinement_model.source_name 
_pdbx_initial_refinement_model.accession_code 
_pdbx_initial_refinement_model.details 
1 ? 'experimental model' PDB 1I6O 'PDB entry 1I6O and 1DDZ' 
2 ? 'experimental model' PDB 1DDZ 'PDB entry 1I6O and 1DDZ' 
# 
